data_1ZHV
# 
_entry.id   1ZHV 
# 
_audit_conform.dict_name       mmcif_pdbx.dic 
_audit_conform.dict_version    5.387 
_audit_conform.dict_location   http://mmcif.pdb.org/dictionaries/ascii/mmcif_pdbx.dic 
# 
loop_
_database_2.database_id 
_database_2.database_code 
_database_2.pdbx_database_accession 
_database_2.pdbx_DOI 
PDB   1ZHV         pdb_00001zhv 10.2210/pdb1zhv/pdb 
RCSB  RCSB032741   ?            ?                   
WWPDB D_1000032741 ?            ?                   
# 
loop_
_pdbx_audit_revision_history.ordinal 
_pdbx_audit_revision_history.data_content_type 
_pdbx_audit_revision_history.major_revision 
_pdbx_audit_revision_history.minor_revision 
_pdbx_audit_revision_history.revision_date 
1 'Structure model' 1 0 2005-05-10 
2 'Structure model' 1 1 2008-04-30 
3 'Structure model' 1 2 2011-07-13 
4 'Structure model' 1 3 2018-01-24 
5 'Structure model' 1 4 2024-02-14 
# 
_pdbx_audit_revision_details.ordinal             1 
_pdbx_audit_revision_details.revision_ordinal    1 
_pdbx_audit_revision_details.data_content_type   'Structure model' 
_pdbx_audit_revision_details.provider            repository 
_pdbx_audit_revision_details.type                'Initial release' 
_pdbx_audit_revision_details.description         ? 
_pdbx_audit_revision_details.details             ? 
# 
loop_
_pdbx_audit_revision_group.ordinal 
_pdbx_audit_revision_group.revision_ordinal 
_pdbx_audit_revision_group.data_content_type 
_pdbx_audit_revision_group.group 
1 2 'Structure model' 'Version format compliance' 
2 3 'Structure model' 'Derived calculations'      
3 3 'Structure model' 'Version format compliance' 
4 4 'Structure model' 'Structure summary'         
5 5 'Structure model' 'Data collection'           
6 5 'Structure model' 'Database references'       
# 
loop_
_pdbx_audit_revision_category.ordinal 
_pdbx_audit_revision_category.revision_ordinal 
_pdbx_audit_revision_category.data_content_type 
_pdbx_audit_revision_category.category 
1 4 'Structure model' audit_author       
2 5 'Structure model' chem_comp_atom     
3 5 'Structure model' chem_comp_bond     
4 5 'Structure model' database_2         
5 5 'Structure model' struct_ref_seq_dif 
# 
loop_
_pdbx_audit_revision_item.ordinal 
_pdbx_audit_revision_item.revision_ordinal 
_pdbx_audit_revision_item.data_content_type 
_pdbx_audit_revision_item.item 
1 4 'Structure model' '_audit_author.name'                  
2 5 'Structure model' '_database_2.pdbx_DOI'                
3 5 'Structure model' '_database_2.pdbx_database_accession' 
4 5 'Structure model' '_struct_ref_seq_dif.details'         
# 
_pdbx_database_status.status_code                     REL 
_pdbx_database_status.entry_id                        1ZHV 
_pdbx_database_status.recvd_initial_deposition_date   2005-04-26 
_pdbx_database_status.deposit_site                    RCSB 
_pdbx_database_status.process_site                    RCSB 
_pdbx_database_status.status_code_sf                  REL 
_pdbx_database_status.status_code_mr                  ? 
_pdbx_database_status.SG_entry                        Y 
_pdbx_database_status.pdb_format_compatible           Y 
_pdbx_database_status.status_code_cs                  ? 
_pdbx_database_status.methods_development_category    ? 
_pdbx_database_status.status_code_nmr_data            ? 
# 
_pdbx_database_related.db_name        TargetDB 
_pdbx_database_related.db_id          atr8 
_pdbx_database_related.details        . 
_pdbx_database_related.content_type   unspecified 
# 
loop_
_audit_author.name 
_audit_author.pdbx_ordinal 
'Vorobiev, S.M.'                                  1  
'Kuzin, A.'                                       2  
'Abashidze, M.'                                   3  
'Forouhar, F.'                                    4  
'Xio, R.'                                         5  
'Ma, L.-C.'                                       6  
'Acton, T.'                                       7  
'Montelione, G.T.'                                8  
'Tong, L.'                                        9  
'Hunt, J.F.'                                      10 
'Northeast Structural Genomics Consortium (NESG)' 11 
# 
_citation.id                        primary 
_citation.title                     
;Crystal structure of hypothetical protein Atu071 from Agobacterium tumefaciens. Northeast Structural Genomics Consortium Target AtR8.
;
_citation.journal_abbrev            'To be Published' 
_citation.journal_volume            ? 
_citation.page_first                ? 
_citation.page_last                 ? 
_citation.year                      ? 
_citation.journal_id_ASTM           ? 
_citation.country                   ? 
_citation.journal_id_ISSN           ? 
_citation.journal_id_CSD            0353 
_citation.book_publisher            ? 
_citation.pdbx_database_id_PubMed   ? 
_citation.pdbx_database_id_DOI      ? 
# 
loop_
_citation_author.citation_id 
_citation_author.name 
_citation_author.ordinal 
_citation_author.identifier_ORCID 
primary 'Vorobiev, S.M.'   1  ? 
primary 'Kuzin, A.'        2  ? 
primary 'Abashidze, M.'    3  ? 
primary 'Forouhar, F.'     4  ? 
primary 'Xio, R.'          5  ? 
primary 'Ma, L.-C.'        6  ? 
primary 'Acton, T.'        7  ? 
primary 'Montelione, G.T.' 8  ? 
primary 'Tong, L.'         9  ? 
primary 'Hunt, J.F.'       10 ? 
# 
loop_
_entity.id 
_entity.type 
_entity.src_method 
_entity.pdbx_description 
_entity.formula_weight 
_entity.pdbx_number_of_molecules 
_entity.pdbx_ec 
_entity.pdbx_mutation 
_entity.pdbx_fragment 
_entity.details 
1 polymer man 'hypothetical protein Atu0741' 14556.453 1  ? ? ? ? 
2 water   nat water                          18.015    67 ? ? ? ? 
# 
_entity_poly.entity_id                      1 
_entity_poly.type                           'polypeptide(L)' 
_entity_poly.nstd_linkage                   no 
_entity_poly.nstd_monomer                   no 
_entity_poly.pdbx_seq_one_letter_code       
;APRIKLKILNGSYGIARLSASEAIPAWADGGGFVSITRTDDELSIVCLIDRIPQDVRVDPGWSCFKFQGPFAFDETGIVL
SVISPLSTNGIGIFVVSTFDGDHLLVRSNDLEKTADLLANAGHSLLLEHHHHHH
;
_entity_poly.pdbx_seq_one_letter_code_can   
;APRIKLKILNGSYGIARLSASEAIPAWADGGGFVSITRTDDELSIVCLIDRIPQDVRVDPGWSCFKFQGPFAFDETGIVL
SVISPLSTNGIGIFVVSTFDGDHLLVRSNDLEKTADLLANAGHSLLLEHHHHHH
;
_entity_poly.pdbx_strand_id                 A 
_entity_poly.pdbx_target_identifier         atr8 
# 
_pdbx_entity_nonpoly.entity_id   2 
_pdbx_entity_nonpoly.name        water 
_pdbx_entity_nonpoly.comp_id     HOH 
# 
loop_
_entity_poly_seq.entity_id 
_entity_poly_seq.num 
_entity_poly_seq.mon_id 
_entity_poly_seq.hetero 
1 1   ALA n 
1 2   PRO n 
1 3   ARG n 
1 4   ILE n 
1 5   LYS n 
1 6   LEU n 
1 7   LYS n 
1 8   ILE n 
1 9   LEU n 
1 10  ASN n 
1 11  GLY n 
1 12  SER n 
1 13  TYR n 
1 14  GLY n 
1 15  ILE n 
1 16  ALA n 
1 17  ARG n 
1 18  LEU n 
1 19  SER n 
1 20  ALA n 
1 21  SER n 
1 22  GLU n 
1 23  ALA n 
1 24  ILE n 
1 25  PRO n 
1 26  ALA n 
1 27  TRP n 
1 28  ALA n 
1 29  ASP n 
1 30  GLY n 
1 31  GLY n 
1 32  GLY n 
1 33  PHE n 
1 34  VAL n 
1 35  SER n 
1 36  ILE n 
1 37  THR n 
1 38  ARG n 
1 39  THR n 
1 40  ASP n 
1 41  ASP n 
1 42  GLU n 
1 43  LEU n 
1 44  SER n 
1 45  ILE n 
1 46  VAL n 
1 47  CYS n 
1 48  LEU n 
1 49  ILE n 
1 50  ASP n 
1 51  ARG n 
1 52  ILE n 
1 53  PRO n 
1 54  GLN n 
1 55  ASP n 
1 56  VAL n 
1 57  ARG n 
1 58  VAL n 
1 59  ASP n 
1 60  PRO n 
1 61  GLY n 
1 62  TRP n 
1 63  SER n 
1 64  CYS n 
1 65  PHE n 
1 66  LYS n 
1 67  PHE n 
1 68  GLN n 
1 69  GLY n 
1 70  PRO n 
1 71  PHE n 
1 72  ALA n 
1 73  PHE n 
1 74  ASP n 
1 75  GLU n 
1 76  THR n 
1 77  GLY n 
1 78  ILE n 
1 79  VAL n 
1 80  LEU n 
1 81  SER n 
1 82  VAL n 
1 83  ILE n 
1 84  SER n 
1 85  PRO n 
1 86  LEU n 
1 87  SER n 
1 88  THR n 
1 89  ASN n 
1 90  GLY n 
1 91  ILE n 
1 92  GLY n 
1 93  ILE n 
1 94  PHE n 
1 95  VAL n 
1 96  VAL n 
1 97  SER n 
1 98  THR n 
1 99  PHE n 
1 100 ASP n 
1 101 GLY n 
1 102 ASP n 
1 103 HIS n 
1 104 LEU n 
1 105 LEU n 
1 106 VAL n 
1 107 ARG n 
1 108 SER n 
1 109 ASN n 
1 110 ASP n 
1 111 LEU n 
1 112 GLU n 
1 113 LYS n 
1 114 THR n 
1 115 ALA n 
1 116 ASP n 
1 117 LEU n 
1 118 LEU n 
1 119 ALA n 
1 120 ASN n 
1 121 ALA n 
1 122 GLY n 
1 123 HIS n 
1 124 SER n 
1 125 LEU n 
1 126 LEU n 
1 127 LEU n 
1 128 GLU n 
1 129 HIS n 
1 130 HIS n 
1 131 HIS n 
1 132 HIS n 
1 133 HIS n 
1 134 HIS n 
# 
_entity_src_gen.entity_id                          1 
_entity_src_gen.pdbx_src_id                        1 
_entity_src_gen.pdbx_alt_source_flag               sample 
_entity_src_gen.pdbx_seq_type                      ? 
_entity_src_gen.pdbx_beg_seq_num                   ? 
_entity_src_gen.pdbx_end_seq_num                   ? 
_entity_src_gen.gene_src_common_name               ? 
_entity_src_gen.gene_src_genus                     Agrobacterium 
_entity_src_gen.pdbx_gene_src_gene                 'AGR_C_1340, Atu0741' 
_entity_src_gen.gene_src_species                   'Agrobacterium tumefaciens' 
_entity_src_gen.gene_src_strain                    'C58 / ATCC 33970' 
_entity_src_gen.gene_src_tissue                    ? 
_entity_src_gen.gene_src_tissue_fraction           ? 
_entity_src_gen.gene_src_details                   ? 
_entity_src_gen.pdbx_gene_src_fragment             ? 
_entity_src_gen.pdbx_gene_src_scientific_name      'Agrobacterium tumefaciens str. C58' 
_entity_src_gen.pdbx_gene_src_ncbi_taxonomy_id     176299 
_entity_src_gen.pdbx_gene_src_variant              ? 
_entity_src_gen.pdbx_gene_src_cell_line            ? 
_entity_src_gen.pdbx_gene_src_atcc                 ? 
_entity_src_gen.pdbx_gene_src_organ                ? 
_entity_src_gen.pdbx_gene_src_organelle            ? 
_entity_src_gen.pdbx_gene_src_cell                 ? 
_entity_src_gen.pdbx_gene_src_cellular_location    ? 
_entity_src_gen.host_org_common_name               ? 
_entity_src_gen.pdbx_host_org_scientific_name      'Escherichia coli' 
_entity_src_gen.pdbx_host_org_ncbi_taxonomy_id     562 
_entity_src_gen.host_org_genus                     Escherichia 
_entity_src_gen.pdbx_host_org_gene                 ? 
_entity_src_gen.pdbx_host_org_organ                ? 
_entity_src_gen.host_org_species                   ? 
_entity_src_gen.pdbx_host_org_tissue               ? 
_entity_src_gen.pdbx_host_org_tissue_fraction      ? 
_entity_src_gen.pdbx_host_org_strain               'BL21(DE3)+Magic' 
_entity_src_gen.pdbx_host_org_variant              ? 
_entity_src_gen.pdbx_host_org_cell_line            ? 
_entity_src_gen.pdbx_host_org_atcc                 ? 
_entity_src_gen.pdbx_host_org_culture_collection   ? 
_entity_src_gen.pdbx_host_org_cell                 ? 
_entity_src_gen.pdbx_host_org_organelle            ? 
_entity_src_gen.pdbx_host_org_cellular_location    ? 
_entity_src_gen.pdbx_host_org_vector_type          pET21 
_entity_src_gen.pdbx_host_org_vector               ? 
_entity_src_gen.host_org_details                   ? 
_entity_src_gen.expression_system_id               ? 
_entity_src_gen.plasmid_name                       ? 
_entity_src_gen.plasmid_details                    ? 
_entity_src_gen.pdbx_description                   ? 
# 
loop_
_chem_comp.id 
_chem_comp.type 
_chem_comp.mon_nstd_flag 
_chem_comp.name 
_chem_comp.pdbx_synonyms 
_chem_comp.formula 
_chem_comp.formula_weight 
ALA 'L-peptide linking' y ALANINE         ? 'C3 H7 N O2'     89.093  
ARG 'L-peptide linking' y ARGININE        ? 'C6 H15 N4 O2 1' 175.209 
ASN 'L-peptide linking' y ASPARAGINE      ? 'C4 H8 N2 O3'    132.118 
ASP 'L-peptide linking' y 'ASPARTIC ACID' ? 'C4 H7 N O4'     133.103 
CYS 'L-peptide linking' y CYSTEINE        ? 'C3 H7 N O2 S'   121.158 
GLN 'L-peptide linking' y GLUTAMINE       ? 'C5 H10 N2 O3'   146.144 
GLU 'L-peptide linking' y 'GLUTAMIC ACID' ? 'C5 H9 N O4'     147.129 
GLY 'peptide linking'   y GLYCINE         ? 'C2 H5 N O2'     75.067  
HIS 'L-peptide linking' y HISTIDINE       ? 'C6 H10 N3 O2 1' 156.162 
HOH non-polymer         . WATER           ? 'H2 O'           18.015  
ILE 'L-peptide linking' y ISOLEUCINE      ? 'C6 H13 N O2'    131.173 
LEU 'L-peptide linking' y LEUCINE         ? 'C6 H13 N O2'    131.173 
LYS 'L-peptide linking' y LYSINE          ? 'C6 H15 N2 O2 1' 147.195 
PHE 'L-peptide linking' y PHENYLALANINE   ? 'C9 H11 N O2'    165.189 
PRO 'L-peptide linking' y PROLINE         ? 'C5 H9 N O2'     115.130 
SER 'L-peptide linking' y SERINE          ? 'C3 H7 N O3'     105.093 
THR 'L-peptide linking' y THREONINE       ? 'C4 H9 N O3'     119.119 
TRP 'L-peptide linking' y TRYPTOPHAN      ? 'C11 H12 N2 O2'  204.225 
TYR 'L-peptide linking' y TYROSINE        ? 'C9 H11 N O3'    181.189 
VAL 'L-peptide linking' y VALINE          ? 'C5 H11 N O2'    117.146 
# 
loop_
_pdbx_poly_seq_scheme.asym_id 
_pdbx_poly_seq_scheme.entity_id 
_pdbx_poly_seq_scheme.seq_id 
_pdbx_poly_seq_scheme.mon_id 
_pdbx_poly_seq_scheme.ndb_seq_num 
_pdbx_poly_seq_scheme.pdb_seq_num 
_pdbx_poly_seq_scheme.auth_seq_num 
_pdbx_poly_seq_scheme.pdb_mon_id 
_pdbx_poly_seq_scheme.auth_mon_id 
_pdbx_poly_seq_scheme.pdb_strand_id 
_pdbx_poly_seq_scheme.pdb_ins_code 
_pdbx_poly_seq_scheme.hetero 
A 1 1   ALA 1   2   2   ALA ALA A . n 
A 1 2   PRO 2   3   3   PRO PRO A . n 
A 1 3   ARG 3   4   4   ARG ARG A . n 
A 1 4   ILE 4   5   5   ILE ILE A . n 
A 1 5   LYS 5   6   6   LYS LYS A . n 
A 1 6   LEU 6   7   7   LEU LEU A . n 
A 1 7   LYS 7   8   8   LYS LYS A . n 
A 1 8   ILE 8   9   9   ILE ILE A . n 
A 1 9   LEU 9   10  10  LEU LEU A . n 
A 1 10  ASN 10  11  11  ASN ASN A . n 
A 1 11  GLY 11  12  12  GLY GLY A . n 
A 1 12  SER 12  13  13  SER SER A . n 
A 1 13  TYR 13  14  14  TYR TYR A . n 
A 1 14  GLY 14  15  15  GLY GLY A . n 
A 1 15  ILE 15  16  16  ILE ILE A . n 
A 1 16  ALA 16  17  17  ALA ALA A . n 
A 1 17  ARG 17  18  18  ARG ARG A . n 
A 1 18  LEU 18  19  19  LEU LEU A . n 
A 1 19  SER 19  20  20  SER SER A . n 
A 1 20  ALA 20  21  21  ALA ALA A . n 
A 1 21  SER 21  22  22  SER SER A . n 
A 1 22  GLU 22  23  23  GLU GLU A . n 
A 1 23  ALA 23  24  24  ALA ALA A . n 
A 1 24  ILE 24  25  25  ILE ILE A . n 
A 1 25  PRO 25  26  26  PRO PRO A . n 
A 1 26  ALA 26  27  27  ALA ALA A . n 
A 1 27  TRP 27  28  28  TRP TRP A . n 
A 1 28  ALA 28  29  29  ALA ALA A . n 
A 1 29  ASP 29  30  30  ASP ASP A . n 
A 1 30  GLY 30  31  31  GLY GLY A . n 
A 1 31  GLY 31  32  32  GLY GLY A . n 
A 1 32  GLY 32  33  33  GLY GLY A . n 
A 1 33  PHE 33  34  34  PHE PHE A . n 
A 1 34  VAL 34  35  35  VAL VAL A . n 
A 1 35  SER 35  36  36  SER SER A . n 
A 1 36  ILE 36  37  37  ILE ILE A . n 
A 1 37  THR 37  38  38  THR THR A . n 
A 1 38  ARG 38  39  39  ARG ARG A . n 
A 1 39  THR 39  40  40  THR THR A . n 
A 1 40  ASP 40  41  41  ASP ASP A . n 
A 1 41  ASP 41  42  42  ASP ASP A . n 
A 1 42  GLU 42  43  43  GLU GLU A . n 
A 1 43  LEU 43  44  44  LEU LEU A . n 
A 1 44  SER 44  45  45  SER SER A . n 
A 1 45  ILE 45  46  46  ILE ILE A . n 
A 1 46  VAL 46  47  47  VAL VAL A . n 
A 1 47  CYS 47  48  48  CYS CYS A . n 
A 1 48  LEU 48  49  49  LEU LEU A . n 
A 1 49  ILE 49  50  50  ILE ILE A . n 
A 1 50  ASP 50  51  51  ASP ASP A . n 
A 1 51  ARG 51  52  52  ARG ARG A . n 
A 1 52  ILE 52  53  53  ILE ILE A . n 
A 1 53  PRO 53  54  54  PRO PRO A . n 
A 1 54  GLN 54  55  55  GLN GLN A . n 
A 1 55  ASP 55  56  56  ASP ASP A . n 
A 1 56  VAL 56  57  57  VAL VAL A . n 
A 1 57  ARG 57  58  58  ARG ARG A . n 
A 1 58  VAL 58  59  59  VAL VAL A . n 
A 1 59  ASP 59  60  60  ASP ASP A . n 
A 1 60  PRO 60  61  61  PRO PRO A . n 
A 1 61  GLY 61  62  62  GLY GLY A . n 
A 1 62  TRP 62  63  63  TRP TRP A . n 
A 1 63  SER 63  64  64  SER SER A . n 
A 1 64  CYS 64  65  65  CYS CYS A . n 
A 1 65  PHE 65  66  66  PHE PHE A . n 
A 1 66  LYS 66  67  67  LYS LYS A . n 
A 1 67  PHE 67  68  68  PHE PHE A . n 
A 1 68  GLN 68  69  69  GLN GLN A . n 
A 1 69  GLY 69  70  70  GLY GLY A . n 
A 1 70  PRO 70  71  71  PRO PRO A . n 
A 1 71  PHE 71  72  72  PHE PHE A . n 
A 1 72  ALA 72  73  73  ALA ALA A . n 
A 1 73  PHE 73  74  74  PHE ALA A . n 
A 1 74  ASP 74  75  75  ASP ALA A . n 
A 1 75  GLU 75  76  76  GLU ALA A . n 
A 1 76  THR 76  77  77  THR ALA A . n 
A 1 77  GLY 77  78  78  GLY GLY A . n 
A 1 78  ILE 78  79  79  ILE ILE A . n 
A 1 79  VAL 79  80  80  VAL VAL A . n 
A 1 80  LEU 80  81  81  LEU LEU A . n 
A 1 81  SER 81  82  82  SER SER A . n 
A 1 82  VAL 82  83  83  VAL VAL A . n 
A 1 83  ILE 83  84  84  ILE ILE A . n 
A 1 84  SER 84  85  85  SER SER A . n 
A 1 85  PRO 85  86  86  PRO PRO A . n 
A 1 86  LEU 86  87  87  LEU LEU A . n 
A 1 87  SER 87  88  88  SER SER A . n 
A 1 88  THR 88  89  89  THR THR A . n 
A 1 89  ASN 89  90  90  ASN ASN A . n 
A 1 90  GLY 90  91  91  GLY GLY A . n 
A 1 91  ILE 91  92  92  ILE ILE A . n 
A 1 92  GLY 92  93  93  GLY GLY A . n 
A 1 93  ILE 93  94  94  ILE ILE A . n 
A 1 94  PHE 94  95  95  PHE PHE A . n 
A 1 95  VAL 95  96  96  VAL VAL A . n 
A 1 96  VAL 96  97  97  VAL VAL A . n 
A 1 97  SER 97  98  98  SER SER A . n 
A 1 98  THR 98  99  99  THR THR A . n 
A 1 99  PHE 99  100 100 PHE PHE A . n 
A 1 100 ASP 100 101 101 ASP ASP A . n 
A 1 101 GLY 101 102 102 GLY GLY A . n 
A 1 102 ASP 102 103 103 ASP ASP A . n 
A 1 103 HIS 103 104 104 HIS HIS A . n 
A 1 104 LEU 104 105 105 LEU LEU A . n 
A 1 105 LEU 105 106 106 LEU LEU A . n 
A 1 106 VAL 106 107 107 VAL VAL A . n 
A 1 107 ARG 107 108 108 ARG ARG A . n 
A 1 108 SER 108 109 109 SER SER A . n 
A 1 109 ASN 109 110 110 ASN ASN A . n 
A 1 110 ASP 110 111 111 ASP ASP A . n 
A 1 111 LEU 111 112 112 LEU LEU A . n 
A 1 112 GLU 112 113 113 GLU GLU A . n 
A 1 113 LYS 113 114 114 LYS LYS A . n 
A 1 114 THR 114 115 115 THR THR A . n 
A 1 115 ALA 115 116 116 ALA ALA A . n 
A 1 116 ASP 116 117 117 ASP ASP A . n 
A 1 117 LEU 117 118 118 LEU LEU A . n 
A 1 118 LEU 118 119 119 LEU LEU A . n 
A 1 119 ALA 119 120 120 ALA ALA A . n 
A 1 120 ASN 120 121 121 ASN ASN A . n 
A 1 121 ALA 121 122 122 ALA ALA A . n 
A 1 122 GLY 122 123 123 GLY GLY A . n 
A 1 123 HIS 123 124 124 HIS HIS A . n 
A 1 124 SER 124 125 125 SER SER A . n 
A 1 125 LEU 125 126 126 LEU LEU A . n 
A 1 126 LEU 126 127 127 LEU LEU A . n 
A 1 127 LEU 127 128 128 LEU LEU A . n 
A 1 128 GLU 128 129 129 GLU GLU A . n 
A 1 129 HIS 129 130 130 HIS HIS A . n 
A 1 130 HIS 130 131 131 HIS HIS A . n 
A 1 131 HIS 131 132 132 HIS HIS A . n 
A 1 132 HIS 132 133 133 HIS HIS A . n 
A 1 133 HIS 133 134 134 HIS HIS A . n 
A 1 134 HIS 134 135 135 HIS HIS A . n 
# 
loop_
_pdbx_nonpoly_scheme.asym_id 
_pdbx_nonpoly_scheme.entity_id 
_pdbx_nonpoly_scheme.mon_id 
_pdbx_nonpoly_scheme.ndb_seq_num 
_pdbx_nonpoly_scheme.pdb_seq_num 
_pdbx_nonpoly_scheme.auth_seq_num 
_pdbx_nonpoly_scheme.pdb_mon_id 
_pdbx_nonpoly_scheme.auth_mon_id 
_pdbx_nonpoly_scheme.pdb_strand_id 
_pdbx_nonpoly_scheme.pdb_ins_code 
B 2 HOH 1  200 200 HOH HOH A . 
B 2 HOH 2  201 201 HOH HOH A . 
B 2 HOH 3  202 202 HOH HOH A . 
B 2 HOH 4  204 204 HOH HOH A . 
B 2 HOH 5  205 205 HOH HOH A . 
B 2 HOH 6  206 206 HOH HOH A . 
B 2 HOH 7  207 207 HOH HOH A . 
B 2 HOH 8  208 208 HOH HOH A . 
B 2 HOH 9  209 209 HOH HOH A . 
B 2 HOH 10 210 210 HOH HOH A . 
B 2 HOH 11 211 211 HOH HOH A . 
B 2 HOH 12 212 212 HOH HOH A . 
B 2 HOH 13 213 213 HOH HOH A . 
B 2 HOH 14 214 214 HOH HOH A . 
B 2 HOH 15 215 215 HOH HOH A . 
B 2 HOH 16 216 216 HOH HOH A . 
B 2 HOH 17 217 217 HOH HOH A . 
B 2 HOH 18 218 218 HOH HOH A . 
B 2 HOH 19 219 219 HOH HOH A . 
B 2 HOH 20 220 220 HOH HOH A . 
B 2 HOH 21 221 221 HOH HOH A . 
B 2 HOH 22 222 222 HOH HOH A . 
B 2 HOH 23 223 223 HOH HOH A . 
B 2 HOH 24 224 224 HOH HOH A . 
B 2 HOH 25 225 225 HOH HOH A . 
B 2 HOH 26 226 226 HOH HOH A . 
B 2 HOH 27 228 228 HOH HOH A . 
B 2 HOH 28 229 229 HOH HOH A . 
B 2 HOH 29 230 230 HOH HOH A . 
B 2 HOH 30 231 231 HOH HOH A . 
B 2 HOH 31 232 232 HOH HOH A . 
B 2 HOH 32 233 233 HOH HOH A . 
B 2 HOH 33 235 235 HOH HOH A . 
B 2 HOH 34 236 236 HOH HOH A . 
B 2 HOH 35 237 237 HOH HOH A . 
B 2 HOH 36 238 238 HOH HOH A . 
B 2 HOH 37 239 239 HOH HOH A . 
B 2 HOH 38 240 240 HOH HOH A . 
B 2 HOH 39 241 241 HOH HOH A . 
B 2 HOH 40 242 242 HOH HOH A . 
B 2 HOH 41 243 243 HOH HOH A . 
B 2 HOH 42 244 244 HOH HOH A . 
B 2 HOH 43 245 245 HOH HOH A . 
B 2 HOH 44 246 246 HOH HOH A . 
B 2 HOH 45 247 247 HOH HOH A . 
B 2 HOH 46 248 248 HOH HOH A . 
B 2 HOH 47 249 249 HOH HOH A . 
B 2 HOH 48 250 250 HOH HOH A . 
B 2 HOH 49 252 252 HOH HOH A . 
B 2 HOH 50 253 253 HOH HOH A . 
B 2 HOH 51 254 254 HOH HOH A . 
B 2 HOH 52 255 255 HOH HOH A . 
B 2 HOH 53 256 256 HOH HOH A . 
B 2 HOH 54 257 257 HOH HOH A . 
B 2 HOH 55 258 258 HOH HOH A . 
B 2 HOH 56 259 259 HOH HOH A . 
B 2 HOH 57 260 260 HOH HOH A . 
B 2 HOH 58 261 261 HOH HOH A . 
B 2 HOH 59 262 262 HOH HOH A . 
B 2 HOH 60 263 263 HOH HOH A . 
B 2 HOH 61 264 264 HOH HOH A . 
B 2 HOH 62 266 266 HOH HOH A . 
B 2 HOH 63 267 267 HOH HOH A . 
B 2 HOH 64 268 268 HOH HOH A . 
B 2 HOH 65 269 269 HOH HOH A . 
B 2 HOH 66 270 270 HOH HOH A . 
B 2 HOH 67 271 271 HOH HOH A . 
# 
loop_
_pdbx_unobs_or_zero_occ_atoms.id 
_pdbx_unobs_or_zero_occ_atoms.PDB_model_num 
_pdbx_unobs_or_zero_occ_atoms.polymer_flag 
_pdbx_unobs_or_zero_occ_atoms.occupancy_flag 
_pdbx_unobs_or_zero_occ_atoms.auth_asym_id 
_pdbx_unobs_or_zero_occ_atoms.auth_comp_id 
_pdbx_unobs_or_zero_occ_atoms.auth_seq_id 
_pdbx_unobs_or_zero_occ_atoms.PDB_ins_code 
_pdbx_unobs_or_zero_occ_atoms.auth_atom_id 
_pdbx_unobs_or_zero_occ_atoms.label_alt_id 
_pdbx_unobs_or_zero_occ_atoms.label_asym_id 
_pdbx_unobs_or_zero_occ_atoms.label_comp_id 
_pdbx_unobs_or_zero_occ_atoms.label_seq_id 
_pdbx_unobs_or_zero_occ_atoms.label_atom_id 
1  1 Y 1 A PHE 74 ? CG  ? A PHE 73 CG  
2  1 Y 1 A PHE 74 ? CD1 ? A PHE 73 CD1 
3  1 Y 1 A PHE 74 ? CD2 ? A PHE 73 CD2 
4  1 Y 1 A PHE 74 ? CE1 ? A PHE 73 CE1 
5  1 Y 1 A PHE 74 ? CE2 ? A PHE 73 CE2 
6  1 Y 1 A PHE 74 ? CZ  ? A PHE 73 CZ  
7  1 Y 1 A ASP 75 ? CG  ? A ASP 74 CG  
8  1 Y 1 A ASP 75 ? OD1 ? A ASP 74 OD1 
9  1 Y 1 A ASP 75 ? OD2 ? A ASP 74 OD2 
10 1 Y 1 A GLU 76 ? CG  ? A GLU 75 CG  
11 1 Y 1 A GLU 76 ? CD  ? A GLU 75 CD  
12 1 Y 1 A GLU 76 ? OE1 ? A GLU 75 OE1 
13 1 Y 1 A GLU 76 ? OE2 ? A GLU 75 OE2 
14 1 Y 1 A THR 77 ? OG1 ? A THR 76 OG1 
15 1 Y 1 A THR 77 ? CG2 ? A THR 76 CG2 
# 
loop_
_software.name 
_software.classification 
_software.version 
_software.citation_id 
_software.pdbx_ordinal 
CNS       refinement       1.1 ? 1 
HKL-2000  'data reduction' .   ? 2 
SCALEPACK 'data scaling'   .   ? 3 
SOLVE     phasing          .   ? 4 
# 
_cell.entry_id           1ZHV 
_cell.length_a           52.122 
_cell.length_b           76.445 
_cell.length_c           62.044 
_cell.angle_alpha        90.00 
_cell.angle_beta         90.00 
_cell.angle_gamma        90.00 
_cell.Z_PDB              8 
_cell.pdbx_unique_axis   ? 
# 
_symmetry.entry_id                         1ZHV 
_symmetry.space_group_name_H-M             'C 2 2 21' 
_symmetry.pdbx_full_space_group_name_H-M   ? 
_symmetry.cell_setting                     ? 
_symmetry.Int_Tables_number                20 
_symmetry.space_group_name_Hall            ? 
# 
_exptl.entry_id          1ZHV 
_exptl.method            'X-RAY DIFFRACTION' 
_exptl.crystals_number   1 
# 
_exptl_crystal.id                    1 
_exptl_crystal.density_meas          ? 
_exptl_crystal.density_Matthews      2.12 
_exptl_crystal.density_percent_sol   42.06 
_exptl_crystal.description           ? 
_exptl_crystal.F_000                 ? 
_exptl_crystal.preparation           ? 
# 
_exptl_crystal_grow.crystal_id      1 
_exptl_crystal_grow.method          'VAPOR DIFFUSION, HANGING DROP' 
_exptl_crystal_grow.temp            291 
_exptl_crystal_grow.temp_details    ? 
_exptl_crystal_grow.pH              6.8 
_exptl_crystal_grow.pdbx_details    '0.2 M CaCl2, 15-20 % PEG 3350, pH 6.8, VAPOR DIFFUSION, HANGING DROP, temperature 291K' 
_exptl_crystal_grow.pdbx_pH_range   . 
# 
_diffrn.id                     1 
_diffrn.ambient_temp           100 
_diffrn.ambient_temp_details   ? 
_diffrn.crystal_id             1 
# 
_diffrn_detector.diffrn_id              1 
_diffrn_detector.detector               CCD 
_diffrn_detector.type                   'ADSC QUANTUM 4' 
_diffrn_detector.pdbx_collection_date   2005-03-19 
_diffrn_detector.details                ? 
# 
_diffrn_radiation.diffrn_id                        1 
_diffrn_radiation.wavelength_id                    1 
_diffrn_radiation.pdbx_monochromatic_or_laue_m_l   M 
_diffrn_radiation.monochromator                    ? 
_diffrn_radiation.pdbx_diffrn_protocol             'SINGLE WAVELENGTH' 
_diffrn_radiation.pdbx_scattering_type             x-ray 
# 
_diffrn_radiation_wavelength.id           1 
_diffrn_radiation_wavelength.wavelength   0.979 
_diffrn_radiation_wavelength.wt           1.0 
# 
_diffrn_source.diffrn_id                   1 
_diffrn_source.source                      SYNCHROTRON 
_diffrn_source.type                        'NSLS BEAMLINE X4A' 
_diffrn_source.pdbx_synchrotron_site       NSLS 
_diffrn_source.pdbx_synchrotron_beamline   X4A 
_diffrn_source.pdbx_wavelength             ? 
_diffrn_source.pdbx_wavelength_list        0.979 
# 
_reflns.entry_id                     1ZHV 
_reflns.observed_criterion_sigma_I   0.0 
_reflns.observed_criterion_sigma_F   0.0 
_reflns.d_resolution_low             30.0 
_reflns.d_resolution_high            1.5 
_reflns.number_obs                   38217 
_reflns.number_all                   38217 
_reflns.percent_possible_obs         99.6 
_reflns.pdbx_Rmerge_I_obs            0.038 
_reflns.pdbx_Rsym_value              ? 
_reflns.pdbx_netI_over_sigmaI        ? 
_reflns.B_iso_Wilson_estimate        15.8 
_reflns.pdbx_redundancy              4.7 
_reflns.R_free_details               ? 
_reflns.limit_h_max                  ? 
_reflns.limit_h_min                  ? 
_reflns.limit_k_max                  ? 
_reflns.limit_k_min                  ? 
_reflns.limit_l_max                  ? 
_reflns.limit_l_min                  ? 
_reflns.observed_criterion_F_max     ? 
_reflns.observed_criterion_F_min     ? 
_reflns.pdbx_chi_squared             ? 
_reflns.pdbx_scaling_rejects         ? 
_reflns.pdbx_ordinal                 1 
_reflns.pdbx_diffrn_id               1 
# 
_reflns_shell.d_res_high             1.50 
_reflns_shell.d_res_low              1.55 
_reflns_shell.percent_possible_all   97.9 
_reflns_shell.Rmerge_I_obs           0.185 
_reflns_shell.pdbx_Rsym_value        ? 
_reflns_shell.meanI_over_sigI_obs    ? 
_reflns_shell.pdbx_redundancy        3.1 
_reflns_shell.percent_possible_obs   ? 
_reflns_shell.number_unique_all      3731 
_reflns_shell.number_measured_all    ? 
_reflns_shell.number_measured_obs    ? 
_reflns_shell.number_unique_obs      ? 
_reflns_shell.pdbx_chi_squared       ? 
_reflns_shell.pdbx_ordinal           1 
_reflns_shell.pdbx_diffrn_id         1 
# 
_refine.entry_id                                 1ZHV 
_refine.ls_number_reflns_obs                     37528 
_refine.ls_number_reflns_all                     37528 
_refine.pdbx_ls_sigma_I                          ? 
_refine.pdbx_ls_sigma_F                          0.0 
_refine.pdbx_data_cutoff_high_absF               436306.68 
_refine.pdbx_data_cutoff_low_absF                0.000000 
_refine.pdbx_data_cutoff_high_rms_absF           ? 
_refine.ls_d_res_low                             25.17 
_refine.ls_d_res_high                            1.50 
_refine.ls_percent_reflns_obs                    97.7 
_refine.ls_R_factor_obs                          0.241 
_refine.ls_R_factor_all                          ? 
_refine.ls_R_factor_R_work                       0.241 
_refine.ls_R_factor_R_free                       0.249 
_refine.ls_R_factor_R_free_error                 0.006 
_refine.ls_R_factor_R_free_error_details         ? 
_refine.ls_percent_reflns_R_free                 4.1 
_refine.ls_number_reflns_R_free                  1541 
_refine.ls_number_parameters                     ? 
_refine.ls_number_restraints                     ? 
_refine.occupancy_min                            ? 
_refine.occupancy_max                            ? 
_refine.correlation_coeff_Fo_to_Fc               ? 
_refine.correlation_coeff_Fo_to_Fc_free          ? 
_refine.B_iso_mean                               16.4 
_refine.aniso_B[1][1]                            0.92 
_refine.aniso_B[2][2]                            0.07 
_refine.aniso_B[3][3]                            -0.99 
_refine.aniso_B[1][2]                            0.00 
_refine.aniso_B[1][3]                            0.00 
_refine.aniso_B[2][3]                            0.00 
_refine.solvent_model_details                    'FLAT MODEL' 
_refine.solvent_model_param_ksol                 0.419663 
_refine.solvent_model_param_bsol                 36.8147 
_refine.pdbx_solvent_vdw_probe_radii             ? 
_refine.pdbx_solvent_ion_probe_radii             ? 
_refine.pdbx_solvent_shrinkage_radii             ? 
_refine.pdbx_ls_cross_valid_method               THROUGHOUT 
_refine.details                                  ? 
_refine.pdbx_starting_model                      ? 
_refine.pdbx_method_to_determine_struct          MIR 
_refine.pdbx_isotropic_thermal_model             RESTRAINED 
_refine.pdbx_stereochemistry_target_values       'Engh & Huber' 
_refine.pdbx_stereochem_target_val_spec_case     ? 
_refine.pdbx_R_Free_selection_details            RANDOM 
_refine.pdbx_overall_ESU_R                       ? 
_refine.pdbx_overall_ESU_R_Free                  ? 
_refine.overall_SU_ML                            ? 
_refine.overall_SU_B                             ? 
_refine.ls_redundancy_reflns_obs                 ? 
_refine.B_iso_min                                ? 
_refine.B_iso_max                                ? 
_refine.overall_SU_R_Cruickshank_DPI             ? 
_refine.overall_SU_R_free                        ? 
_refine.ls_wR_factor_R_free                      ? 
_refine.ls_wR_factor_R_work                      ? 
_refine.overall_FOM_free_R_set                   ? 
_refine.overall_FOM_work_R_set                   ? 
_refine.pdbx_refine_id                           'X-RAY DIFFRACTION' 
_refine.pdbx_diffrn_id                           1 
_refine.pdbx_TLS_residual_ADP_flag               ? 
_refine.pdbx_overall_phase_error                 ? 
_refine.pdbx_overall_SU_R_free_Cruickshank_DPI   ? 
_refine.pdbx_overall_SU_R_Blow_DPI               ? 
_refine.pdbx_overall_SU_R_free_Blow_DPI          ? 
# 
_refine_analyze.entry_id                        1ZHV 
_refine_analyze.Luzzati_coordinate_error_obs    0.21 
_refine_analyze.Luzzati_sigma_a_obs             0.07 
_refine_analyze.Luzzati_d_res_low_obs           5.00 
_refine_analyze.Luzzati_coordinate_error_free   0.23 
_refine_analyze.Luzzati_sigma_a_free            0.12 
_refine_analyze.Luzzati_d_res_low_free          ? 
_refine_analyze.number_disordered_residues      ? 
_refine_analyze.occupancy_sum_hydrogen          ? 
_refine_analyze.occupancy_sum_non_hydrogen      ? 
_refine_analyze.pdbx_Luzzati_d_res_high_obs     ? 
_refine_analyze.pdbx_refine_id                  'X-RAY DIFFRACTION' 
# 
_refine_hist.pdbx_refine_id                   'X-RAY DIFFRACTION' 
_refine_hist.cycle_id                         LAST 
_refine_hist.pdbx_number_atoms_protein        1013 
_refine_hist.pdbx_number_atoms_nucleic_acid   0 
_refine_hist.pdbx_number_atoms_ligand         0 
_refine_hist.number_atoms_solvent             67 
_refine_hist.number_atoms_total               1080 
_refine_hist.d_res_high                       1.50 
_refine_hist.d_res_low                        25.17 
# 
loop_
_refine_ls_restr.type 
_refine_ls_restr.dev_ideal 
_refine_ls_restr.dev_ideal_target 
_refine_ls_restr.weight 
_refine_ls_restr.number 
_refine_ls_restr.pdbx_refine_id 
_refine_ls_restr.pdbx_restraint_function 
c_bond_d                0.005 ? ? ? 'X-RAY DIFFRACTION' ? 
c_bond_d_na             ?     ? ? ? 'X-RAY DIFFRACTION' ? 
c_bond_d_prot           ?     ? ? ? 'X-RAY DIFFRACTION' ? 
c_angle_d               ?     ? ? ? 'X-RAY DIFFRACTION' ? 
c_angle_d_na            ?     ? ? ? 'X-RAY DIFFRACTION' ? 
c_angle_d_prot          ?     ? ? ? 'X-RAY DIFFRACTION' ? 
c_angle_deg             1.5   ? ? ? 'X-RAY DIFFRACTION' ? 
c_angle_deg_na          ?     ? ? ? 'X-RAY DIFFRACTION' ? 
c_angle_deg_prot        ?     ? ? ? 'X-RAY DIFFRACTION' ? 
c_dihedral_angle_d      25.1  ? ? ? 'X-RAY DIFFRACTION' ? 
c_dihedral_angle_d_na   ?     ? ? ? 'X-RAY DIFFRACTION' ? 
c_dihedral_angle_d_prot ?     ? ? ? 'X-RAY DIFFRACTION' ? 
c_improper_angle_d      0.83  ? ? ? 'X-RAY DIFFRACTION' ? 
c_improper_angle_d_na   ?     ? ? ? 'X-RAY DIFFRACTION' ? 
c_improper_angle_d_prot ?     ? ? ? 'X-RAY DIFFRACTION' ? 
c_mcbond_it             ?     ? ? ? 'X-RAY DIFFRACTION' ? 
c_mcangle_it            ?     ? ? ? 'X-RAY DIFFRACTION' ? 
c_scbond_it             ?     ? ? ? 'X-RAY DIFFRACTION' ? 
c_scangle_it            ?     ? ? ? 'X-RAY DIFFRACTION' ? 
# 
_refine_ls_shell.pdbx_total_number_of_bins_used   6 
_refine_ls_shell.d_res_high                       1.50 
_refine_ls_shell.d_res_low                        1.59 
_refine_ls_shell.number_reflns_R_work             5748 
_refine_ls_shell.R_factor_R_work                  0.245 
_refine_ls_shell.percent_reflns_obs               94.3 
_refine_ls_shell.R_factor_R_free                  0.28 
_refine_ls_shell.R_factor_R_free_error            0.016 
_refine_ls_shell.percent_reflns_R_free            4.8 
_refine_ls_shell.number_reflns_R_free             289 
_refine_ls_shell.number_reflns_obs                ? 
_refine_ls_shell.redundancy_reflns_obs            ? 
_refine_ls_shell.number_reflns_all                ? 
_refine_ls_shell.pdbx_refine_id                   'X-RAY DIFFRACTION' 
_refine_ls_shell.R_factor_all                     ? 
# 
loop_
_pdbx_xplor_file.serial_no 
_pdbx_xplor_file.param_file 
_pdbx_xplor_file.topol_file 
_pdbx_xplor_file.pdbx_refine_id 
1 protein_rep.param protein.top 'X-RAY DIFFRACTION' 
2 water_rep.param   water.top   'X-RAY DIFFRACTION' 
3 ion.param         ion.top     'X-RAY DIFFRACTION' 
# 
_struct.entry_id                  1ZHV 
_struct.title                     
'X-ray Crystal Structure Protein Atu0741 from Agobacterium tumefaciens. Northeast Structural Genomics Consortium Target AtR8.' 
_struct.pdbx_model_details        ? 
_struct.pdbx_CASP_flag            ? 
_struct.pdbx_model_type_details   ? 
# 
_struct_keywords.entry_id        1ZHV 
_struct_keywords.pdbx_keywords   'STRUCTURAL GENOMICS, UNKNOWN FUNCTION' 
_struct_keywords.text            
;NESG, AtR8, Atu0741, Structural Genomics, PSI, Protein Structure Initiative, Northeast Structural Genomics Consortium, UNKNOWN FUNCTION
;
# 
loop_
_struct_asym.id 
_struct_asym.pdbx_blank_PDB_chainid_flag 
_struct_asym.pdbx_modified 
_struct_asym.entity_id 
_struct_asym.details 
A N N 1 ? 
B N N 2 ? 
# 
_struct_ref.id                         1 
_struct_ref.db_name                    UNP 
_struct_ref.db_code                    Q8UHE1_AGRT5 
_struct_ref.pdbx_db_accession          Q8UHE1 
_struct_ref.entity_id                  1 
_struct_ref.pdbx_seq_one_letter_code   
;APRIKLKILNGSYGIARLSASEAIPAWADGGGFVSITRTDDELSIVCLIDRIPQDVRVDPGWSCFKFQGPFAFDETGIVL
SVISPLSTNGIGIFVVSTFDGDHLLVRSNDLEKTADLLANAGHSLL
;
_struct_ref.pdbx_align_begin           2 
_struct_ref.pdbx_db_isoform            ? 
# 
_struct_ref_seq.align_id                      1 
_struct_ref_seq.ref_id                        1 
_struct_ref_seq.pdbx_PDB_id_code              1ZHV 
_struct_ref_seq.pdbx_strand_id                A 
_struct_ref_seq.seq_align_beg                 1 
_struct_ref_seq.pdbx_seq_align_beg_ins_code   ? 
_struct_ref_seq.seq_align_end                 126 
_struct_ref_seq.pdbx_seq_align_end_ins_code   ? 
_struct_ref_seq.pdbx_db_accession             Q8UHE1 
_struct_ref_seq.db_align_beg                  2 
_struct_ref_seq.pdbx_db_align_beg_ins_code    ? 
_struct_ref_seq.db_align_end                  127 
_struct_ref_seq.pdbx_db_align_end_ins_code    ? 
_struct_ref_seq.pdbx_auth_seq_align_beg       2 
_struct_ref_seq.pdbx_auth_seq_align_end       127 
# 
loop_
_struct_ref_seq_dif.align_id 
_struct_ref_seq_dif.pdbx_pdb_id_code 
_struct_ref_seq_dif.mon_id 
_struct_ref_seq_dif.pdbx_pdb_strand_id 
_struct_ref_seq_dif.seq_num 
_struct_ref_seq_dif.pdbx_pdb_ins_code 
_struct_ref_seq_dif.pdbx_seq_db_name 
_struct_ref_seq_dif.pdbx_seq_db_accession_code 
_struct_ref_seq_dif.db_mon_id 
_struct_ref_seq_dif.pdbx_seq_db_seq_num 
_struct_ref_seq_dif.details 
_struct_ref_seq_dif.pdbx_auth_seq_num 
_struct_ref_seq_dif.pdbx_ordinal 
1 1ZHV LEU A 127 ? UNP Q8UHE1 ? ? 'cloning artifact' 128 1 
1 1ZHV GLU A 128 ? UNP Q8UHE1 ? ? 'cloning artifact' 129 2 
1 1ZHV HIS A 129 ? UNP Q8UHE1 ? ? 'cloning artifact' 130 3 
1 1ZHV HIS A 130 ? UNP Q8UHE1 ? ? 'cloning artifact' 131 4 
1 1ZHV HIS A 131 ? UNP Q8UHE1 ? ? 'cloning artifact' 132 5 
1 1ZHV HIS A 132 ? UNP Q8UHE1 ? ? 'cloning artifact' 133 6 
1 1ZHV HIS A 133 ? UNP Q8UHE1 ? ? 'cloning artifact' 134 7 
1 1ZHV HIS A 134 ? UNP Q8UHE1 ? ? 'cloning artifact' 135 8 
# 
loop_
_pdbx_struct_assembly.id 
_pdbx_struct_assembly.details 
_pdbx_struct_assembly.method_details 
_pdbx_struct_assembly.oligomeric_details 
_pdbx_struct_assembly.oligomeric_count 
1 author_defined_assembly   ?        monomeric 1 
2 software_defined_assembly PISA,PQS dimeric   2 
# 
loop_
_pdbx_struct_assembly_prop.biol_id 
_pdbx_struct_assembly_prop.type 
_pdbx_struct_assembly_prop.value 
_pdbx_struct_assembly_prop.details 
2 'ABSA (A^2)' 2970  ? 
2 MORE         -13   ? 
2 'SSA (A^2)'  13030 ? 
# 
loop_
_pdbx_struct_assembly_gen.assembly_id 
_pdbx_struct_assembly_gen.oper_expression 
_pdbx_struct_assembly_gen.asym_id_list 
1 1   A,B 
2 1,2 A,B 
# 
loop_
_pdbx_struct_oper_list.id 
_pdbx_struct_oper_list.type 
_pdbx_struct_oper_list.name 
_pdbx_struct_oper_list.symmetry_operation 
_pdbx_struct_oper_list.matrix[1][1] 
_pdbx_struct_oper_list.matrix[1][2] 
_pdbx_struct_oper_list.matrix[1][3] 
_pdbx_struct_oper_list.vector[1] 
_pdbx_struct_oper_list.matrix[2][1] 
_pdbx_struct_oper_list.matrix[2][2] 
_pdbx_struct_oper_list.matrix[2][3] 
_pdbx_struct_oper_list.vector[2] 
_pdbx_struct_oper_list.matrix[3][1] 
_pdbx_struct_oper_list.matrix[3][2] 
_pdbx_struct_oper_list.matrix[3][3] 
_pdbx_struct_oper_list.vector[3] 
1 'identity operation'         1_555 x,y,z         1.0000000000 0.0000000000  0.0000000000 0.0000000000 0.0000000000  1.0000000000  0.0000000000  0.0000000000  0.0000000000 0.0000000000  1.0000000000  0.0000000000  
2 'crystal symmetry operation' 3_656 -x+1,y,-z+3/2 0.8413435730 -0.3519024159 0.4102507549 3.2973840326 -0.3519024159 -0.9327473090 -0.0784037449 16.5458597981 0.4102507549 -0.0784037449 -0.9085962640 -0.6071624650 
# 
_struct_biol.id                    1 
_struct_biol.pdbx_parent_biol_id   ? 
_struct_biol.details               ? 
# 
loop_
_struct_conf.conf_type_id 
_struct_conf.id 
_struct_conf.pdbx_PDB_helix_id 
_struct_conf.beg_label_comp_id 
_struct_conf.beg_label_asym_id 
_struct_conf.beg_label_seq_id 
_struct_conf.pdbx_beg_PDB_ins_code 
_struct_conf.end_label_comp_id 
_struct_conf.end_label_asym_id 
_struct_conf.end_label_seq_id 
_struct_conf.pdbx_end_PDB_ins_code 
_struct_conf.beg_auth_comp_id 
_struct_conf.beg_auth_asym_id 
_struct_conf.beg_auth_seq_id 
_struct_conf.end_auth_comp_id 
_struct_conf.end_auth_asym_id 
_struct_conf.end_auth_seq_id 
_struct_conf.pdbx_PDB_helix_class 
_struct_conf.details 
_struct_conf.pdbx_PDB_helix_length 
HELX_P HELX_P1 1 ASP A 50  ? ILE A 52  ? ASP A 51  ILE A 53  5 ? 3  
HELX_P HELX_P2 2 GLY A 77  ? THR A 88  ? GLY A 78  THR A 89  1 ? 12 
HELX_P HELX_P3 3 ASP A 110 ? ALA A 121 ? ASP A 111 ALA A 122 1 ? 12 
# 
_struct_conf_type.id          HELX_P 
_struct_conf_type.criteria    ? 
_struct_conf_type.reference   ? 
# 
loop_
_struct_sheet.id 
_struct_sheet.type 
_struct_sheet.number_strands 
_struct_sheet.details 
A ? 6 ? 
B ? 6 ? 
# 
loop_
_struct_sheet_order.sheet_id 
_struct_sheet_order.range_id_1 
_struct_sheet_order.range_id_2 
_struct_sheet_order.offset 
_struct_sheet_order.sense 
A 1 2 ? anti-parallel 
A 2 3 ? anti-parallel 
A 3 4 ? anti-parallel 
A 4 5 ? anti-parallel 
A 5 6 ? anti-parallel 
B 1 2 ? anti-parallel 
B 2 3 ? anti-parallel 
B 3 4 ? anti-parallel 
B 4 5 ? anti-parallel 
B 5 6 ? parallel      
# 
loop_
_struct_sheet_range.sheet_id 
_struct_sheet_range.id 
_struct_sheet_range.beg_label_comp_id 
_struct_sheet_range.beg_label_asym_id 
_struct_sheet_range.beg_label_seq_id 
_struct_sheet_range.pdbx_beg_PDB_ins_code 
_struct_sheet_range.end_label_comp_id 
_struct_sheet_range.end_label_asym_id 
_struct_sheet_range.end_label_seq_id 
_struct_sheet_range.pdbx_end_PDB_ins_code 
_struct_sheet_range.beg_auth_comp_id 
_struct_sheet_range.beg_auth_asym_id 
_struct_sheet_range.beg_auth_seq_id 
_struct_sheet_range.end_auth_comp_id 
_struct_sheet_range.end_auth_asym_id 
_struct_sheet_range.end_auth_seq_id 
A 1 SER A 35  ? ARG A 38  ? SER A 36  ARG A 39  
A 2 LEU A 43  ? LEU A 48  ? LEU A 44  LEU A 49  
A 3 TYR A 13  ? LEU A 18  ? TYR A 14  LEU A 19  
A 4 ARG A 57  ? PHE A 67  ? ARG A 58  PHE A 68  
A 5 ASP A 102 ? ARG A 107 ? ASP A 103 ARG A 108 
A 6 PHE A 94  ? SER A 97  ? PHE A 95  SER A 98  
B 1 SER A 35  ? ARG A 38  ? SER A 36  ARG A 39  
B 2 LEU A 43  ? LEU A 48  ? LEU A 44  LEU A 49  
B 3 TYR A 13  ? LEU A 18  ? TYR A 14  LEU A 19  
B 4 ARG A 57  ? PHE A 67  ? ARG A 58  PHE A 68  
B 5 LYS A 5   ? ILE A 8   ? LYS A 6   ILE A 9   
B 6 SER A 124 ? LEU A 126 ? SER A 125 LEU A 127 
# 
loop_
_pdbx_struct_sheet_hbond.sheet_id 
_pdbx_struct_sheet_hbond.range_id_1 
_pdbx_struct_sheet_hbond.range_id_2 
_pdbx_struct_sheet_hbond.range_1_label_atom_id 
_pdbx_struct_sheet_hbond.range_1_label_comp_id 
_pdbx_struct_sheet_hbond.range_1_label_asym_id 
_pdbx_struct_sheet_hbond.range_1_label_seq_id 
_pdbx_struct_sheet_hbond.range_1_PDB_ins_code 
_pdbx_struct_sheet_hbond.range_1_auth_atom_id 
_pdbx_struct_sheet_hbond.range_1_auth_comp_id 
_pdbx_struct_sheet_hbond.range_1_auth_asym_id 
_pdbx_struct_sheet_hbond.range_1_auth_seq_id 
_pdbx_struct_sheet_hbond.range_2_label_atom_id 
_pdbx_struct_sheet_hbond.range_2_label_comp_id 
_pdbx_struct_sheet_hbond.range_2_label_asym_id 
_pdbx_struct_sheet_hbond.range_2_label_seq_id 
_pdbx_struct_sheet_hbond.range_2_PDB_ins_code 
_pdbx_struct_sheet_hbond.range_2_auth_atom_id 
_pdbx_struct_sheet_hbond.range_2_auth_comp_id 
_pdbx_struct_sheet_hbond.range_2_auth_asym_id 
_pdbx_struct_sheet_hbond.range_2_auth_seq_id 
A 1 2 N THR A 37  ? N THR A 38  O SER A 44  ? O SER A 45  
A 2 3 O ILE A 45  ? O ILE A 46  N ALA A 16  ? N ALA A 17  
A 3 4 N TYR A 13  ? N TYR A 14  O TRP A 62  ? O TRP A 63  
A 4 5 N SER A 63  ? N SER A 64  O VAL A 106 ? O VAL A 107 
A 5 6 O LEU A 105 ? O LEU A 106 N PHE A 94  ? N PHE A 95  
B 1 2 N THR A 37  ? N THR A 38  O SER A 44  ? O SER A 45  
B 2 3 O ILE A 45  ? O ILE A 46  N ALA A 16  ? N ALA A 17  
B 3 4 N TYR A 13  ? N TYR A 14  O TRP A 62  ? O TRP A 63  
B 4 5 O LYS A 66  ? O LYS A 67  N LYS A 7   ? N LYS A 8   
B 5 6 N LEU A 6   ? N LEU A 7   O LEU A 126 ? O LEU A 127 
# 
_pdbx_validate_torsion.id              1 
_pdbx_validate_torsion.PDB_model_num   1 
_pdbx_validate_torsion.auth_comp_id    PHE 
_pdbx_validate_torsion.auth_asym_id    A 
_pdbx_validate_torsion.auth_seq_id     72 
_pdbx_validate_torsion.PDB_ins_code    ? 
_pdbx_validate_torsion.label_alt_id    ? 
_pdbx_validate_torsion.phi             -117.74 
_pdbx_validate_torsion.psi             73.04 
# 
_pdbx_SG_project.id                    1 
_pdbx_SG_project.project_name          'PSI, Protein Structure Initiative' 
_pdbx_SG_project.full_name_of_center   'Northeast Structural Genomics Consortium' 
_pdbx_SG_project.initial_of_center     NESG 
# 
loop_
_chem_comp_atom.comp_id 
_chem_comp_atom.atom_id 
_chem_comp_atom.type_symbol 
_chem_comp_atom.pdbx_aromatic_flag 
_chem_comp_atom.pdbx_stereo_config 
_chem_comp_atom.pdbx_ordinal 
ALA N    N N N 1   
ALA CA   C N S 2   
ALA C    C N N 3   
ALA O    O N N 4   
ALA CB   C N N 5   
ALA OXT  O N N 6   
ALA H    H N N 7   
ALA H2   H N N 8   
ALA HA   H N N 9   
ALA HB1  H N N 10  
ALA HB2  H N N 11  
ALA HB3  H N N 12  
ALA HXT  H N N 13  
ARG N    N N N 14  
ARG CA   C N S 15  
ARG C    C N N 16  
ARG O    O N N 17  
ARG CB   C N N 18  
ARG CG   C N N 19  
ARG CD   C N N 20  
ARG NE   N N N 21  
ARG CZ   C N N 22  
ARG NH1  N N N 23  
ARG NH2  N N N 24  
ARG OXT  O N N 25  
ARG H    H N N 26  
ARG H2   H N N 27  
ARG HA   H N N 28  
ARG HB2  H N N 29  
ARG HB3  H N N 30  
ARG HG2  H N N 31  
ARG HG3  H N N 32  
ARG HD2  H N N 33  
ARG HD3  H N N 34  
ARG HE   H N N 35  
ARG HH11 H N N 36  
ARG HH12 H N N 37  
ARG HH21 H N N 38  
ARG HH22 H N N 39  
ARG HXT  H N N 40  
ASN N    N N N 41  
ASN CA   C N S 42  
ASN C    C N N 43  
ASN O    O N N 44  
ASN CB   C N N 45  
ASN CG   C N N 46  
ASN OD1  O N N 47  
ASN ND2  N N N 48  
ASN OXT  O N N 49  
ASN H    H N N 50  
ASN H2   H N N 51  
ASN HA   H N N 52  
ASN HB2  H N N 53  
ASN HB3  H N N 54  
ASN HD21 H N N 55  
ASN HD22 H N N 56  
ASN HXT  H N N 57  
ASP N    N N N 58  
ASP CA   C N S 59  
ASP C    C N N 60  
ASP O    O N N 61  
ASP CB   C N N 62  
ASP CG   C N N 63  
ASP OD1  O N N 64  
ASP OD2  O N N 65  
ASP OXT  O N N 66  
ASP H    H N N 67  
ASP H2   H N N 68  
ASP HA   H N N 69  
ASP HB2  H N N 70  
ASP HB3  H N N 71  
ASP HD2  H N N 72  
ASP HXT  H N N 73  
CYS N    N N N 74  
CYS CA   C N R 75  
CYS C    C N N 76  
CYS O    O N N 77  
CYS CB   C N N 78  
CYS SG   S N N 79  
CYS OXT  O N N 80  
CYS H    H N N 81  
CYS H2   H N N 82  
CYS HA   H N N 83  
CYS HB2  H N N 84  
CYS HB3  H N N 85  
CYS HG   H N N 86  
CYS HXT  H N N 87  
GLN N    N N N 88  
GLN CA   C N S 89  
GLN C    C N N 90  
GLN O    O N N 91  
GLN CB   C N N 92  
GLN CG   C N N 93  
GLN CD   C N N 94  
GLN OE1  O N N 95  
GLN NE2  N N N 96  
GLN OXT  O N N 97  
GLN H    H N N 98  
GLN H2   H N N 99  
GLN HA   H N N 100 
GLN HB2  H N N 101 
GLN HB3  H N N 102 
GLN HG2  H N N 103 
GLN HG3  H N N 104 
GLN HE21 H N N 105 
GLN HE22 H N N 106 
GLN HXT  H N N 107 
GLU N    N N N 108 
GLU CA   C N S 109 
GLU C    C N N 110 
GLU O    O N N 111 
GLU CB   C N N 112 
GLU CG   C N N 113 
GLU CD   C N N 114 
GLU OE1  O N N 115 
GLU OE2  O N N 116 
GLU OXT  O N N 117 
GLU H    H N N 118 
GLU H2   H N N 119 
GLU HA   H N N 120 
GLU HB2  H N N 121 
GLU HB3  H N N 122 
GLU HG2  H N N 123 
GLU HG3  H N N 124 
GLU HE2  H N N 125 
GLU HXT  H N N 126 
GLY N    N N N 127 
GLY CA   C N N 128 
GLY C    C N N 129 
GLY O    O N N 130 
GLY OXT  O N N 131 
GLY H    H N N 132 
GLY H2   H N N 133 
GLY HA2  H N N 134 
GLY HA3  H N N 135 
GLY HXT  H N N 136 
HIS N    N N N 137 
HIS CA   C N S 138 
HIS C    C N N 139 
HIS O    O N N 140 
HIS CB   C N N 141 
HIS CG   C Y N 142 
HIS ND1  N Y N 143 
HIS CD2  C Y N 144 
HIS CE1  C Y N 145 
HIS NE2  N Y N 146 
HIS OXT  O N N 147 
HIS H    H N N 148 
HIS H2   H N N 149 
HIS HA   H N N 150 
HIS HB2  H N N 151 
HIS HB3  H N N 152 
HIS HD1  H N N 153 
HIS HD2  H N N 154 
HIS HE1  H N N 155 
HIS HE2  H N N 156 
HIS HXT  H N N 157 
HOH O    O N N 158 
HOH H1   H N N 159 
HOH H2   H N N 160 
ILE N    N N N 161 
ILE CA   C N S 162 
ILE C    C N N 163 
ILE O    O N N 164 
ILE CB   C N S 165 
ILE CG1  C N N 166 
ILE CG2  C N N 167 
ILE CD1  C N N 168 
ILE OXT  O N N 169 
ILE H    H N N 170 
ILE H2   H N N 171 
ILE HA   H N N 172 
ILE HB   H N N 173 
ILE HG12 H N N 174 
ILE HG13 H N N 175 
ILE HG21 H N N 176 
ILE HG22 H N N 177 
ILE HG23 H N N 178 
ILE HD11 H N N 179 
ILE HD12 H N N 180 
ILE HD13 H N N 181 
ILE HXT  H N N 182 
LEU N    N N N 183 
LEU CA   C N S 184 
LEU C    C N N 185 
LEU O    O N N 186 
LEU CB   C N N 187 
LEU CG   C N N 188 
LEU CD1  C N N 189 
LEU CD2  C N N 190 
LEU OXT  O N N 191 
LEU H    H N N 192 
LEU H2   H N N 193 
LEU HA   H N N 194 
LEU HB2  H N N 195 
LEU HB3  H N N 196 
LEU HG   H N N 197 
LEU HD11 H N N 198 
LEU HD12 H N N 199 
LEU HD13 H N N 200 
LEU HD21 H N N 201 
LEU HD22 H N N 202 
LEU HD23 H N N 203 
LEU HXT  H N N 204 
LYS N    N N N 205 
LYS CA   C N S 206 
LYS C    C N N 207 
LYS O    O N N 208 
LYS CB   C N N 209 
LYS CG   C N N 210 
LYS CD   C N N 211 
LYS CE   C N N 212 
LYS NZ   N N N 213 
LYS OXT  O N N 214 
LYS H    H N N 215 
LYS H2   H N N 216 
LYS HA   H N N 217 
LYS HB2  H N N 218 
LYS HB3  H N N 219 
LYS HG2  H N N 220 
LYS HG3  H N N 221 
LYS HD2  H N N 222 
LYS HD3  H N N 223 
LYS HE2  H N N 224 
LYS HE3  H N N 225 
LYS HZ1  H N N 226 
LYS HZ2  H N N 227 
LYS HZ3  H N N 228 
LYS HXT  H N N 229 
PHE N    N N N 230 
PHE CA   C N S 231 
PHE C    C N N 232 
PHE O    O N N 233 
PHE CB   C N N 234 
PHE CG   C Y N 235 
PHE CD1  C Y N 236 
PHE CD2  C Y N 237 
PHE CE1  C Y N 238 
PHE CE2  C Y N 239 
PHE CZ   C Y N 240 
PHE OXT  O N N 241 
PHE H    H N N 242 
PHE H2   H N N 243 
PHE HA   H N N 244 
PHE HB2  H N N 245 
PHE HB3  H N N 246 
PHE HD1  H N N 247 
PHE HD2  H N N 248 
PHE HE1  H N N 249 
PHE HE2  H N N 250 
PHE HZ   H N N 251 
PHE HXT  H N N 252 
PRO N    N N N 253 
PRO CA   C N S 254 
PRO C    C N N 255 
PRO O    O N N 256 
PRO CB   C N N 257 
PRO CG   C N N 258 
PRO CD   C N N 259 
PRO OXT  O N N 260 
PRO H    H N N 261 
PRO HA   H N N 262 
PRO HB2  H N N 263 
PRO HB3  H N N 264 
PRO HG2  H N N 265 
PRO HG3  H N N 266 
PRO HD2  H N N 267 
PRO HD3  H N N 268 
PRO HXT  H N N 269 
SER N    N N N 270 
SER CA   C N S 271 
SER C    C N N 272 
SER O    O N N 273 
SER CB   C N N 274 
SER OG   O N N 275 
SER OXT  O N N 276 
SER H    H N N 277 
SER H2   H N N 278 
SER HA   H N N 279 
SER HB2  H N N 280 
SER HB3  H N N 281 
SER HG   H N N 282 
SER HXT  H N N 283 
THR N    N N N 284 
THR CA   C N S 285 
THR C    C N N 286 
THR O    O N N 287 
THR CB   C N R 288 
THR OG1  O N N 289 
THR CG2  C N N 290 
THR OXT  O N N 291 
THR H    H N N 292 
THR H2   H N N 293 
THR HA   H N N 294 
THR HB   H N N 295 
THR HG1  H N N 296 
THR HG21 H N N 297 
THR HG22 H N N 298 
THR HG23 H N N 299 
THR HXT  H N N 300 
TRP N    N N N 301 
TRP CA   C N S 302 
TRP C    C N N 303 
TRP O    O N N 304 
TRP CB   C N N 305 
TRP CG   C Y N 306 
TRP CD1  C Y N 307 
TRP CD2  C Y N 308 
TRP NE1  N Y N 309 
TRP CE2  C Y N 310 
TRP CE3  C Y N 311 
TRP CZ2  C Y N 312 
TRP CZ3  C Y N 313 
TRP CH2  C Y N 314 
TRP OXT  O N N 315 
TRP H    H N N 316 
TRP H2   H N N 317 
TRP HA   H N N 318 
TRP HB2  H N N 319 
TRP HB3  H N N 320 
TRP HD1  H N N 321 
TRP HE1  H N N 322 
TRP HE3  H N N 323 
TRP HZ2  H N N 324 
TRP HZ3  H N N 325 
TRP HH2  H N N 326 
TRP HXT  H N N 327 
TYR N    N N N 328 
TYR CA   C N S 329 
TYR C    C N N 330 
TYR O    O N N 331 
TYR CB   C N N 332 
TYR CG   C Y N 333 
TYR CD1  C Y N 334 
TYR CD2  C Y N 335 
TYR CE1  C Y N 336 
TYR CE2  C Y N 337 
TYR CZ   C Y N 338 
TYR OH   O N N 339 
TYR OXT  O N N 340 
TYR H    H N N 341 
TYR H2   H N N 342 
TYR HA   H N N 343 
TYR HB2  H N N 344 
TYR HB3  H N N 345 
TYR HD1  H N N 346 
TYR HD2  H N N 347 
TYR HE1  H N N 348 
TYR HE2  H N N 349 
TYR HH   H N N 350 
TYR HXT  H N N 351 
VAL N    N N N 352 
VAL CA   C N S 353 
VAL C    C N N 354 
VAL O    O N N 355 
VAL CB   C N N 356 
VAL CG1  C N N 357 
VAL CG2  C N N 358 
VAL OXT  O N N 359 
VAL H    H N N 360 
VAL H2   H N N 361 
VAL HA   H N N 362 
VAL HB   H N N 363 
VAL HG11 H N N 364 
VAL HG12 H N N 365 
VAL HG13 H N N 366 
VAL HG21 H N N 367 
VAL HG22 H N N 368 
VAL HG23 H N N 369 
VAL HXT  H N N 370 
# 
loop_
_chem_comp_bond.comp_id 
_chem_comp_bond.atom_id_1 
_chem_comp_bond.atom_id_2 
_chem_comp_bond.value_order 
_chem_comp_bond.pdbx_aromatic_flag 
_chem_comp_bond.pdbx_stereo_config 
_chem_comp_bond.pdbx_ordinal 
ALA N   CA   sing N N 1   
ALA N   H    sing N N 2   
ALA N   H2   sing N N 3   
ALA CA  C    sing N N 4   
ALA CA  CB   sing N N 5   
ALA CA  HA   sing N N 6   
ALA C   O    doub N N 7   
ALA C   OXT  sing N N 8   
ALA CB  HB1  sing N N 9   
ALA CB  HB2  sing N N 10  
ALA CB  HB3  sing N N 11  
ALA OXT HXT  sing N N 12  
ARG N   CA   sing N N 13  
ARG N   H    sing N N 14  
ARG N   H2   sing N N 15  
ARG CA  C    sing N N 16  
ARG CA  CB   sing N N 17  
ARG CA  HA   sing N N 18  
ARG C   O    doub N N 19  
ARG C   OXT  sing N N 20  
ARG CB  CG   sing N N 21  
ARG CB  HB2  sing N N 22  
ARG CB  HB3  sing N N 23  
ARG CG  CD   sing N N 24  
ARG CG  HG2  sing N N 25  
ARG CG  HG3  sing N N 26  
ARG CD  NE   sing N N 27  
ARG CD  HD2  sing N N 28  
ARG CD  HD3  sing N N 29  
ARG NE  CZ   sing N N 30  
ARG NE  HE   sing N N 31  
ARG CZ  NH1  sing N N 32  
ARG CZ  NH2  doub N N 33  
ARG NH1 HH11 sing N N 34  
ARG NH1 HH12 sing N N 35  
ARG NH2 HH21 sing N N 36  
ARG NH2 HH22 sing N N 37  
ARG OXT HXT  sing N N 38  
ASN N   CA   sing N N 39  
ASN N   H    sing N N 40  
ASN N   H2   sing N N 41  
ASN CA  C    sing N N 42  
ASN CA  CB   sing N N 43  
ASN CA  HA   sing N N 44  
ASN C   O    doub N N 45  
ASN C   OXT  sing N N 46  
ASN CB  CG   sing N N 47  
ASN CB  HB2  sing N N 48  
ASN CB  HB3  sing N N 49  
ASN CG  OD1  doub N N 50  
ASN CG  ND2  sing N N 51  
ASN ND2 HD21 sing N N 52  
ASN ND2 HD22 sing N N 53  
ASN OXT HXT  sing N N 54  
ASP N   CA   sing N N 55  
ASP N   H    sing N N 56  
ASP N   H2   sing N N 57  
ASP CA  C    sing N N 58  
ASP CA  CB   sing N N 59  
ASP CA  HA   sing N N 60  
ASP C   O    doub N N 61  
ASP C   OXT  sing N N 62  
ASP CB  CG   sing N N 63  
ASP CB  HB2  sing N N 64  
ASP CB  HB3  sing N N 65  
ASP CG  OD1  doub N N 66  
ASP CG  OD2  sing N N 67  
ASP OD2 HD2  sing N N 68  
ASP OXT HXT  sing N N 69  
CYS N   CA   sing N N 70  
CYS N   H    sing N N 71  
CYS N   H2   sing N N 72  
CYS CA  C    sing N N 73  
CYS CA  CB   sing N N 74  
CYS CA  HA   sing N N 75  
CYS C   O    doub N N 76  
CYS C   OXT  sing N N 77  
CYS CB  SG   sing N N 78  
CYS CB  HB2  sing N N 79  
CYS CB  HB3  sing N N 80  
CYS SG  HG   sing N N 81  
CYS OXT HXT  sing N N 82  
GLN N   CA   sing N N 83  
GLN N   H    sing N N 84  
GLN N   H2   sing N N 85  
GLN CA  C    sing N N 86  
GLN CA  CB   sing N N 87  
GLN CA  HA   sing N N 88  
GLN C   O    doub N N 89  
GLN C   OXT  sing N N 90  
GLN CB  CG   sing N N 91  
GLN CB  HB2  sing N N 92  
GLN CB  HB3  sing N N 93  
GLN CG  CD   sing N N 94  
GLN CG  HG2  sing N N 95  
GLN CG  HG3  sing N N 96  
GLN CD  OE1  doub N N 97  
GLN CD  NE2  sing N N 98  
GLN NE2 HE21 sing N N 99  
GLN NE2 HE22 sing N N 100 
GLN OXT HXT  sing N N 101 
GLU N   CA   sing N N 102 
GLU N   H    sing N N 103 
GLU N   H2   sing N N 104 
GLU CA  C    sing N N 105 
GLU CA  CB   sing N N 106 
GLU CA  HA   sing N N 107 
GLU C   O    doub N N 108 
GLU C   OXT  sing N N 109 
GLU CB  CG   sing N N 110 
GLU CB  HB2  sing N N 111 
GLU CB  HB3  sing N N 112 
GLU CG  CD   sing N N 113 
GLU CG  HG2  sing N N 114 
GLU CG  HG3  sing N N 115 
GLU CD  OE1  doub N N 116 
GLU CD  OE2  sing N N 117 
GLU OE2 HE2  sing N N 118 
GLU OXT HXT  sing N N 119 
GLY N   CA   sing N N 120 
GLY N   H    sing N N 121 
GLY N   H2   sing N N 122 
GLY CA  C    sing N N 123 
GLY CA  HA2  sing N N 124 
GLY CA  HA3  sing N N 125 
GLY C   O    doub N N 126 
GLY C   OXT  sing N N 127 
GLY OXT HXT  sing N N 128 
HIS N   CA   sing N N 129 
HIS N   H    sing N N 130 
HIS N   H2   sing N N 131 
HIS CA  C    sing N N 132 
HIS CA  CB   sing N N 133 
HIS CA  HA   sing N N 134 
HIS C   O    doub N N 135 
HIS C   OXT  sing N N 136 
HIS CB  CG   sing N N 137 
HIS CB  HB2  sing N N 138 
HIS CB  HB3  sing N N 139 
HIS CG  ND1  sing Y N 140 
HIS CG  CD2  doub Y N 141 
HIS ND1 CE1  doub Y N 142 
HIS ND1 HD1  sing N N 143 
HIS CD2 NE2  sing Y N 144 
HIS CD2 HD2  sing N N 145 
HIS CE1 NE2  sing Y N 146 
HIS CE1 HE1  sing N N 147 
HIS NE2 HE2  sing N N 148 
HIS OXT HXT  sing N N 149 
HOH O   H1   sing N N 150 
HOH O   H2   sing N N 151 
ILE N   CA   sing N N 152 
ILE N   H    sing N N 153 
ILE N   H2   sing N N 154 
ILE CA  C    sing N N 155 
ILE CA  CB   sing N N 156 
ILE CA  HA   sing N N 157 
ILE C   O    doub N N 158 
ILE C   OXT  sing N N 159 
ILE CB  CG1  sing N N 160 
ILE CB  CG2  sing N N 161 
ILE CB  HB   sing N N 162 
ILE CG1 CD1  sing N N 163 
ILE CG1 HG12 sing N N 164 
ILE CG1 HG13 sing N N 165 
ILE CG2 HG21 sing N N 166 
ILE CG2 HG22 sing N N 167 
ILE CG2 HG23 sing N N 168 
ILE CD1 HD11 sing N N 169 
ILE CD1 HD12 sing N N 170 
ILE CD1 HD13 sing N N 171 
ILE OXT HXT  sing N N 172 
LEU N   CA   sing N N 173 
LEU N   H    sing N N 174 
LEU N   H2   sing N N 175 
LEU CA  C    sing N N 176 
LEU CA  CB   sing N N 177 
LEU CA  HA   sing N N 178 
LEU C   O    doub N N 179 
LEU C   OXT  sing N N 180 
LEU CB  CG   sing N N 181 
LEU CB  HB2  sing N N 182 
LEU CB  HB3  sing N N 183 
LEU CG  CD1  sing N N 184 
LEU CG  CD2  sing N N 185 
LEU CG  HG   sing N N 186 
LEU CD1 HD11 sing N N 187 
LEU CD1 HD12 sing N N 188 
LEU CD1 HD13 sing N N 189 
LEU CD2 HD21 sing N N 190 
LEU CD2 HD22 sing N N 191 
LEU CD2 HD23 sing N N 192 
LEU OXT HXT  sing N N 193 
LYS N   CA   sing N N 194 
LYS N   H    sing N N 195 
LYS N   H2   sing N N 196 
LYS CA  C    sing N N 197 
LYS CA  CB   sing N N 198 
LYS CA  HA   sing N N 199 
LYS C   O    doub N N 200 
LYS C   OXT  sing N N 201 
LYS CB  CG   sing N N 202 
LYS CB  HB2  sing N N 203 
LYS CB  HB3  sing N N 204 
LYS CG  CD   sing N N 205 
LYS CG  HG2  sing N N 206 
LYS CG  HG3  sing N N 207 
LYS CD  CE   sing N N 208 
LYS CD  HD2  sing N N 209 
LYS CD  HD3  sing N N 210 
LYS CE  NZ   sing N N 211 
LYS CE  HE2  sing N N 212 
LYS CE  HE3  sing N N 213 
LYS NZ  HZ1  sing N N 214 
LYS NZ  HZ2  sing N N 215 
LYS NZ  HZ3  sing N N 216 
LYS OXT HXT  sing N N 217 
PHE N   CA   sing N N 218 
PHE N   H    sing N N 219 
PHE N   H2   sing N N 220 
PHE CA  C    sing N N 221 
PHE CA  CB   sing N N 222 
PHE CA  HA   sing N N 223 
PHE C   O    doub N N 224 
PHE C   OXT  sing N N 225 
PHE CB  CG   sing N N 226 
PHE CB  HB2  sing N N 227 
PHE CB  HB3  sing N N 228 
PHE CG  CD1  doub Y N 229 
PHE CG  CD2  sing Y N 230 
PHE CD1 CE1  sing Y N 231 
PHE CD1 HD1  sing N N 232 
PHE CD2 CE2  doub Y N 233 
PHE CD2 HD2  sing N N 234 
PHE CE1 CZ   doub Y N 235 
PHE CE1 HE1  sing N N 236 
PHE CE2 CZ   sing Y N 237 
PHE CE2 HE2  sing N N 238 
PHE CZ  HZ   sing N N 239 
PHE OXT HXT  sing N N 240 
PRO N   CA   sing N N 241 
PRO N   CD   sing N N 242 
PRO N   H    sing N N 243 
PRO CA  C    sing N N 244 
PRO CA  CB   sing N N 245 
PRO CA  HA   sing N N 246 
PRO C   O    doub N N 247 
PRO C   OXT  sing N N 248 
PRO CB  CG   sing N N 249 
PRO CB  HB2  sing N N 250 
PRO CB  HB3  sing N N 251 
PRO CG  CD   sing N N 252 
PRO CG  HG2  sing N N 253 
PRO CG  HG3  sing N N 254 
PRO CD  HD2  sing N N 255 
PRO CD  HD3  sing N N 256 
PRO OXT HXT  sing N N 257 
SER N   CA   sing N N 258 
SER N   H    sing N N 259 
SER N   H2   sing N N 260 
SER CA  C    sing N N 261 
SER CA  CB   sing N N 262 
SER CA  HA   sing N N 263 
SER C   O    doub N N 264 
SER C   OXT  sing N N 265 
SER CB  OG   sing N N 266 
SER CB  HB2  sing N N 267 
SER CB  HB3  sing N N 268 
SER OG  HG   sing N N 269 
SER OXT HXT  sing N N 270 
THR N   CA   sing N N 271 
THR N   H    sing N N 272 
THR N   H2   sing N N 273 
THR CA  C    sing N N 274 
THR CA  CB   sing N N 275 
THR CA  HA   sing N N 276 
THR C   O    doub N N 277 
THR C   OXT  sing N N 278 
THR CB  OG1  sing N N 279 
THR CB  CG2  sing N N 280 
THR CB  HB   sing N N 281 
THR OG1 HG1  sing N N 282 
THR CG2 HG21 sing N N 283 
THR CG2 HG22 sing N N 284 
THR CG2 HG23 sing N N 285 
THR OXT HXT  sing N N 286 
TRP N   CA   sing N N 287 
TRP N   H    sing N N 288 
TRP N   H2   sing N N 289 
TRP CA  C    sing N N 290 
TRP CA  CB   sing N N 291 
TRP CA  HA   sing N N 292 
TRP C   O    doub N N 293 
TRP C   OXT  sing N N 294 
TRP CB  CG   sing N N 295 
TRP CB  HB2  sing N N 296 
TRP CB  HB3  sing N N 297 
TRP CG  CD1  doub Y N 298 
TRP CG  CD2  sing Y N 299 
TRP CD1 NE1  sing Y N 300 
TRP CD1 HD1  sing N N 301 
TRP CD2 CE2  doub Y N 302 
TRP CD2 CE3  sing Y N 303 
TRP NE1 CE2  sing Y N 304 
TRP NE1 HE1  sing N N 305 
TRP CE2 CZ2  sing Y N 306 
TRP CE3 CZ3  doub Y N 307 
TRP CE3 HE3  sing N N 308 
TRP CZ2 CH2  doub Y N 309 
TRP CZ2 HZ2  sing N N 310 
TRP CZ3 CH2  sing Y N 311 
TRP CZ3 HZ3  sing N N 312 
TRP CH2 HH2  sing N N 313 
TRP OXT HXT  sing N N 314 
TYR N   CA   sing N N 315 
TYR N   H    sing N N 316 
TYR N   H2   sing N N 317 
TYR CA  C    sing N N 318 
TYR CA  CB   sing N N 319 
TYR CA  HA   sing N N 320 
TYR C   O    doub N N 321 
TYR C   OXT  sing N N 322 
TYR CB  CG   sing N N 323 
TYR CB  HB2  sing N N 324 
TYR CB  HB3  sing N N 325 
TYR CG  CD1  doub Y N 326 
TYR CG  CD2  sing Y N 327 
TYR CD1 CE1  sing Y N 328 
TYR CD1 HD1  sing N N 329 
TYR CD2 CE2  doub Y N 330 
TYR CD2 HD2  sing N N 331 
TYR CE1 CZ   doub Y N 332 
TYR CE1 HE1  sing N N 333 
TYR CE2 CZ   sing Y N 334 
TYR CE2 HE2  sing N N 335 
TYR CZ  OH   sing N N 336 
TYR OH  HH   sing N N 337 
TYR OXT HXT  sing N N 338 
VAL N   CA   sing N N 339 
VAL N   H    sing N N 340 
VAL N   H2   sing N N 341 
VAL CA  C    sing N N 342 
VAL CA  CB   sing N N 343 
VAL CA  HA   sing N N 344 
VAL C   O    doub N N 345 
VAL C   OXT  sing N N 346 
VAL CB  CG1  sing N N 347 
VAL CB  CG2  sing N N 348 
VAL CB  HB   sing N N 349 
VAL CG1 HG11 sing N N 350 
VAL CG1 HG12 sing N N 351 
VAL CG1 HG13 sing N N 352 
VAL CG2 HG21 sing N N 353 
VAL CG2 HG22 sing N N 354 
VAL CG2 HG23 sing N N 355 
VAL OXT HXT  sing N N 356 
# 
_atom_sites.entry_id                    1ZHV 
_atom_sites.fract_transf_matrix[1][1]   -0.00065191 
_atom_sites.fract_transf_matrix[1][2]   0.01301026 
_atom_sites.fract_transf_matrix[1][3]   0.01408583 
_atom_sites.fract_transf_matrix[2][1]   0.01255143 
_atom_sites.fract_transf_matrix[2][2]   -0.00239873 
_atom_sites.fract_transf_matrix[2][3]   0.00279646 
_atom_sites.fract_transf_matrix[3][1]   0.00450652 
_atom_sites.fract_transf_matrix[3][2]   0.01147141 
_atom_sites.fract_transf_matrix[3][3]   -0.01038691 
_atom_sites.fract_transf_vector[1]      0.397724 
_atom_sites.fract_transf_vector[2]      0.218785 
_atom_sites.fract_transf_vector[3]      0.644534 
# 
loop_
_atom_type.symbol 
C 
N 
O 
S 
# 
loop_
_atom_site.group_PDB 
_atom_site.id 
_atom_site.type_symbol 
_atom_site.label_atom_id 
_atom_site.label_alt_id 
_atom_site.label_comp_id 
_atom_site.label_asym_id 
_atom_site.label_entity_id 
_atom_site.label_seq_id 
_atom_site.pdbx_PDB_ins_code 
_atom_site.Cartn_x 
_atom_site.Cartn_y 
_atom_site.Cartn_z 
_atom_site.occupancy 
_atom_site.B_iso_or_equiv 
_atom_site.pdbx_formal_charge 
_atom_site.auth_seq_id 
_atom_site.auth_comp_id 
_atom_site.auth_asym_id 
_atom_site.auth_atom_id 
_atom_site.pdbx_PDB_model_num 
ATOM   1    N N   . ALA A 1 1   ? -15.831 7.708   -14.848 1.00 30.16 ? 2   ALA A N   1 
ATOM   2    C CA  . ALA A 1 1   ? -14.757 7.429   -13.851 1.00 30.13 ? 2   ALA A CA  1 
ATOM   3    C C   . ALA A 1 1   ? -13.654 6.584   -14.472 1.00 28.41 ? 2   ALA A C   1 
ATOM   4    O O   . ALA A 1 1   ? -13.921 5.667   -15.248 1.00 30.18 ? 2   ALA A O   1 
ATOM   5    C CB  . ALA A 1 1   ? -15.344 6.710   -12.643 1.00 30.23 ? 2   ALA A CB  1 
ATOM   6    N N   . PRO A 1 2   ? -12.390 6.888   -14.142 1.00 26.83 ? 3   PRO A N   1 
ATOM   7    C CA  . PRO A 1 2   ? -11.273 6.119   -14.696 1.00 24.55 ? 3   PRO A CA  1 
ATOM   8    C C   . PRO A 1 2   ? -11.299 4.677   -14.193 1.00 23.02 ? 3   PRO A C   1 
ATOM   9    O O   . PRO A 1 2   ? -11.612 4.427   -13.029 1.00 23.13 ? 3   PRO A O   1 
ATOM   10   C CB  . PRO A 1 2   ? -10.043 6.875   -14.187 1.00 26.29 ? 3   PRO A CB  1 
ATOM   11   C CG  . PRO A 1 2   ? -10.551 8.274   -13.989 1.00 25.97 ? 3   PRO A CG  1 
ATOM   12   C CD  . PRO A 1 2   ? -11.899 8.039   -13.367 1.00 26.19 ? 3   PRO A CD  1 
ATOM   13   N N   . ARG A 1 3   ? -10.991 3.732   -15.075 1.00 21.20 ? 4   ARG A N   1 
ATOM   14   C CA  . ARG A 1 3   ? -10.941 2.323   -14.694 1.00 19.95 ? 4   ARG A CA  1 
ATOM   15   C C   . ARG A 1 3   ? -9.466  2.025   -14.490 1.00 17.46 ? 4   ARG A C   1 
ATOM   16   O O   . ARG A 1 3   ? -8.679  2.068   -15.436 1.00 18.32 ? 4   ARG A O   1 
ATOM   17   C CB  . ARG A 1 3   ? -11.495 1.430   -15.804 1.00 20.90 ? 4   ARG A CB  1 
ATOM   18   C CG  . ARG A 1 3   ? -12.985 1.581   -16.055 1.00 21.72 ? 4   ARG A CG  1 
ATOM   19   C CD  . ARG A 1 3   ? -13.414 0.729   -17.240 1.00 23.53 ? 4   ARG A CD  1 
ATOM   20   N NE  . ARG A 1 3   ? -14.840 0.855   -17.535 1.00 25.18 ? 4   ARG A NE  1 
ATOM   21   C CZ  . ARG A 1 3   ? -15.814 0.413   -16.745 1.00 26.73 ? 4   ARG A CZ  1 
ATOM   22   N NH1 . ARG A 1 3   ? -15.525 -0.188  -15.598 1.00 25.73 ? 4   ARG A NH1 1 
ATOM   23   N NH2 . ARG A 1 3   ? -17.080 0.569   -17.109 1.00 27.77 ? 4   ARG A NH2 1 
ATOM   24   N N   . ILE A 1 4   ? -9.093  1.731   -13.252 1.00 16.08 ? 5   ILE A N   1 
ATOM   25   C CA  . ILE A 1 4   ? -7.701  1.462   -12.929 1.00 15.52 ? 5   ILE A CA  1 
ATOM   26   C C   . ILE A 1 4   ? -7.413  -0.019  -12.752 1.00 14.84 ? 5   ILE A C   1 
ATOM   27   O O   . ILE A 1 4   ? -8.255  -0.778  -12.275 1.00 14.91 ? 5   ILE A O   1 
ATOM   28   C CB  . ILE A 1 4   ? -7.299  2.202   -11.632 1.00 16.15 ? 5   ILE A CB  1 
ATOM   29   C CG1 . ILE A 1 4   ? -7.532  3.705   -11.804 1.00 18.88 ? 5   ILE A CG1 1 
ATOM   30   C CG2 . ILE A 1 4   ? -5.837  1.929   -11.291 1.00 17.05 ? 5   ILE A CG2 1 
ATOM   31   C CD1 . ILE A 1 4   ? -6.758  4.320   -12.959 1.00 23.80 ? 5   ILE A CD1 1 
ATOM   32   N N   . LYS A 1 5   ? -6.214  -0.420  -13.154 1.00 15.07 ? 6   LYS A N   1 
ATOM   33   C CA  . LYS A 1 5   ? -5.773  -1.798  -13.016 1.00 15.65 ? 6   LYS A CA  1 
ATOM   34   C C   . LYS A 1 5   ? -4.913  -1.845  -11.757 1.00 14.47 ? 6   LYS A C   1 
ATOM   35   O O   . LYS A 1 5   ? -3.940  -1.098  -11.638 1.00 15.68 ? 6   LYS A O   1 
ATOM   36   C CB  . LYS A 1 5   ? -4.946  -2.204  -14.238 1.00 17.78 ? 6   LYS A CB  1 
ATOM   37   C CG  . LYS A 1 5   ? -5.729  -2.187  -15.546 1.00 21.26 ? 6   LYS A CG  1 
ATOM   38   C CD  . LYS A 1 5   ? -4.818  -1.927  -16.739 1.00 25.97 ? 6   LYS A CD  1 
ATOM   39   C CE  . LYS A 1 5   ? -4.284  -0.497  -16.707 1.00 28.57 ? 6   LYS A CE  1 
ATOM   40   N NZ  . LYS A 1 5   ? -3.381  -0.181  -17.848 1.00 30.72 ? 6   LYS A NZ  1 
ATOM   41   N N   . LEU A 1 6   ? -5.289  -2.693  -10.806 1.00 12.32 ? 7   LEU A N   1 
ATOM   42   C CA  . LEU A 1 6   ? -4.529  -2.817  -9.567  1.00 14.36 ? 7   LEU A CA  1 
ATOM   43   C C   . LEU A 1 6   ? -3.931  -4.206  -9.437  1.00 12.84 ? 7   LEU A C   1 
ATOM   44   O O   . LEU A 1 6   ? -4.625  -5.213  -9.584  1.00 16.68 ? 7   LEU A O   1 
ATOM   45   C CB  . LEU A 1 6   ? -5.408  -2.523  -8.347  1.00 16.51 ? 7   LEU A CB  1 
ATOM   46   C CG  . LEU A 1 6   ? -5.968  -1.101  -8.242  1.00 18.28 ? 7   LEU A CG  1 
ATOM   47   C CD1 . LEU A 1 6   ? -7.282  -1.014  -9.006  1.00 24.44 ? 7   LEU A CD1 1 
ATOM   48   C CD2 . LEU A 1 6   ? -6.186  -0.749  -6.775  1.00 21.09 ? 7   LEU A CD2 1 
ATOM   49   N N   . LYS A 1 7   ? -2.639  -4.255  -9.143  1.00 9.34  ? 8   LYS A N   1 
ATOM   50   C CA  . LYS A 1 7   ? -1.932  -5.519  -9.009  1.00 8.01  ? 8   LYS A CA  1 
ATOM   51   C C   . LYS A 1 7   ? -1.541  -5.754  -7.559  1.00 9.07  ? 8   LYS A C   1 
ATOM   52   O O   . LYS A 1 7   ? -0.818  -4.958  -6.961  1.00 7.55  ? 8   LYS A O   1 
ATOM   53   C CB  . LYS A 1 7   ? -0.682  -5.492  -9.889  1.00 10.98 ? 8   LYS A CB  1 
ATOM   54   C CG  . LYS A 1 7   ? 0.161   -6.745  -9.841  1.00 14.23 ? 8   LYS A CG  1 
ATOM   55   C CD  . LYS A 1 7   ? 1.410   -6.586  -10.691 1.00 18.22 ? 8   LYS A CD  1 
ATOM   56   C CE  . LYS A 1 7   ? 2.236   -7.862  -10.688 1.00 21.96 ? 8   LYS A CE  1 
ATOM   57   N NZ  . LYS A 1 7   ? 3.474   -7.721  -11.506 1.00 23.57 ? 8   LYS A NZ  1 
ATOM   58   N N   . ILE A 1 8   ? -2.011  -6.856  -6.992  1.00 7.90  ? 9   ILE A N   1 
ATOM   59   C CA  . ILE A 1 8   ? -1.688  -7.146  -5.609  1.00 9.25  ? 9   ILE A CA  1 
ATOM   60   C C   . ILE A 1 8   ? -0.235  -7.591  -5.493  1.00 10.75 ? 9   ILE A C   1 
ATOM   61   O O   . ILE A 1 8   ? 0.324   -8.178  -6.424  1.00 11.16 ? 9   ILE A O   1 
ATOM   62   C CB  . ILE A 1 8   ? -2.628  -8.249  -5.048  1.00 8.85  ? 9   ILE A CB  1 
ATOM   63   C CG1 . ILE A 1 8   ? -2.592  -8.245  -3.520  1.00 12.54 ? 9   ILE A CG1 1 
ATOM   64   C CG2 . ILE A 1 8   ? -2.198  -9.621  -5.565  1.00 11.06 ? 9   ILE A CG2 1 
ATOM   65   C CD1 . ILE A 1 8   ? -3.636  -9.139  -2.884  1.00 16.79 ? 9   ILE A CD1 1 
ATOM   66   N N   . LEU A 1 9   ? 0.388   -7.261  -4.366  1.00 10.01 ? 10  LEU A N   1 
ATOM   67   C CA  . LEU A 1 9   ? 1.757   -7.682  -4.099  1.00 11.82 ? 10  LEU A CA  1 
ATOM   68   C C   . LEU A 1 9   ? 1.689   -8.796  -3.066  1.00 11.57 ? 10  LEU A C   1 
ATOM   69   O O   . LEU A 1 9   ? 0.772   -8.841  -2.241  1.00 13.14 ? 10  LEU A O   1 
ATOM   70   C CB  . LEU A 1 9   ? 2.613   -6.532  -3.537  1.00 13.74 ? 10  LEU A CB  1 
ATOM   71   C CG  . LEU A 1 9   ? 3.125   -5.434  -4.470  1.00 16.01 ? 10  LEU A CG  1 
ATOM   72   C CD1 . LEU A 1 9   ? 1.958   -4.624  -5.017  1.00 21.51 ? 10  LEU A CD1 1 
ATOM   73   C CD2 . LEU A 1 9   ? 4.075   -4.528  -3.694  1.00 17.26 ? 10  LEU A CD2 1 
ATOM   74   N N   . ASN A 1 10  ? 2.666   -9.692  -3.126  1.00 14.61 ? 11  ASN A N   1 
ATOM   75   C CA  . ASN A 1 10  ? 2.754   -10.796 -2.187  1.00 17.36 ? 11  ASN A CA  1 
ATOM   76   C C   . ASN A 1 10  ? 3.306   -10.270 -0.865  1.00 16.28 ? 11  ASN A C   1 
ATOM   77   O O   . ASN A 1 10  ? 3.980   -9.237  -0.843  1.00 17.41 ? 11  ASN A O   1 
ATOM   78   C CB  . ASN A 1 10  ? 3.695   -11.884 -2.722  1.00 22.22 ? 11  ASN A CB  1 
ATOM   79   C CG  . ASN A 1 10  ? 3.783   -13.073 -1.795  1.00 23.95 ? 11  ASN A CG  1 
ATOM   80   O OD1 . ASN A 1 10  ? 2.768   -13.683 -1.470  1.00 27.64 ? 11  ASN A OD1 1 
ATOM   81   N ND2 . ASN A 1 10  ? 4.990   -13.400 -1.351  1.00 29.43 ? 11  ASN A ND2 1 
ATOM   82   N N   . GLY A 1 11  ? 3.003   -10.962 0.231   1.00 16.71 ? 12  GLY A N   1 
ATOM   83   C CA  . GLY A 1 11  ? 3.534   -10.562 1.523   1.00 16.23 ? 12  GLY A CA  1 
ATOM   84   C C   . GLY A 1 11  ? 2.663   -9.708  2.421   1.00 16.67 ? 12  GLY A C   1 
ATOM   85   O O   . GLY A 1 11  ? 1.734   -9.027  1.980   1.00 15.88 ? 12  GLY A O   1 
ATOM   86   N N   . SER A 1 12  ? 2.984   -9.751  3.708   1.00 15.00 ? 13  SER A N   1 
ATOM   87   C CA  . SER A 1 12  ? 2.273   -8.991  4.716   1.00 15.27 ? 13  SER A CA  1 
ATOM   88   C C   . SER A 1 12  ? 3.123   -7.773  5.055   1.00 13.06 ? 13  SER A C   1 
ATOM   89   O O   . SER A 1 12  ? 4.320   -7.896  5.328   1.00 14.70 ? 13  SER A O   1 
ATOM   90   C CB  . SER A 1 12  ? 2.047   -9.861  5.955   1.00 14.62 ? 13  SER A CB  1 
ATOM   91   O OG  . SER A 1 12  ? 1.391   -9.129  6.968   1.00 24.74 ? 13  SER A OG  1 
ATOM   92   N N   . TYR A 1 13  ? 2.502   -6.600  5.018   1.00 10.78 ? 14  TYR A N   1 
ATOM   93   C CA  . TYR A 1 13  ? 3.202   -5.358  5.314   1.00 9.87  ? 14  TYR A CA  1 
ATOM   94   C C   . TYR A 1 13  ? 2.829   -4.722  6.645   1.00 9.59  ? 14  TYR A C   1 
ATOM   95   O O   . TYR A 1 13  ? 1.785   -5.015  7.232   1.00 10.58 ? 14  TYR A O   1 
ATOM   96   C CB  . TYR A 1 13  ? 2.970   -4.340  4.193   1.00 9.33  ? 14  TYR A CB  1 
ATOM   97   C CG  . TYR A 1 13  ? 3.726   -4.669  2.935   1.00 7.62  ? 14  TYR A CG  1 
ATOM   98   C CD1 . TYR A 1 13  ? 3.238   -5.610  2.028   1.00 9.21  ? 14  TYR A CD1 1 
ATOM   99   C CD2 . TYR A 1 13  ? 4.974   -4.104  2.690   1.00 10.36 ? 14  TYR A CD2 1 
ATOM   100  C CE1 . TYR A 1 13  ? 3.985   -5.984  0.914   1.00 10.10 ? 14  TYR A CE1 1 
ATOM   101  C CE2 . TYR A 1 13  ? 5.724   -4.471  1.582   1.00 9.53  ? 14  TYR A CE2 1 
ATOM   102  C CZ  . TYR A 1 13  ? 5.227   -5.413  0.702   1.00 11.82 ? 14  TYR A CZ  1 
ATOM   103  O OH  . TYR A 1 13  ? 5.990   -5.800  -0.370  1.00 12.07 ? 14  TYR A OH  1 
ATOM   104  N N   . GLY A 1 14  ? 3.707   -3.847  7.122   1.00 10.08 ? 15  GLY A N   1 
ATOM   105  C CA  . GLY A 1 14  ? 3.457   -3.155  8.370   1.00 10.16 ? 15  GLY A CA  1 
ATOM   106  C C   . GLY A 1 14  ? 3.958   -1.732  8.251   1.00 8.40  ? 15  GLY A C   1 
ATOM   107  O O   . GLY A 1 14  ? 4.812   -1.448  7.410   1.00 8.25  ? 15  GLY A O   1 
ATOM   108  N N   . ILE A 1 15  ? 3.418   -0.840  9.078   1.00 8.95  ? 16  ILE A N   1 
ATOM   109  C CA  . ILE A 1 15  ? 3.824   0.563   9.086   1.00 9.58  ? 16  ILE A CA  1 
ATOM   110  C C   . ILE A 1 15  ? 4.542   0.813   10.408  1.00 9.19  ? 16  ILE A C   1 
ATOM   111  O O   . ILE A 1 15  ? 3.907   0.855   11.466  1.00 9.98  ? 16  ILE A O   1 
ATOM   112  C CB  . ILE A 1 15  ? 2.615   1.512   9.036   1.00 10.40 ? 16  ILE A CB  1 
ATOM   113  C CG1 . ILE A 1 15  ? 1.590   1.024   8.007   1.00 15.37 ? 16  ILE A CG1 1 
ATOM   114  C CG2 . ILE A 1 15  ? 3.089   2.918   8.711   1.00 13.47 ? 16  ILE A CG2 1 
ATOM   115  C CD1 . ILE A 1 15  ? 2.090   0.967   6.606   1.00 18.63 ? 16  ILE A CD1 1 
ATOM   116  N N   . ALA A 1 16  ? 5.857   0.970   10.349  1.00 7.84  ? 17  ALA A N   1 
ATOM   117  C CA  . ALA A 1 16  ? 6.618   1.206   11.566  1.00 9.73  ? 17  ALA A CA  1 
ATOM   118  C C   . ALA A 1 16  ? 6.818   2.677   11.868  1.00 10.62 ? 17  ALA A C   1 
ATOM   119  O O   . ALA A 1 16  ? 6.890   3.506   10.963  1.00 9.39  ? 17  ALA A O   1 
ATOM   120  C CB  . ALA A 1 16  ? 7.969   0.508   11.484  1.00 10.44 ? 17  ALA A CB  1 
ATOM   121  N N   . ARG A 1 17  ? 6.884   3.016   13.152  1.00 10.28 ? 18  ARG A N   1 
ATOM   122  C CA  . ARG A 1 17  ? 7.128   4.401   13.510  1.00 11.77 ? 18  ARG A CA  1 
ATOM   123  C C   . ARG A 1 17  ? 8.402   4.498   14.336  1.00 11.62 ? 18  ARG A C   1 
ATOM   124  O O   . ARG A 1 17  ? 8.513   3.888   15.399  1.00 12.33 ? 18  ARG A O   1 
ATOM   125  C CB  . ARG A 1 17  ? 5.969   5.034   14.286  1.00 14.25 ? 18  ARG A CB  1 
ATOM   126  C CG  . ARG A 1 17  ? 6.186   6.543   14.373  1.00 20.28 ? 18  ARG A CG  1 
ATOM   127  C CD  . ARG A 1 17  ? 5.382   7.312   15.397  1.00 24.25 ? 18  ARG A CD  1 
ATOM   128  N NE  . ARG A 1 17  ? 5.845   8.701   15.383  1.00 28.16 ? 18  ARG A NE  1 
ATOM   129  C CZ  . ARG A 1 17  ? 5.350   9.683   16.130  1.00 30.76 ? 18  ARG A CZ  1 
ATOM   130  N NH1 . ARG A 1 17  ? 4.355   9.448   16.975  1.00 32.32 ? 18  ARG A NH1 1 
ATOM   131  N NH2 . ARG A 1 17  ? 5.850   10.909  16.027  1.00 32.03 ? 18  ARG A NH2 1 
ATOM   132  N N   . LEU A 1 18  ? 9.357   5.271   13.826  1.00 10.41 ? 19  LEU A N   1 
ATOM   133  C CA  . LEU A 1 18  ? 10.647  5.483   14.482  1.00 13.60 ? 19  LEU A CA  1 
ATOM   134  C C   . LEU A 1 18  ? 10.800  6.949   14.845  1.00 13.35 ? 19  LEU A C   1 
ATOM   135  O O   . LEU A 1 18  ? 9.986   7.776   14.436  1.00 15.89 ? 19  LEU A O   1 
ATOM   136  C CB  . LEU A 1 18  ? 11.799  5.097   13.551  1.00 12.67 ? 19  LEU A CB  1 
ATOM   137  C CG  . LEU A 1 18  ? 12.095  3.603   13.427  1.00 15.19 ? 19  LEU A CG  1 
ATOM   138  C CD1 . LEU A 1 18  ? 10.919  2.986   12.714  1.00 16.77 ? 19  LEU A CD1 1 
ATOM   139  C CD2 . LEU A 1 18  ? 13.401  3.320   12.664  1.00 15.31 ? 19  LEU A CD2 1 
ATOM   140  N N   . SER A 1 19  ? 11.856  7.260   15.596  1.00 14.00 ? 20  SER A N   1 
ATOM   141  C CA  . SER A 1 19  ? 12.152  8.627   16.017  1.00 15.81 ? 20  SER A CA  1 
ATOM   142  C C   . SER A 1 19  ? 12.451  9.525   14.818  1.00 14.25 ? 20  SER A C   1 
ATOM   143  O O   . SER A 1 19  ? 13.163  9.135   13.890  1.00 12.90 ? 20  SER A O   1 
ATOM   144  C CB  . SER A 1 19  ? 13.353  8.631   16.981  1.00 18.04 ? 20  SER A CB  1 
ATOM   145  O OG  . SER A 1 19  ? 13.689  9.949   17.387  1.00 26.13 ? 20  SER A OG  1 
ATOM   146  N N   . ALA A 1 20  ? 11.919  10.741  14.854  1.00 14.13 ? 21  ALA A N   1 
ATOM   147  C CA  . ALA A 1 20  ? 12.119  11.701  13.777  1.00 14.43 ? 21  ALA A CA  1 
ATOM   148  C C   . ALA A 1 20  ? 13.580  11.924  13.386  1.00 14.63 ? 21  ALA A C   1 
ATOM   149  O O   . ALA A 1 20  ? 13.870  12.230  12.232  1.00 16.37 ? 21  ALA A O   1 
ATOM   150  C CB  . ALA A 1 20  ? 11.475  13.034  14.145  1.00 16.26 ? 21  ALA A CB  1 
ATOM   151  N N   . SER A 1 21  ? 14.504  11.769  14.331  1.00 15.22 ? 22  SER A N   1 
ATOM   152  C CA  . SER A 1 21  ? 15.916  11.996  14.027  1.00 15.52 ? 22  SER A CA  1 
ATOM   153  C C   . SER A 1 21  ? 16.770  10.748  13.878  1.00 14.56 ? 22  SER A C   1 
ATOM   154  O O   . SER A 1 21  ? 17.964  10.837  13.598  1.00 15.44 ? 22  SER A O   1 
ATOM   155  C CB  . SER A 1 21  ? 16.540  12.902  15.084  1.00 16.75 ? 22  SER A CB  1 
ATOM   156  O OG  . SER A 1 21  ? 16.095  14.232  14.913  1.00 21.59 ? 22  SER A OG  1 
ATOM   157  N N   . GLU A 1 22  ? 16.152  9.587   14.048  1.00 13.33 ? 23  GLU A N   1 
ATOM   158  C CA  . GLU A 1 22  ? 16.859  8.321   13.952  1.00 13.07 ? 23  GLU A CA  1 
ATOM   159  C C   . GLU A 1 22  ? 17.355  8.042   12.536  1.00 12.58 ? 23  GLU A C   1 
ATOM   160  O O   . GLU A 1 22  ? 16.714  8.423   11.560  1.00 13.55 ? 23  GLU A O   1 
ATOM   161  C CB  . GLU A 1 22  ? 15.927  7.197   14.403  1.00 17.81 ? 23  GLU A CB  1 
ATOM   162  C CG  . GLU A 1 22  ? 16.606  5.873   14.640  1.00 21.95 ? 23  GLU A CG  1 
ATOM   163  C CD  . GLU A 1 22  ? 15.651  4.838   15.200  1.00 19.14 ? 23  GLU A CD  1 
ATOM   164  O OE1 . GLU A 1 22  ? 14.538  5.219   15.638  1.00 20.37 ? 23  GLU A OE1 1 
ATOM   165  O OE2 . GLU A 1 22  ? 16.022  3.649   15.212  1.00 22.99 ? 23  GLU A OE2 1 
ATOM   166  N N   . ALA A 1 23  ? 18.500  7.378   12.423  1.00 12.21 ? 24  ALA A N   1 
ATOM   167  C CA  . ALA A 1 23  ? 19.032  7.046   11.106  1.00 11.20 ? 24  ALA A CA  1 
ATOM   168  C C   . ALA A 1 23  ? 18.134  5.971   10.504  1.00 11.84 ? 24  ALA A C   1 
ATOM   169  O O   . ALA A 1 23  ? 17.422  5.271   11.229  1.00 12.38 ? 24  ALA A O   1 
ATOM   170  C CB  . ALA A 1 23  ? 20.460  6.526   11.228  1.00 13.75 ? 24  ALA A CB  1 
ATOM   171  N N   . ILE A 1 24  ? 18.146  5.852   9.183   1.00 11.79 ? 25  ILE A N   1 
ATOM   172  C CA  . ILE A 1 24  ? 17.341  4.827   8.534   1.00 11.44 ? 25  ILE A CA  1 
ATOM   173  C C   . ILE A 1 24  ? 17.925  3.491   8.981   1.00 12.04 ? 25  ILE A C   1 
ATOM   174  O O   . ILE A 1 24  ? 19.120  3.243   8.810   1.00 12.64 ? 25  ILE A O   1 
ATOM   175  C CB  . ILE A 1 24  ? 17.423  4.941   6.996   1.00 10.72 ? 25  ILE A CB  1 
ATOM   176  C CG1 . ILE A 1 24  ? 16.858  6.290   6.545   1.00 12.75 ? 25  ILE A CG1 1 
ATOM   177  C CG2 . ILE A 1 24  ? 16.658  3.785   6.348   1.00 9.58  ? 25  ILE A CG2 1 
ATOM   178  C CD1 . ILE A 1 24  ? 16.927  6.529   5.038   1.00 12.61 ? 25  ILE A CD1 1 
ATOM   179  N N   . PRO A 1 25  ? 17.094  2.617   9.572   1.00 13.14 ? 26  PRO A N   1 
ATOM   180  C CA  . PRO A 1 25  ? 17.572  1.313   10.035  1.00 12.70 ? 26  PRO A CA  1 
ATOM   181  C C   . PRO A 1 25  ? 17.992  0.395   8.895   1.00 12.39 ? 26  PRO A C   1 
ATOM   182  O O   . PRO A 1 25  ? 17.504  0.519   7.768   1.00 13.07 ? 26  PRO A O   1 
ATOM   183  C CB  . PRO A 1 25  ? 16.378  0.769   10.816  1.00 13.55 ? 26  PRO A CB  1 
ATOM   184  C CG  . PRO A 1 25  ? 15.217  1.328   10.049  1.00 15.49 ? 26  PRO A CG  1 
ATOM   185  C CD  . PRO A 1 25  ? 15.650  2.764   9.829   1.00 12.39 ? 26  PRO A CD  1 
ATOM   186  N N   . ALA A 1 26  ? 18.901  -0.526  9.203   1.00 13.26 ? 27  ALA A N   1 
ATOM   187  C CA  . ALA A 1 26  ? 19.411  -1.468  8.219   1.00 14.63 ? 27  ALA A CA  1 
ATOM   188  C C   . ALA A 1 26  ? 18.336  -2.420  7.715   1.00 14.17 ? 27  ALA A C   1 
ATOM   189  O O   . ALA A 1 26  ? 18.456  -2.971  6.625   1.00 14.82 ? 27  ALA A O   1 
ATOM   190  C CB  . ALA A 1 26  ? 20.564  -2.264  8.815   1.00 16.79 ? 27  ALA A CB  1 
ATOM   191  N N   . TRP A 1 27  ? 17.287  -2.613  8.508   1.00 12.38 ? 28  TRP A N   1 
ATOM   192  C CA  . TRP A 1 27  ? 16.214  -3.522  8.124   1.00 12.42 ? 28  TRP A CA  1 
ATOM   193  C C   . TRP A 1 27  ? 15.147  -2.899  7.232   1.00 12.12 ? 28  TRP A C   1 
ATOM   194  O O   . TRP A 1 27  ? 14.282  -3.605  6.720   1.00 13.16 ? 28  TRP A O   1 
ATOM   195  C CB  . TRP A 1 27  ? 15.533  -4.100  9.371   1.00 11.25 ? 28  TRP A CB  1 
ATOM   196  C CG  . TRP A 1 27  ? 15.017  -3.075  10.343  1.00 11.40 ? 28  TRP A CG  1 
ATOM   197  C CD1 . TRP A 1 27  ? 15.615  -2.673  11.500  1.00 10.89 ? 28  TRP A CD1 1 
ATOM   198  C CD2 . TRP A 1 27  ? 13.794  -2.334  10.246  1.00 11.06 ? 28  TRP A CD2 1 
ATOM   199  N NE1 . TRP A 1 27  ? 14.843  -1.730  12.135  1.00 11.48 ? 28  TRP A NE1 1 
ATOM   200  C CE2 . TRP A 1 27  ? 13.718  -1.503  11.387  1.00 11.13 ? 28  TRP A CE2 1 
ATOM   201  C CE3 . TRP A 1 27  ? 12.753  -2.291  9.305   1.00 10.80 ? 28  TRP A CE3 1 
ATOM   202  C CZ2 . TRP A 1 27  ? 12.641  -0.636  11.617  1.00 11.60 ? 28  TRP A CZ2 1 
ATOM   203  C CZ3 . TRP A 1 27  ? 11.685  -1.429  9.532   1.00 12.06 ? 28  TRP A CZ3 1 
ATOM   204  C CH2 . TRP A 1 27  ? 11.638  -0.613  10.681  1.00 12.08 ? 28  TRP A CH2 1 
ATOM   205  N N   . ALA A 1 28  ? 15.210  -1.586  7.037   1.00 13.30 ? 29  ALA A N   1 
ATOM   206  C CA  . ALA A 1 28  ? 14.204  -0.892  6.239   1.00 15.55 ? 29  ALA A CA  1 
ATOM   207  C C   . ALA A 1 28  ? 14.199  -1.254  4.763   1.00 17.42 ? 29  ALA A C   1 
ATOM   208  O O   . ALA A 1 28  ? 13.185  -1.710  4.229   1.00 16.18 ? 29  ALA A O   1 
ATOM   209  C CB  . ALA A 1 28  ? 14.362  0.614   6.398   1.00 14.01 ? 29  ALA A CB  1 
ATOM   210  N N   . ASP A 1 29  ? 15.328  -1.043  4.098   1.00 20.24 ? 30  ASP A N   1 
ATOM   211  C CA  . ASP A 1 29  ? 15.415  -1.341  2.682   1.00 26.53 ? 30  ASP A CA  1 
ATOM   212  C C   . ASP A 1 29  ? 15.712  -2.820  2.469   1.00 27.78 ? 30  ASP A C   1 
ATOM   213  O O   . ASP A 1 29  ? 16.618  -3.387  3.085   1.00 30.68 ? 30  ASP A O   1 
ATOM   214  C CB  . ASP A 1 29  ? 16.492  -0.469  2.032   1.00 29.85 ? 30  ASP A CB  1 
ATOM   215  C CG  . ASP A 1 29  ? 16.313  -0.349  0.535   1.00 33.48 ? 30  ASP A CG  1 
ATOM   216  O OD1 . ASP A 1 29  ? 15.708  -1.264  -0.061  1.00 36.45 ? 30  ASP A OD1 1 
ATOM   217  O OD2 . ASP A 1 29  ? 16.783  0.649   -0.046  1.00 36.39 ? 30  ASP A OD2 1 
ATOM   218  N N   . GLY A 1 30  ? 14.939  -3.439  1.587   1.00 28.87 ? 31  GLY A N   1 
ATOM   219  C CA  . GLY A 1 30  ? 15.123  -4.846  1.292   1.00 24.89 ? 31  GLY A CA  1 
ATOM   220  C C   . GLY A 1 30  ? 14.230  -5.170  0.119   1.00 23.23 ? 31  GLY A C   1 
ATOM   221  O O   . GLY A 1 30  ? 13.946  -4.300  -0.709  1.00 23.85 ? 31  GLY A O   1 
ATOM   222  N N   . GLY A 1 31  ? 13.780  -6.413  0.039   1.00 19.96 ? 32  GLY A N   1 
ATOM   223  C CA  . GLY A 1 31  ? 12.912  -6.795  -1.056  1.00 17.67 ? 32  GLY A CA  1 
ATOM   224  C C   . GLY A 1 31  ? 11.487  -6.335  -0.820  1.00 16.00 ? 32  GLY A C   1 
ATOM   225  O O   . GLY A 1 31  ? 11.112  -5.997  0.306   1.00 16.63 ? 32  GLY A O   1 
ATOM   226  N N   . GLY A 1 32  ? 10.692  -6.323  -1.884  1.00 14.70 ? 33  GLY A N   1 
ATOM   227  C CA  . GLY A 1 32  ? 9.307   -5.908  -1.773  1.00 12.96 ? 33  GLY A CA  1 
ATOM   228  C C   . GLY A 1 32  ? 9.124   -4.404  -1.825  1.00 11.47 ? 33  GLY A C   1 
ATOM   229  O O   . GLY A 1 32  ? 10.018  -3.671  -2.245  1.00 14.71 ? 33  GLY A O   1 
ATOM   230  N N   . PHE A 1 33  ? 7.953   -3.950  -1.395  1.00 10.21 ? 34  PHE A N   1 
ATOM   231  C CA  . PHE A 1 33  ? 7.629   -2.529  -1.381  1.00 9.13  ? 34  PHE A CA  1 
ATOM   232  C C   . PHE A 1 33  ? 8.229   -1.890  -0.135  1.00 8.49  ? 34  PHE A C   1 
ATOM   233  O O   . PHE A 1 33  ? 8.076   -2.409  0.968   1.00 8.94  ? 34  PHE A O   1 
ATOM   234  C CB  . PHE A 1 33  ? 6.111   -2.338  -1.374  1.00 10.21 ? 34  PHE A CB  1 
ATOM   235  C CG  . PHE A 1 33  ? 5.676   -0.900  -1.318  1.00 10.29 ? 34  PHE A CG  1 
ATOM   236  C CD1 . PHE A 1 33  ? 5.683   -0.105  -2.460  1.00 10.92 ? 34  PHE A CD1 1 
ATOM   237  C CD2 . PHE A 1 33  ? 5.257   -0.340  -0.117  1.00 9.87  ? 34  PHE A CD2 1 
ATOM   238  C CE1 . PHE A 1 33  ? 5.279   1.222   -2.405  1.00 9.60  ? 34  PHE A CE1 1 
ATOM   239  C CE2 . PHE A 1 33  ? 4.850   0.996   -0.052  1.00 9.99  ? 34  PHE A CE2 1 
ATOM   240  C CZ  . PHE A 1 33  ? 4.861   1.774   -1.196  1.00 10.27 ? 34  PHE A CZ  1 
ATOM   241  N N   . VAL A 1 34  ? 8.917   -0.768  -0.323  1.00 6.60  ? 35  VAL A N   1 
ATOM   242  C CA  . VAL A 1 34  ? 9.541   -0.047  0.782   1.00 7.91  ? 35  VAL A CA  1 
ATOM   243  C C   . VAL A 1 34  ? 9.263   1.447   0.674   1.00 8.36  ? 35  VAL A C   1 
ATOM   244  O O   . VAL A 1 34  ? 9.490   2.049   -0.373  1.00 10.40 ? 35  VAL A O   1 
ATOM   245  C CB  . VAL A 1 34  ? 11.072  -0.242  0.779   1.00 8.04  ? 35  VAL A CB  1 
ATOM   246  C CG1 . VAL A 1 34  ? 11.708  0.540   1.924   1.00 11.61 ? 35  VAL A CG1 1 
ATOM   247  C CG2 . VAL A 1 34  ? 11.402  -1.717  0.880   1.00 8.19  ? 35  VAL A CG2 1 
ATOM   248  N N   . SER A 1 35  ? 8.762   2.045   1.749   1.00 7.27  ? 36  SER A N   1 
ATOM   249  C CA  . SER A 1 35  ? 8.511   3.478   1.750   1.00 5.98  ? 36  SER A CA  1 
ATOM   250  C C   . SER A 1 35  ? 9.010   4.047   3.065   1.00 8.17  ? 36  SER A C   1 
ATOM   251  O O   . SER A 1 35  ? 8.454   3.765   4.123   1.00 7.54  ? 36  SER A O   1 
ATOM   252  C CB  . SER A 1 35  ? 7.021   3.788   1.579   1.00 6.78  ? 36  SER A CB  1 
ATOM   253  O OG  . SER A 1 35  ? 6.836   5.183   1.394   1.00 7.53  ? 36  SER A OG  1 
ATOM   254  N N   . ILE A 1 36  ? 10.076  4.833   2.977   1.00 6.83  ? 37  ILE A N   1 
ATOM   255  C CA  . ILE A 1 36  ? 10.710  5.469   4.129   1.00 6.44  ? 37  ILE A CA  1 
ATOM   256  C C   . ILE A 1 36  ? 10.431  6.968   4.050   1.00 6.22  ? 37  ILE A C   1 
ATOM   257  O O   . ILE A 1 36  ? 10.940  7.656   3.155   1.00 6.01  ? 37  ILE A O   1 
ATOM   258  C CB  . ILE A 1 36  ? 12.230  5.233   4.091   1.00 7.64  ? 37  ILE A CB  1 
ATOM   259  C CG1 . ILE A 1 36  ? 12.521  3.729   4.072   1.00 8.18  ? 37  ILE A CG1 1 
ATOM   260  C CG2 . ILE A 1 36  ? 12.898  5.920   5.284   1.00 8.75  ? 37  ILE A CG2 1 
ATOM   261  C CD1 . ILE A 1 36  ? 13.899  3.373   3.525   1.00 7.66  ? 37  ILE A CD1 1 
ATOM   262  N N   . THR A 1 37  ? 9.628   7.482   4.977   1.00 5.92  ? 38  THR A N   1 
ATOM   263  C CA  . THR A 1 37  ? 9.276   8.892   4.964   1.00 5.47  ? 38  THR A CA  1 
ATOM   264  C C   . THR A 1 37  ? 9.641   9.605   6.261   1.00 6.33  ? 38  THR A C   1 
ATOM   265  O O   . THR A 1 37  ? 9.223   9.199   7.348   1.00 7.84  ? 38  THR A O   1 
ATOM   266  C CB  . THR A 1 37  ? 7.764   9.052   4.669   1.00 5.85  ? 38  THR A CB  1 
ATOM   267  O OG1 . THR A 1 37  ? 7.489   8.490   3.380   1.00 7.93  ? 38  THR A OG1 1 
ATOM   268  C CG2 . THR A 1 37  ? 7.347   10.520  4.663   1.00 7.50  ? 38  THR A CG2 1 
ATOM   269  N N   . ARG A 1 38  ? 10.439  10.661  6.141   1.00 6.54  ? 39  ARG A N   1 
ATOM   270  C CA  . ARG A 1 38  ? 10.836  11.429  7.309   1.00 7.84  ? 39  ARG A CA  1 
ATOM   271  C C   . ARG A 1 38  ? 10.158  12.793  7.268   1.00 11.13 ? 39  ARG A C   1 
ATOM   272  O O   . ARG A 1 38  ? 10.170  13.479  6.241   1.00 10.54 ? 39  ARG A O   1 
ATOM   273  C CB  . ARG A 1 38  ? 12.359  11.597  7.361   1.00 7.49  ? 39  ARG A CB  1 
ATOM   274  C CG  . ARG A 1 38  ? 12.864  12.130  8.704   1.00 7.68  ? 39  ARG A CG  1 
ATOM   275  C CD  . ARG A 1 38  ? 14.340  12.481  8.663   1.00 8.43  ? 39  ARG A CD  1 
ATOM   276  N NE  . ARG A 1 38  ? 15.202  11.331  8.400   1.00 8.65  ? 39  ARG A NE  1 
ATOM   277  C CZ  . ARG A 1 38  ? 15.503  10.389  9.287   1.00 8.85  ? 39  ARG A CZ  1 
ATOM   278  N NH1 . ARG A 1 38  ? 15.009  10.443  10.520  1.00 9.99  ? 39  ARG A NH1 1 
ATOM   279  N NH2 . ARG A 1 38  ? 16.309  9.392   8.944   1.00 10.09 ? 39  ARG A NH2 1 
ATOM   280  N N   . THR A 1 39  ? 9.545   13.165  8.389   1.00 12.70 ? 40  THR A N   1 
ATOM   281  C CA  . THR A 1 39  ? 8.860   14.444  8.511   1.00 14.46 ? 40  THR A CA  1 
ATOM   282  C C   . THR A 1 39  ? 9.423   15.147  9.738   1.00 17.55 ? 40  THR A C   1 
ATOM   283  O O   . THR A 1 39  ? 10.347  14.644  10.376  1.00 16.90 ? 40  THR A O   1 
ATOM   284  C CB  . THR A 1 39  ? 7.329   14.263  8.679   1.00 14.36 ? 40  THR A CB  1 
ATOM   285  O OG1 . THR A 1 39  ? 7.040   13.771  9.991   1.00 15.67 ? 40  THR A OG1 1 
ATOM   286  C CG2 . THR A 1 39  ? 6.795   13.274  7.649   1.00 14.31 ? 40  THR A CG2 1 
ATOM   287  N N   . ASP A 1 40  ? 8.861   16.298  10.075  1.00 21.55 ? 41  ASP A N   1 
ATOM   288  C CA  . ASP A 1 40  ? 9.346   17.052  11.222  1.00 24.37 ? 41  ASP A CA  1 
ATOM   289  C C   . ASP A 1 40  ? 8.955   16.400  12.545  1.00 24.55 ? 41  ASP A C   1 
ATOM   290  O O   . ASP A 1 40  ? 9.397   16.835  13.610  1.00 26.49 ? 41  ASP A O   1 
ATOM   291  C CB  . ASP A 1 40  ? 8.814   18.487  11.158  1.00 27.89 ? 41  ASP A CB  1 
ATOM   292  C CG  . ASP A 1 40  ? 7.317   18.569  11.390  1.00 32.15 ? 41  ASP A CG  1 
ATOM   293  O OD1 . ASP A 1 40  ? 6.602   17.600  11.054  1.00 35.66 ? 41  ASP A OD1 1 
ATOM   294  O OD2 . ASP A 1 40  ? 6.855   19.614  11.900  1.00 35.21 ? 41  ASP A OD2 1 
ATOM   295  N N   . ASP A 1 41  ? 8.146   15.347  12.478  1.00 23.09 ? 42  ASP A N   1 
ATOM   296  C CA  . ASP A 1 41  ? 7.695   14.666  13.686  1.00 22.29 ? 42  ASP A CA  1 
ATOM   297  C C   . ASP A 1 41  ? 7.897   13.159  13.726  1.00 19.64 ? 42  ASP A C   1 
ATOM   298  O O   . ASP A 1 41  ? 7.750   12.556  14.786  1.00 17.60 ? 42  ASP A O   1 
ATOM   299  C CB  . ASP A 1 41  ? 6.205   14.936  13.926  1.00 27.07 ? 42  ASP A CB  1 
ATOM   300  C CG  . ASP A 1 41  ? 5.909   16.389  14.238  1.00 30.04 ? 42  ASP A CG  1 
ATOM   301  O OD1 . ASP A 1 41  ? 6.859   17.148  14.528  1.00 32.89 ? 42  ASP A OD1 1 
ATOM   302  O OD2 . ASP A 1 41  ? 4.720   16.769  14.204  1.00 32.53 ? 42  ASP A OD2 1 
ATOM   303  N N   . GLU A 1 42  ? 8.227   12.539  12.595  1.00 16.89 ? 43  GLU A N   1 
ATOM   304  C CA  . GLU A 1 42  ? 8.380   11.085  12.583  1.00 14.31 ? 43  GLU A CA  1 
ATOM   305  C C   . GLU A 1 42  ? 9.259   10.551  11.458  1.00 12.06 ? 43  GLU A C   1 
ATOM   306  O O   . GLU A 1 42  ? 9.593   11.263  10.505  1.00 10.37 ? 43  GLU A O   1 
ATOM   307  C CB  . GLU A 1 42  ? 6.994   10.423  12.427  1.00 15.82 ? 43  GLU A CB  1 
ATOM   308  C CG  . GLU A 1 42  ? 6.554   10.324  10.948  1.00 14.13 ? 43  GLU A CG  1 
ATOM   309  C CD  . GLU A 1 42  ? 5.087   9.955   10.731  1.00 12.12 ? 43  GLU A CD  1 
ATOM   310  O OE1 . GLU A 1 42  ? 4.657   8.849   11.140  1.00 10.68 ? 43  GLU A OE1 1 
ATOM   311  O OE2 . GLU A 1 42  ? 4.367   10.779  10.128  1.00 11.90 ? 43  GLU A OE2 1 
ATOM   312  N N   . LEU A 1 43  ? 9.630   9.282   11.598  1.00 11.10 ? 44  LEU A N   1 
ATOM   313  C CA  . LEU A 1 43  ? 10.363  8.547   10.574  1.00 10.74 ? 44  LEU A CA  1 
ATOM   314  C C   . LEU A 1 43  ? 9.452   7.332   10.424  1.00 10.28 ? 44  LEU A C   1 
ATOM   315  O O   . LEU A 1 43  ? 9.410   6.449   11.287  1.00 13.32 ? 44  LEU A O   1 
ATOM   316  C CB  . LEU A 1 43  ? 11.755  8.114   11.031  1.00 11.08 ? 44  LEU A CB  1 
ATOM   317  C CG  . LEU A 1 43  ? 12.436  7.197   10.004  1.00 11.13 ? 44  LEU A CG  1 
ATOM   318  C CD1 . LEU A 1 43  ? 12.589  7.922   8.677   1.00 11.25 ? 44  LEU A CD1 1 
ATOM   319  C CD2 . LEU A 1 43  ? 13.791  6.745   10.513  1.00 13.11 ? 44  LEU A CD2 1 
ATOM   320  N N   . SER A 1 44  ? 8.693   7.318   9.336   1.00 8.58  ? 45  SER A N   1 
ATOM   321  C CA  . SER A 1 44  ? 7.732   6.259   9.060   1.00 7.79  ? 45  SER A CA  1 
ATOM   322  C C   . SER A 1 44  ? 8.300   5.280   8.046   1.00 9.61  ? 45  SER A C   1 
ATOM   323  O O   . SER A 1 44  ? 8.874   5.694   7.050   1.00 8.88  ? 45  SER A O   1 
ATOM   324  C CB  . SER A 1 44  ? 6.444   6.894   8.528   1.00 8.39  ? 45  SER A CB  1 
ATOM   325  O OG  . SER A 1 44  ? 5.464   5.925   8.216   1.00 8.47  ? 45  SER A OG  1 
ATOM   326  N N   . ILE A 1 45  ? 8.141   3.986   8.300   1.00 7.16  ? 46  ILE A N   1 
ATOM   327  C CA  . ILE A 1 45  ? 8.657   2.977   7.382   1.00 7.57  ? 46  ILE A CA  1 
ATOM   328  C C   . ILE A 1 45  ? 7.652   1.882   7.054   1.00 6.98  ? 46  ILE A C   1 
ATOM   329  O O   . ILE A 1 45  ? 7.164   1.184   7.941   1.00 6.98  ? 46  ILE A O   1 
ATOM   330  C CB  . ILE A 1 45  ? 9.933   2.306   7.950   1.00 7.69  ? 46  ILE A CB  1 
ATOM   331  C CG1 . ILE A 1 45  ? 11.032  3.361   8.125   1.00 10.37 ? 46  ILE A CG1 1 
ATOM   332  C CG2 . ILE A 1 45  ? 10.385  1.168   7.031   1.00 9.83  ? 46  ILE A CG2 1 
ATOM   333  C CD1 . ILE A 1 45  ? 12.292  2.845   8.790   1.00 14.03 ? 46  ILE A CD1 1 
ATOM   334  N N   . VAL A 1 46  ? 7.334   1.742   5.771   1.00 6.69  ? 47  VAL A N   1 
ATOM   335  C CA  . VAL A 1 46  ? 6.441   0.683   5.330   1.00 7.66  ? 47  VAL A CA  1 
ATOM   336  C C   . VAL A 1 46  ? 7.327   -0.358  4.662   1.00 8.22  ? 47  VAL A C   1 
ATOM   337  O O   . VAL A 1 46  ? 8.117   -0.027  3.781   1.00 7.75  ? 47  VAL A O   1 
ATOM   338  C CB  . VAL A 1 46  ? 5.422   1.175   4.286   1.00 8.18  ? 47  VAL A CB  1 
ATOM   339  C CG1 . VAL A 1 46  ? 4.552   0.009   3.817   1.00 6.55  ? 47  VAL A CG1 1 
ATOM   340  C CG2 . VAL A 1 46  ? 4.570   2.280   4.879   1.00 9.02  ? 47  VAL A CG2 1 
ATOM   341  N N   . CYS A 1 47  ? 7.216   -1.608  5.095   1.00 6.28  ? 48  CYS A N   1 
ATOM   342  C CA  . CYS A 1 47  ? 7.993   -2.689  4.504   1.00 8.34  ? 48  CYS A CA  1 
ATOM   343  C C   . CYS A 1 47  ? 7.424   -4.014  4.976   1.00 9.48  ? 48  CYS A C   1 
ATOM   344  O O   . CYS A 1 47  ? 6.502   -4.044  5.789   1.00 8.26  ? 48  CYS A O   1 
ATOM   345  C CB  . CYS A 1 47  ? 9.475   -2.579  4.891   1.00 9.81  ? 48  CYS A CB  1 
ATOM   346  S SG  . CYS A 1 47  ? 9.880   -2.855  6.629   1.00 9.89  ? 48  CYS A SG  1 
ATOM   347  N N   . LEU A 1 48  ? 7.961   -5.108  4.452   1.00 10.37 ? 49  LEU A N   1 
ATOM   348  C CA  . LEU A 1 48  ? 7.487   -6.426  4.846   1.00 10.97 ? 49  LEU A CA  1 
ATOM   349  C C   . LEU A 1 48  ? 7.630   -6.576  6.356   1.00 11.98 ? 49  LEU A C   1 
ATOM   350  O O   . LEU A 1 48  ? 8.684   -6.293  6.924   1.00 10.25 ? 49  LEU A O   1 
ATOM   351  C CB  . LEU A 1 48  ? 8.279   -7.508  4.106   1.00 10.76 ? 49  LEU A CB  1 
ATOM   352  C CG  . LEU A 1 48  ? 7.953   -7.599  2.611   1.00 12.44 ? 49  LEU A CG  1 
ATOM   353  C CD1 . LEU A 1 48  ? 8.920   -8.538  1.910   1.00 13.06 ? 49  LEU A CD1 1 
ATOM   354  C CD2 . LEU A 1 48  ? 6.521   -8.087  2.443   1.00 13.34 ? 49  LEU A CD2 1 
ATOM   355  N N   . ILE A 1 49  ? 6.545   -7.002  7.000   1.00 12.82 ? 50  ILE A N   1 
ATOM   356  C CA  . ILE A 1 49  ? 6.504   -7.188  8.447   1.00 15.26 ? 50  ILE A CA  1 
ATOM   357  C C   . ILE A 1 49  ? 7.655   -8.037  8.972   1.00 16.07 ? 50  ILE A C   1 
ATOM   358  O O   . ILE A 1 49  ? 8.152   -7.807  10.075  1.00 16.20 ? 50  ILE A O   1 
ATOM   359  C CB  . ILE A 1 49  ? 5.184   -7.854  8.879   1.00 17.23 ? 50  ILE A CB  1 
ATOM   360  C CG1 . ILE A 1 49  ? 4.000   -6.980  8.463   1.00 15.86 ? 50  ILE A CG1 1 
ATOM   361  C CG2 . ILE A 1 49  ? 5.177   -8.068  10.381  1.00 18.86 ? 50  ILE A CG2 1 
ATOM   362  C CD1 . ILE A 1 49  ? 2.641   -7.522  8.913   1.00 18.48 ? 50  ILE A CD1 1 
ATOM   363  N N   . ASP A 1 50  ? 8.068   -9.016  8.178   1.00 17.24 ? 51  ASP A N   1 
ATOM   364  C CA  . ASP A 1 50  ? 9.154   -9.912  8.559   1.00 18.60 ? 51  ASP A CA  1 
ATOM   365  C C   . ASP A 1 50  ? 10.424  -9.176  8.968   1.00 17.83 ? 51  ASP A C   1 
ATOM   366  O O   . ASP A 1 50  ? 11.184  -9.662  9.808   1.00 17.75 ? 51  ASP A O   1 
ATOM   367  C CB  . ASP A 1 50  ? 9.482   -10.863 7.406   1.00 21.82 ? 51  ASP A CB  1 
ATOM   368  C CG  . ASP A 1 50  ? 8.297   -11.705 6.990   1.00 26.17 ? 51  ASP A CG  1 
ATOM   369  O OD1 . ASP A 1 50  ? 7.655   -12.308 7.877   1.00 29.36 ? 51  ASP A OD1 1 
ATOM   370  O OD2 . ASP A 1 50  ? 8.015   -11.777 5.773   1.00 29.68 ? 51  ASP A OD2 1 
ATOM   371  N N   . ARG A 1 51  ? 10.654  -8.009  8.375   1.00 14.75 ? 52  ARG A N   1 
ATOM   372  C CA  . ARG A 1 51  ? 11.851  -7.226  8.676   1.00 14.35 ? 52  ARG A CA  1 
ATOM   373  C C   . ARG A 1 51  ? 11.697  -6.235  9.824   1.00 13.71 ? 52  ARG A C   1 
ATOM   374  O O   . ARG A 1 51  ? 12.682  -5.645  10.262  1.00 13.34 ? 52  ARG A O   1 
ATOM   375  C CB  . ARG A 1 51  ? 12.313  -6.459  7.431   1.00 12.68 ? 52  ARG A CB  1 
ATOM   376  C CG  . ARG A 1 51  ? 12.711  -7.335  6.258   1.00 14.54 ? 52  ARG A CG  1 
ATOM   377  C CD  . ARG A 1 51  ? 13.792  -6.670  5.423   1.00 14.23 ? 52  ARG A CD  1 
ATOM   378  N NE  . ARG A 1 51  ? 13.355  -5.442  4.758   1.00 15.04 ? 52  ARG A NE  1 
ATOM   379  C CZ  . ARG A 1 51  ? 12.552  -5.401  3.697   1.00 16.43 ? 52  ARG A CZ  1 
ATOM   380  N NH1 . ARG A 1 51  ? 12.082  -6.523  3.168   1.00 15.01 ? 52  ARG A NH1 1 
ATOM   381  N NH2 . ARG A 1 51  ? 12.239  -4.236  3.147   1.00 15.23 ? 52  ARG A NH2 1 
ATOM   382  N N   . ILE A 1 52  ? 10.476  -6.036  10.307  1.00 14.07 ? 53  ILE A N   1 
ATOM   383  C CA  . ILE A 1 52  ? 10.259  -5.086  11.392  1.00 15.09 ? 53  ILE A CA  1 
ATOM   384  C C   . ILE A 1 52  ? 10.526  -5.738  12.746  1.00 15.50 ? 53  ILE A C   1 
ATOM   385  O O   . ILE A 1 52  ? 9.870   -6.715  13.112  1.00 15.32 ? 53  ILE A O   1 
ATOM   386  C CB  . ILE A 1 52  ? 8.825   -4.526  11.351  1.00 15.35 ? 53  ILE A CB  1 
ATOM   387  C CG1 . ILE A 1 52  ? 8.564   -3.899  9.976   1.00 17.01 ? 53  ILE A CG1 1 
ATOM   388  C CG2 . ILE A 1 52  ? 8.642   -3.478  12.442  1.00 20.61 ? 53  ILE A CG2 1 
ATOM   389  C CD1 . ILE A 1 52  ? 7.124   -3.489  9.736   1.00 21.42 ? 53  ILE A CD1 1 
ATOM   390  N N   . PRO A 1 53  ? 11.512  -5.213  13.497  1.00 16.63 ? 54  PRO A N   1 
ATOM   391  C CA  . PRO A 1 53  ? 11.908  -5.710  14.821  1.00 18.39 ? 54  PRO A CA  1 
ATOM   392  C C   . PRO A 1 53  ? 10.823  -5.562  15.887  1.00 18.20 ? 54  PRO A C   1 
ATOM   393  O O   . PRO A 1 53  ? 9.902   -4.756  15.748  1.00 19.18 ? 54  PRO A O   1 
ATOM   394  C CB  . PRO A 1 53  ? 13.146  -4.873  15.149  1.00 18.47 ? 54  PRO A CB  1 
ATOM   395  C CG  . PRO A 1 53  ? 13.704  -4.543  13.806  1.00 19.83 ? 54  PRO A CG  1 
ATOM   396  C CD  . PRO A 1 53  ? 12.460  -4.185  13.034  1.00 18.26 ? 54  PRO A CD  1 
ATOM   397  N N   . GLN A 1 54  ? 10.959  -6.331  16.965  1.00 20.07 ? 55  GLN A N   1 
ATOM   398  C CA  . GLN A 1 54  ? 9.993   -6.318  18.065  1.00 21.32 ? 55  GLN A CA  1 
ATOM   399  C C   . GLN A 1 54  ? 10.128  -5.118  19.006  1.00 21.35 ? 55  GLN A C   1 
ATOM   400  O O   . GLN A 1 54  ? 9.275   -4.908  19.869  1.00 21.94 ? 55  GLN A O   1 
ATOM   401  C CB  . GLN A 1 54  ? 10.121  -7.604  18.885  1.00 24.35 ? 55  GLN A CB  1 
ATOM   402  C CG  . GLN A 1 54  ? 9.821   -8.876  18.108  1.00 27.93 ? 55  GLN A CG  1 
ATOM   403  C CD  . GLN A 1 54  ? 8.409   -8.891  17.534  1.00 30.12 ? 55  GLN A CD  1 
ATOM   404  O OE1 . GLN A 1 54  ? 7.618   -7.978  17.775  1.00 31.98 ? 55  GLN A OE1 1 
ATOM   405  N NE2 . GLN A 1 54  ? 8.089   -9.928  16.773  1.00 30.50 ? 55  GLN A NE2 1 
ATOM   406  N N   . ASP A 1 55  ? 11.201  -4.346  18.856  1.00 20.18 ? 56  ASP A N   1 
ATOM   407  C CA  . ASP A 1 55  ? 11.430  -3.170  19.698  1.00 22.12 ? 56  ASP A CA  1 
ATOM   408  C C   . ASP A 1 55  ? 10.967  -1.889  18.995  1.00 20.63 ? 56  ASP A C   1 
ATOM   409  O O   . ASP A 1 55  ? 11.266  -0.786  19.454  1.00 19.94 ? 56  ASP A O   1 
ATOM   410  C CB  . ASP A 1 55  ? 12.920  -3.067  20.064  1.00 25.28 ? 56  ASP A CB  1 
ATOM   411  C CG  . ASP A 1 55  ? 13.792  -2.689  18.880  1.00 29.91 ? 56  ASP A CG  1 
ATOM   412  O OD1 . ASP A 1 55  ? 13.428  -3.056  17.747  1.00 32.97 ? 56  ASP A OD1 1 
ATOM   413  O OD2 . ASP A 1 55  ? 14.848  -2.043  19.079  1.00 32.89 ? 56  ASP A OD2 1 
ATOM   414  N N   . VAL A 1 56  ? 10.239  -2.038  17.885  1.00 19.85 ? 57  VAL A N   1 
ATOM   415  C CA  . VAL A 1 56  ? 9.741   -0.881  17.131  1.00 19.11 ? 57  VAL A CA  1 
ATOM   416  C C   . VAL A 1 56  ? 8.210   -0.822  17.077  1.00 17.79 ? 57  VAL A C   1 
ATOM   417  O O   . VAL A 1 56  ? 7.540   -1.838  16.869  1.00 17.63 ? 57  VAL A O   1 
ATOM   418  C CB  . VAL A 1 56  ? 10.306  -0.873  15.669  1.00 20.03 ? 57  VAL A CB  1 
ATOM   419  C CG1 . VAL A 1 56  ? 9.720   0.281   14.872  1.00 20.84 ? 57  VAL A CG1 1 
ATOM   420  C CG2 . VAL A 1 56  ? 11.829  -0.761  15.694  1.00 19.26 ? 57  VAL A CG2 1 
ATOM   421  N N   . ARG A 1 57  ? 7.663   0.374   17.288  1.00 16.63 ? 58  ARG A N   1 
ATOM   422  C CA  . ARG A 1 57  ? 6.219   0.566   17.232  1.00 14.78 ? 58  ARG A CA  1 
ATOM   423  C C   . ARG A 1 57  ? 5.775   0.287   15.811  1.00 12.98 ? 58  ARG A C   1 
ATOM   424  O O   . ARG A 1 57  ? 6.414   0.725   14.852  1.00 11.66 ? 58  ARG A O   1 
ATOM   425  C CB  . ARG A 1 57  ? 5.840   1.993   17.639  1.00 17.71 ? 58  ARG A CB  1 
ATOM   426  C CG  . ARG A 1 57  ? 5.917   2.231   19.140  1.00 22.06 ? 58  ARG A CG  1 
ATOM   427  C CD  . ARG A 1 57  ? 5.092   3.441   19.556  1.00 24.89 ? 58  ARG A CD  1 
ATOM   428  N NE  . ARG A 1 57  ? 5.612   4.688   19.002  1.00 25.09 ? 58  ARG A NE  1 
ATOM   429  C CZ  . ARG A 1 57  ? 6.825   5.167   19.258  1.00 25.06 ? 58  ARG A CZ  1 
ATOM   430  N NH1 . ARG A 1 57  ? 7.649   4.503   20.061  1.00 24.97 ? 58  ARG A NH1 1 
ATOM   431  N NH2 . ARG A 1 57  ? 7.215   6.314   18.718  1.00 23.71 ? 58  ARG A NH2 1 
ATOM   432  N N   . VAL A 1 58  ? 4.676   -0.439  15.666  1.00 11.17 ? 59  VAL A N   1 
ATOM   433  C CA  . VAL A 1 58  ? 4.214   -0.785  14.338  1.00 11.12 ? 59  VAL A CA  1 
ATOM   434  C C   . VAL A 1 58  ? 2.719   -1.023  14.253  1.00 11.63 ? 59  VAL A C   1 
ATOM   435  O O   . VAL A 1 58  ? 2.086   -1.469  15.207  1.00 12.85 ? 59  VAL A O   1 
ATOM   436  C CB  . VAL A 1 58  ? 4.955   -2.056  13.823  1.00 10.30 ? 59  VAL A CB  1 
ATOM   437  C CG1 . VAL A 1 58  ? 4.599   -3.258  14.681  1.00 13.57 ? 59  VAL A CG1 1 
ATOM   438  C CG2 . VAL A 1 58  ? 4.611   -2.311  12.364  1.00 11.26 ? 59  VAL A CG2 1 
ATOM   439  N N   . ASP A 1 59  ? 2.167   -0.688  13.094  1.00 11.89 ? 60  ASP A N   1 
ATOM   440  C CA  . ASP A 1 59  ? 0.755   -0.886  12.792  1.00 12.16 ? 60  ASP A CA  1 
ATOM   441  C C   . ASP A 1 59  ? 0.864   -2.007  11.756  1.00 13.61 ? 60  ASP A C   1 
ATOM   442  O O   . ASP A 1 59  ? 1.077   -1.749  10.572  1.00 11.95 ? 60  ASP A O   1 
ATOM   443  C CB  . ASP A 1 59  ? 0.177   0.383   12.161  1.00 13.12 ? 60  ASP A CB  1 
ATOM   444  C CG  . ASP A 1 59  ? -1.323  0.310   11.969  1.00 12.39 ? 60  ASP A CG  1 
ATOM   445  O OD1 . ASP A 1 59  ? -1.829  -0.803  11.747  1.00 14.91 ? 60  ASP A OD1 1 
ATOM   446  O OD2 . ASP A 1 59  ? -1.991  1.366   12.021  1.00 15.38 ? 60  ASP A OD2 1 
ATOM   447  N N   . PRO A 1 60  ? 0.742   -3.272  12.193  1.00 14.32 ? 61  PRO A N   1 
ATOM   448  C CA  . PRO A 1 60  ? 0.856   -4.394  11.259  1.00 13.39 ? 61  PRO A CA  1 
ATOM   449  C C   . PRO A 1 60  ? -0.416  -4.888  10.584  1.00 12.88 ? 61  PRO A C   1 
ATOM   450  O O   . PRO A 1 60  ? -1.512  -4.391  10.840  1.00 13.46 ? 61  PRO A O   1 
ATOM   451  C CB  . PRO A 1 60  ? 1.473   -5.480  12.126  1.00 17.77 ? 61  PRO A CB  1 
ATOM   452  C CG  . PRO A 1 60  ? 0.735   -5.278  13.399  1.00 16.37 ? 61  PRO A CG  1 
ATOM   453  C CD  . PRO A 1 60  ? 0.754   -3.762  13.585  1.00 17.57 ? 61  PRO A CD  1 
ATOM   454  N N   . GLY A 1 61  ? -0.230  -5.871  9.708   1.00 12.24 ? 62  GLY A N   1 
ATOM   455  C CA  . GLY A 1 61  ? -1.340  -6.490  9.009   1.00 12.48 ? 62  GLY A CA  1 
ATOM   456  C C   . GLY A 1 61  ? -1.875  -5.763  7.797   1.00 11.98 ? 62  GLY A C   1 
ATOM   457  O O   . GLY A 1 61  ? -3.084  -5.554  7.692   1.00 13.05 ? 62  GLY A O   1 
ATOM   458  N N   . TRP A 1 62  ? -0.994  -5.387  6.875   1.00 10.87 ? 63  TRP A N   1 
ATOM   459  C CA  . TRP A 1 62  ? -1.427  -4.682  5.671   1.00 11.32 ? 63  TRP A CA  1 
ATOM   460  C C   . TRP A 1 62  ? -1.070  -5.414  4.384   1.00 11.70 ? 63  TRP A C   1 
ATOM   461  O O   . TRP A 1 62  ? -0.108  -6.182  4.330   1.00 11.98 ? 63  TRP A O   1 
ATOM   462  C CB  . TRP A 1 62  ? -0.824  -3.274  5.622   1.00 8.21  ? 63  TRP A CB  1 
ATOM   463  C CG  . TRP A 1 62  ? -1.250  -2.387  6.740   1.00 9.26  ? 63  TRP A CG  1 
ATOM   464  C CD1 . TRP A 1 62  ? -0.850  -2.454  8.043   1.00 8.48  ? 63  TRP A CD1 1 
ATOM   465  C CD2 . TRP A 1 62  ? -2.165  -1.292  6.656   1.00 9.56  ? 63  TRP A CD2 1 
ATOM   466  N NE1 . TRP A 1 62  ? -1.459  -1.466  8.778   1.00 9.77  ? 63  TRP A NE1 1 
ATOM   467  C CE2 . TRP A 1 62  ? -2.273  -0.737  7.951   1.00 10.37 ? 63  TRP A CE2 1 
ATOM   468  C CE3 . TRP A 1 62  ? -2.907  -0.724  5.610   1.00 11.14 ? 63  TRP A CE3 1 
ATOM   469  C CZ2 . TRP A 1 62  ? -3.093  0.359   8.231   1.00 9.33  ? 63  TRP A CZ2 1 
ATOM   470  C CZ3 . TRP A 1 62  ? -3.722  0.367   5.887   1.00 8.36  ? 63  TRP A CZ3 1 
ATOM   471  C CH2 . TRP A 1 62  ? -3.809  0.898   7.189   1.00 10.55 ? 63  TRP A CH2 1 
ATOM   472  N N   . SER A 1 63  ? -1.860  -5.154  3.347   1.00 11.61 ? 64  SER A N   1 
ATOM   473  C CA  . SER A 1 63  ? -1.664  -5.737  2.022   1.00 9.96  ? 64  SER A CA  1 
ATOM   474  C C   . SER A 1 63  ? -1.442  -4.568  1.070   1.00 10.12 ? 64  SER A C   1 
ATOM   475  O O   . SER A 1 63  ? -2.052  -3.507  1.233   1.00 9.52  ? 64  SER A O   1 
ATOM   476  C CB  . SER A 1 63  ? -2.897  -6.536  1.590   1.00 12.04 ? 64  SER A CB  1 
ATOM   477  O OG  . SER A 1 63  ? -3.099  -7.654  2.441   1.00 11.14 ? 64  SER A OG  1 
ATOM   478  N N   . CYS A 1 64  ? -0.583  -4.769  0.075   1.00 10.06 ? 65  CYS A N   1 
ATOM   479  C CA  . CYS A 1 64  ? -0.241  -3.715  -0.872  1.00 11.01 ? 65  CYS A CA  1 
ATOM   480  C C   . CYS A 1 64  ? -0.642  -3.990  -2.317  1.00 11.08 ? 65  CYS A C   1 
ATOM   481  O O   . CYS A 1 64  ? -0.549  -5.123  -2.798  1.00 10.96 ? 65  CYS A O   1 
ATOM   482  C CB  . CYS A 1 64  ? 1.267   -3.462  -0.795  1.00 11.23 ? 65  CYS A CB  1 
ATOM   483  S SG  . CYS A 1 64  ? 1.858   -2.030  -1.706  1.00 11.32 ? 65  CYS A SG  1 
ATOM   484  N N   . PHE A 1 65  ? -1.086  -2.934  -2.996  1.00 10.51 ? 66  PHE A N   1 
ATOM   485  C CA  . PHE A 1 65  ? -1.488  -2.991  -4.404  1.00 10.91 ? 66  PHE A CA  1 
ATOM   486  C C   . PHE A 1 65  ? -0.730  -1.927  -5.177  1.00 10.56 ? 66  PHE A C   1 
ATOM   487  O O   . PHE A 1 65  ? -0.513  -0.825  -4.679  1.00 10.10 ? 66  PHE A O   1 
ATOM   488  C CB  . PHE A 1 65  ? -2.976  -2.682  -4.597  1.00 10.70 ? 66  PHE A CB  1 
ATOM   489  C CG  . PHE A 1 65  ? -3.895  -3.766  -4.146  1.00 12.43 ? 66  PHE A CG  1 
ATOM   490  C CD1 . PHE A 1 65  ? -4.311  -3.836  -2.824  1.00 13.38 ? 66  PHE A CD1 1 
ATOM   491  C CD2 . PHE A 1 65  ? -4.373  -4.705  -5.056  1.00 13.08 ? 66  PHE A CD2 1 
ATOM   492  C CE1 . PHE A 1 65  ? -5.200  -4.826  -2.410  1.00 14.21 ? 66  PHE A CE1 1 
ATOM   493  C CE2 . PHE A 1 65  ? -5.262  -5.699  -4.653  1.00 12.91 ? 66  PHE A CE2 1 
ATOM   494  C CZ  . PHE A 1 65  ? -5.676  -5.759  -3.331  1.00 15.08 ? 66  PHE A CZ  1 
ATOM   495  N N   . LYS A 1 66  ? -0.348  -2.254  -6.405  1.00 9.71  ? 67  LYS A N   1 
ATOM   496  C CA  . LYS A 1 66  ? 0.337   -1.299  -7.257  1.00 9.38  ? 67  LYS A CA  1 
ATOM   497  C C   . LYS A 1 66  ? -0.643  -0.823  -8.322  1.00 10.12 ? 67  LYS A C   1 
ATOM   498  O O   . LYS A 1 66  ? -1.375  -1.634  -8.893  1.00 9.61  ? 67  LYS A O   1 
ATOM   499  C CB  . LYS A 1 66  ? 1.530   -1.961  -7.948  1.00 10.08 ? 67  LYS A CB  1 
ATOM   500  C CG  . LYS A 1 66  ? 2.271   -1.036  -8.908  1.00 12.15 ? 67  LYS A CG  1 
ATOM   501  C CD  . LYS A 1 66  ? 3.368   -1.792  -9.635  1.00 15.93 ? 67  LYS A CD  1 
ATOM   502  C CE  . LYS A 1 66  ? 2.795   -2.632  -10.756 1.00 20.77 ? 67  LYS A CE  1 
ATOM   503  N NZ  . LYS A 1 66  ? 2.268   -1.766  -11.849 1.00 25.28 ? 67  LYS A NZ  1 
ATOM   504  N N   . PHE A 1 67  ? -0.691  0.487   -8.563  1.00 9.01  ? 68  PHE A N   1 
ATOM   505  C CA  . PHE A 1 67  ? -1.546  1.020   -9.627  1.00 11.20 ? 68  PHE A CA  1 
ATOM   506  C C   . PHE A 1 67  ? -0.720  0.698   -10.878 1.00 13.68 ? 68  PHE A C   1 
ATOM   507  O O   . PHE A 1 67  ? 0.433   1.125   -10.988 1.00 13.36 ? 68  PHE A O   1 
ATOM   508  C CB  . PHE A 1 67  ? -1.716  2.539   -9.508  1.00 9.42  ? 68  PHE A CB  1 
ATOM   509  C CG  . PHE A 1 67  ? -2.725  2.978   -8.474  1.00 11.27 ? 68  PHE A CG  1 
ATOM   510  C CD1 . PHE A 1 67  ? -2.688  2.488   -7.175  1.00 12.35 ? 68  PHE A CD1 1 
ATOM   511  C CD2 . PHE A 1 67  ? -3.678  3.942   -8.793  1.00 10.08 ? 68  PHE A CD2 1 
ATOM   512  C CE1 . PHE A 1 67  ? -3.582  2.956   -6.212  1.00 12.30 ? 68  PHE A CE1 1 
ATOM   513  C CE2 . PHE A 1 67  ? -4.573  4.414   -7.842  1.00 12.51 ? 68  PHE A CE2 1 
ATOM   514  C CZ  . PHE A 1 67  ? -4.526  3.922   -6.545  1.00 11.69 ? 68  PHE A CZ  1 
ATOM   515  N N   . GLN A 1 68  ? -1.316  -0.036  -11.815 1.00 16.14 ? 69  GLN A N   1 
ATOM   516  C CA  . GLN A 1 68  ? -0.628  -0.488  -13.030 1.00 21.60 ? 69  GLN A CA  1 
ATOM   517  C C   . GLN A 1 68  ? -0.645  0.261   -14.360 1.00 24.54 ? 69  GLN A C   1 
ATOM   518  O O   . GLN A 1 68  ? -1.481  1.135   -14.628 1.00 26.86 ? 69  GLN A O   1 
ATOM   519  C CB  . GLN A 1 68  ? -1.065  -1.912  -13.341 1.00 21.82 ? 69  GLN A CB  1 
ATOM   520  C CG  . GLN A 1 68  ? -0.503  -2.970  -12.439 1.00 25.10 ? 69  GLN A CG  1 
ATOM   521  C CD  . GLN A 1 68  ? -0.996  -4.339  -12.839 1.00 27.61 ? 69  GLN A CD  1 
ATOM   522  O OE1 . GLN A 1 68  ? -2.190  -4.614  -12.786 1.00 30.38 ? 69  GLN A OE1 1 
ATOM   523  N NE2 . GLN A 1 68  ? -0.082  -5.203  -13.256 1.00 28.39 ? 69  GLN A NE2 1 
ATOM   524  N N   . GLY A 1 69  ? 0.316   -0.161  -15.186 1.00 29.19 ? 70  GLY A N   1 
ATOM   525  C CA  . GLY A 1 69  ? 0.520   0.345   -16.533 1.00 31.61 ? 70  GLY A CA  1 
ATOM   526  C C   . GLY A 1 69  ? 0.668   1.839   -16.734 1.00 33.66 ? 70  GLY A C   1 
ATOM   527  O O   . GLY A 1 69  ? 0.624   2.617   -15.772 1.00 34.28 ? 70  GLY A O   1 
ATOM   528  N N   . PRO A 1 70  ? 0.855   2.276   -18.005 1.00 34.51 ? 71  PRO A N   1 
ATOM   529  C CA  . PRO A 1 70  ? 1.006   3.691   -18.353 1.00 34.96 ? 71  PRO A CA  1 
ATOM   530  C C   . PRO A 1 70  ? -0.219  4.468   -17.895 1.00 35.08 ? 71  PRO A C   1 
ATOM   531  O O   . PRO A 1 70  ? -1.318  3.912   -17.831 1.00 36.86 ? 71  PRO A O   1 
ATOM   532  C CB  . PRO A 1 70  ? 1.074   3.668   -19.883 1.00 34.53 ? 71  PRO A CB  1 
ATOM   533  C CG  . PRO A 1 70  ? 1.675   2.380   -20.200 1.00 34.49 ? 71  PRO A CG  1 
ATOM   534  C CD  . PRO A 1 70  ? 0.933   1.462   -19.237 1.00 34.74 ? 71  PRO A CD  1 
ATOM   535  N N   . PHE A 1 71  ? -0.048  5.748   -17.591 1.00 34.98 ? 72  PHE A N   1 
ATOM   536  C CA  . PHE A 1 71  ? -1.185  6.547   -17.160 1.00 33.66 ? 72  PHE A CA  1 
ATOM   537  C C   . PHE A 1 71  ? -1.493  7.708   -18.101 1.00 34.46 ? 72  PHE A C   1 
ATOM   538  O O   . PHE A 1 71  ? -1.220  8.870   -17.788 1.00 34.08 ? 72  PHE A O   1 
ATOM   539  C CB  . PHE A 1 71  ? -0.969  7.084   -15.740 1.00 31.58 ? 72  PHE A CB  1 
ATOM   540  C CG  . PHE A 1 71  ? -0.959  6.021   -14.680 1.00 29.98 ? 72  PHE A CG  1 
ATOM   541  C CD1 . PHE A 1 71  ? -2.101  5.273   -14.414 1.00 28.89 ? 72  PHE A CD1 1 
ATOM   542  C CD2 . PHE A 1 71  ? 0.195   5.768   -13.946 1.00 28.67 ? 72  PHE A CD2 1 
ATOM   543  C CE1 . PHE A 1 71  ? -2.093  4.283   -13.436 1.00 28.32 ? 72  PHE A CE1 1 
ATOM   544  C CE2 . PHE A 1 71  ? 0.214   4.779   -12.965 1.00 27.24 ? 72  PHE A CE2 1 
ATOM   545  C CZ  . PHE A 1 71  ? -0.932  4.037   -12.709 1.00 27.92 ? 72  PHE A CZ  1 
ATOM   546  N N   . ALA A 1 72  ? -2.043  7.397   -19.267 1.00 35.85 ? 73  ALA A N   1 
ATOM   547  C CA  . ALA A 1 72  ? -2.416  8.452   -20.189 1.00 36.85 ? 73  ALA A CA  1 
ATOM   548  C C   . ALA A 1 72  ? -3.820  8.831   -19.755 1.00 37.73 ? 73  ALA A C   1 
ATOM   549  O O   . ALA A 1 72  ? -4.776  8.107   -20.043 1.00 37.96 ? 73  ALA A O   1 
ATOM   550  C CB  . ALA A 1 72  ? -2.424  7.942   -21.623 1.00 37.07 ? 73  ALA A CB  1 
ATOM   551  N N   . PHE A 1 73  ? -3.936  9.937   -19.021 1.00 38.37 ? 74  PHE A N   1 
ATOM   552  C CA  . PHE A 1 73  ? -5.240  10.406  -18.558 1.00 39.03 ? 74  PHE A CA  1 
ATOM   553  C C   . PHE A 1 73  ? -5.468  11.846  -19.010 1.00 39.25 ? 74  PHE A C   1 
ATOM   554  O O   . PHE A 1 73  ? -4.589  12.468  -19.611 1.00 39.93 ? 74  PHE A O   1 
ATOM   555  C CB  . PHE A 1 73  ? -5.340  10.310  -17.031 1.00 38.87 ? 74  PHE A CB  1 
ATOM   556  N N   . ASP A 1 74  ? -6.654  12.372  -18.729 1.00 39.35 ? 75  ASP A N   1 
ATOM   557  C CA  . ASP A 1 74  ? -6.973  13.737  -19.118 1.00 39.07 ? 75  ASP A CA  1 
ATOM   558  C C   . ASP A 1 74  ? -7.591  14.499  -17.953 1.00 39.18 ? 75  ASP A C   1 
ATOM   559  O O   . ASP A 1 74  ? -8.796  14.755  -17.931 1.00 39.58 ? 75  ASP A O   1 
ATOM   560  C CB  . ASP A 1 74  ? -7.922  13.731  -20.311 1.00 38.53 ? 75  ASP A CB  1 
ATOM   561  N N   . GLU A 1 75  ? -6.752  14.856  -16.984 1.00 38.95 ? 76  GLU A N   1 
ATOM   562  C CA  . GLU A 1 75  ? -7.193  15.593  -15.806 1.00 38.22 ? 76  GLU A CA  1 
ATOM   563  C C   . GLU A 1 75  ? -8.256  14.834  -15.009 1.00 37.77 ? 76  GLU A C   1 
ATOM   564  O O   . GLU A 1 75  ? -9.258  15.417  -14.588 1.00 38.56 ? 76  GLU A O   1 
ATOM   565  C CB  . GLU A 1 75  ? -7.727  16.969  -16.220 1.00 38.43 ? 76  GLU A CB  1 
ATOM   566  N N   . THR A 1 76  ? -8.034  13.539  -14.804 1.00 35.86 ? 77  THR A N   1 
ATOM   567  C CA  . THR A 1 76  ? -8.967  12.706  -14.046 1.00 33.95 ? 77  THR A CA  1 
ATOM   568  C C   . THR A 1 76  ? -8.299  12.226  -12.758 1.00 31.24 ? 77  THR A C   1 
ATOM   569  O O   . THR A 1 76  ? -7.093  11.995  -12.726 1.00 33.03 ? 77  THR A O   1 
ATOM   570  C CB  . THR A 1 76  ? -9.412  11.511  -14.887 1.00 33.66 ? 77  THR A CB  1 
ATOM   571  N N   . GLY A 1 77  ? -9.087  12.079  -11.698 1.00 27.98 ? 78  GLY A N   1 
ATOM   572  C CA  . GLY A 1 77  ? -8.532  11.641  -10.431 1.00 20.16 ? 78  GLY A CA  1 
ATOM   573  C C   . GLY A 1 77  ? -8.309  10.144  -10.333 1.00 15.83 ? 78  GLY A C   1 
ATOM   574  O O   . GLY A 1 77  ? -9.200  9.411   -9.914  1.00 13.37 ? 78  GLY A O   1 
ATOM   575  N N   . ILE A 1 78  ? -7.120  9.691   -10.721 1.00 13.59 ? 79  ILE A N   1 
ATOM   576  C CA  . ILE A 1 78  ? -6.779  8.272   -10.660 1.00 11.45 ? 79  ILE A CA  1 
ATOM   577  C C   . ILE A 1 78  ? -6.838  7.758   -9.220  1.00 9.12  ? 79  ILE A C   1 
ATOM   578  O O   . ILE A 1 78  ? -7.475  6.739   -8.945  1.00 8.91  ? 79  ILE A O   1 
ATOM   579  C CB  . ILE A 1 78  ? -5.369  8.021   -11.252 1.00 11.99 ? 79  ILE A CB  1 
ATOM   580  C CG1 . ILE A 1 78  ? -5.428  8.145   -12.779 1.00 14.44 ? 79  ILE A CG1 1 
ATOM   581  C CG2 . ILE A 1 78  ? -4.859  6.644   -10.857 1.00 12.58 ? 79  ILE A CG2 1 
ATOM   582  C CD1 . ILE A 1 78  ? -4.079  7.997   -13.464 1.00 12.70 ? 79  ILE A CD1 1 
ATOM   583  N N   . VAL A 1 79  ? -6.179  8.453   -8.299  1.00 8.24  ? 80  VAL A N   1 
ATOM   584  C CA  . VAL A 1 79  ? -6.203  8.027   -6.906  1.00 8.54  ? 80  VAL A CA  1 
ATOM   585  C C   . VAL A 1 79  ? -7.623  8.148   -6.357  1.00 8.22  ? 80  VAL A C   1 
ATOM   586  O O   . VAL A 1 79  ? -8.120  7.243   -5.691  1.00 6.49  ? 80  VAL A O   1 
ATOM   587  C CB  . VAL A 1 79  ? -5.227  8.870   -6.049  1.00 9.04  ? 80  VAL A CB  1 
ATOM   588  C CG1 . VAL A 1 79  ? -5.411  8.555   -4.570  1.00 8.60  ? 80  VAL A CG1 1 
ATOM   589  C CG2 . VAL A 1 79  ? -3.792  8.561   -6.455  1.00 9.87  ? 80  VAL A CG2 1 
ATOM   590  N N   . LEU A 1 80  ? -8.279  9.267   -6.646  1.00 8.65  ? 81  LEU A N   1 
ATOM   591  C CA  . LEU A 1 80  ? -9.642  9.480   -6.180  1.00 9.32  ? 81  LEU A CA  1 
ATOM   592  C C   . LEU A 1 80  ? -10.574 8.341   -6.596  1.00 7.79  ? 81  LEU A C   1 
ATOM   593  O O   . LEU A 1 80  ? -11.346 7.834   -5.781  1.00 7.88  ? 81  LEU A O   1 
ATOM   594  C CB  . LEU A 1 80  ? -10.185 10.807  -6.728  1.00 10.92 ? 81  LEU A CB  1 
ATOM   595  C CG  . LEU A 1 80  ? -11.660 11.120  -6.452  1.00 11.56 ? 81  LEU A CG  1 
ATOM   596  C CD1 . LEU A 1 80  ? -11.884 11.335  -4.965  1.00 12.48 ? 81  LEU A CD1 1 
ATOM   597  C CD2 . LEU A 1 80  ? -12.063 12.367  -7.232  1.00 12.69 ? 81  LEU A CD2 1 
ATOM   598  N N   . SER A 1 81  ? -10.485 7.937   -7.860  1.00 9.17  ? 82  SER A N   1 
ATOM   599  C CA  . SER A 1 81  ? -11.349 6.885   -8.390  1.00 9.31  ? 82  SER A CA  1 
ATOM   600  C C   . SER A 1 81  ? -11.201 5.574   -7.631  1.00 9.20  ? 82  SER A C   1 
ATOM   601  O O   . SER A 1 81  ? -12.147 4.787   -7.541  1.00 10.79 ? 82  SER A O   1 
ATOM   602  C CB  . SER A 1 81  ? -11.055 6.644   -9.879  1.00 10.98 ? 82  SER A CB  1 
ATOM   603  O OG  . SER A 1 81  ? -9.866  5.892   -10.067 1.00 12.54 ? 82  SER A OG  1 
ATOM   604  N N   . VAL A 1 82  ? -10.020 5.348   -7.070  1.00 8.77  ? 83  VAL A N   1 
ATOM   605  C CA  . VAL A 1 82  ? -9.763  4.122   -6.333  1.00 8.47  ? 83  VAL A CA  1 
ATOM   606  C C   . VAL A 1 82  ? -10.122 4.224   -4.852  1.00 8.23  ? 83  VAL A C   1 
ATOM   607  O O   . VAL A 1 82  ? -10.791 3.348   -4.314  1.00 10.12 ? 83  VAL A O   1 
ATOM   608  C CB  . VAL A 1 82  ? -8.277  3.692   -6.488  1.00 6.27  ? 83  VAL A CB  1 
ATOM   609  C CG1 . VAL A 1 82  ? -7.953  2.547   -5.543  1.00 9.42  ? 83  VAL A CG1 1 
ATOM   610  C CG2 . VAL A 1 82  ? -8.026  3.252   -7.920  1.00 9.96  ? 83  VAL A CG2 1 
ATOM   611  N N   . ILE A 1 83  ? -9.711  5.301   -4.192  1.00 7.29  ? 84  ILE A N   1 
ATOM   612  C CA  . ILE A 1 83  ? -10.011 5.415   -2.769  1.00 9.59  ? 84  ILE A CA  1 
ATOM   613  C C   . ILE A 1 83  ? -11.441 5.817   -2.423  1.00 8.14  ? 84  ILE A C   1 
ATOM   614  O O   . ILE A 1 83  ? -11.912 5.525   -1.325  1.00 10.83 ? 84  ILE A O   1 
ATOM   615  C CB  . ILE A 1 83  ? -9.027  6.371   -2.051  1.00 9.77  ? 84  ILE A CB  1 
ATOM   616  C CG1 . ILE A 1 83  ? -9.225  7.807   -2.528  1.00 10.04 ? 84  ILE A CG1 1 
ATOM   617  C CG2 . ILE A 1 83  ? -7.591  5.903   -2.291  1.00 10.94 ? 84  ILE A CG2 1 
ATOM   618  C CD1 . ILE A 1 83  ? -8.540  8.833   -1.640  1.00 13.02 ? 84  ILE A CD1 1 
ATOM   619  N N   . SER A 1 84  ? -12.149 6.461   -3.347  1.00 9.39  ? 85  SER A N   1 
ATOM   620  C CA  . SER A 1 84  ? -13.523 6.873   -3.052  1.00 10.32 ? 85  SER A CA  1 
ATOM   621  C C   . SER A 1 84  ? -14.415 5.698   -2.636  1.00 10.28 ? 85  SER A C   1 
ATOM   622  O O   . SER A 1 84  ? -15.082 5.755   -1.601  1.00 9.49  ? 85  SER A O   1 
ATOM   623  C CB  . SER A 1 84  ? -14.142 7.586   -4.256  1.00 14.52 ? 85  SER A CB  1 
ATOM   624  O OG  . SER A 1 84  ? -15.446 8.052   -3.938  1.00 21.32 ? 85  SER A OG  1 
ATOM   625  N N   . PRO A 1 85  ? -14.445 4.617   -3.435  1.00 10.14 ? 86  PRO A N   1 
ATOM   626  C CA  . PRO A 1 85  ? -15.296 3.485   -3.041  1.00 10.30 ? 86  PRO A CA  1 
ATOM   627  C C   . PRO A 1 85  ? -14.865 2.795   -1.751  1.00 10.79 ? 86  PRO A C   1 
ATOM   628  O O   . PRO A 1 85  ? -15.673 2.154   -1.079  1.00 12.08 ? 86  PRO A O   1 
ATOM   629  C CB  . PRO A 1 85  ? -15.239 2.558   -4.257  1.00 12.13 ? 86  PRO A CB  1 
ATOM   630  C CG  . PRO A 1 85  ? -13.947 2.924   -4.929  1.00 11.20 ? 86  PRO A CG  1 
ATOM   631  C CD  . PRO A 1 85  ? -13.882 4.417   -4.780  1.00 10.24 ? 86  PRO A CD  1 
ATOM   632  N N   . LEU A 1 86  ? -13.594 2.930   -1.394  1.00 9.02  ? 87  LEU A N   1 
ATOM   633  C CA  . LEU A 1 86  ? -13.101 2.310   -0.172  1.00 8.69  ? 87  LEU A CA  1 
ATOM   634  C C   . LEU A 1 86  ? -13.404 3.170   1.055   1.00 9.30  ? 87  LEU A C   1 
ATOM   635  O O   . LEU A 1 86  ? -14.006 2.706   2.027   1.00 10.62 ? 87  LEU A O   1 
ATOM   636  C CB  . LEU A 1 86  ? -11.591 2.060   -0.281  1.00 8.40  ? 87  LEU A CB  1 
ATOM   637  C CG  . LEU A 1 86  ? -11.151 1.159   -1.441  1.00 7.45  ? 87  LEU A CG  1 
ATOM   638  C CD1 . LEU A 1 86  ? -9.637  0.982   -1.422  1.00 10.32 ? 87  LEU A CD1 1 
ATOM   639  C CD2 . LEU A 1 86  ? -11.858 -0.196  -1.329  1.00 9.51  ? 87  LEU A CD2 1 
ATOM   640  N N   . SER A 1 87  ? -13.002 4.436   0.997   1.00 10.05 ? 88  SER A N   1 
ATOM   641  C CA  . SER A 1 87  ? -13.209 5.359   2.106   1.00 11.05 ? 88  SER A CA  1 
ATOM   642  C C   . SER A 1 87  ? -14.673 5.598   2.449   1.00 12.12 ? 88  SER A C   1 
ATOM   643  O O   . SER A 1 87  ? -15.019 5.736   3.624   1.00 16.05 ? 88  SER A O   1 
ATOM   644  C CB  . SER A 1 87  ? -12.521 6.693   1.811   1.00 9.43  ? 88  SER A CB  1 
ATOM   645  O OG  . SER A 1 87  ? -11.117 6.523   1.734   1.00 12.60 ? 88  SER A OG  1 
ATOM   646  N N   . THR A 1 88  ? -15.528 5.645   1.433   1.00 11.08 ? 89  THR A N   1 
ATOM   647  C CA  . THR A 1 88  ? -16.954 5.868   1.653   1.00 14.52 ? 89  THR A CA  1 
ATOM   648  C C   . THR A 1 88  ? -17.612 4.620   2.229   1.00 14.74 ? 89  THR A C   1 
ATOM   649  O O   . THR A 1 88  ? -18.745 4.674   2.706   1.00 16.50 ? 89  THR A O   1 
ATOM   650  C CB  . THR A 1 88  ? -17.681 6.249   0.346   1.00 16.36 ? 89  THR A CB  1 
ATOM   651  O OG1 . THR A 1 88  ? -17.518 5.204   -0.619  1.00 20.05 ? 89  THR A OG1 1 
ATOM   652  C CG2 . THR A 1 88  ? -17.121 7.549   -0.217  1.00 20.19 ? 89  THR A CG2 1 
ATOM   653  N N   . ASN A 1 89  ? -16.898 3.501   2.205   1.00 13.39 ? 90  ASN A N   1 
ATOM   654  C CA  . ASN A 1 89  ? -17.453 2.259   2.730   1.00 15.15 ? 90  ASN A CA  1 
ATOM   655  C C   . ASN A 1 89  ? -16.702 1.647   3.915   1.00 15.78 ? 90  ASN A C   1 
ATOM   656  O O   . ASN A 1 89  ? -16.644 0.428   4.071   1.00 18.43 ? 90  ASN A O   1 
ATOM   657  C CB  . ASN A 1 89  ? -17.607 1.246   1.590   1.00 13.82 ? 90  ASN A CB  1 
ATOM   658  C CG  . ASN A 1 89  ? -18.721 1.631   0.625   1.00 15.30 ? 90  ASN A CG  1 
ATOM   659  O OD1 . ASN A 1 89  ? -19.899 1.662   0.999   1.00 18.32 ? 90  ASN A OD1 1 
ATOM   660  N ND2 . ASN A 1 89  ? -18.358 1.943   -0.609  1.00 14.60 ? 90  ASN A ND2 1 
ATOM   661  N N   . GLY A 1 90  ? -16.130 2.510   4.750   1.00 15.31 ? 91  GLY A N   1 
ATOM   662  C CA  . GLY A 1 90  ? -15.435 2.057   5.944   1.00 15.12 ? 91  GLY A CA  1 
ATOM   663  C C   . GLY A 1 90  ? -14.092 1.362   5.816   1.00 16.72 ? 91  GLY A C   1 
ATOM   664  O O   . GLY A 1 90  ? -13.646 0.709   6.762   1.00 18.28 ? 91  GLY A O   1 
ATOM   665  N N   . ILE A 1 91  ? -13.437 1.487   4.668   1.00 13.49 ? 92  ILE A N   1 
ATOM   666  C CA  . ILE A 1 91  ? -12.140 0.847   4.494   1.00 13.59 ? 92  ILE A CA  1 
ATOM   667  C C   . ILE A 1 91  ? -11.020 1.877   4.608   1.00 13.05 ? 92  ILE A C   1 
ATOM   668  O O   . ILE A 1 91  ? -10.961 2.828   3.834   1.00 12.54 ? 92  ILE A O   1 
ATOM   669  C CB  . ILE A 1 91  ? -12.040 0.137   3.122   1.00 11.79 ? 92  ILE A CB  1 
ATOM   670  C CG1 . ILE A 1 91  ? -13.186 -0.873  2.977   1.00 14.98 ? 92  ILE A CG1 1 
ATOM   671  C CG2 . ILE A 1 91  ? -10.685 -0.559  2.990   1.00 13.34 ? 92  ILE A CG2 1 
ATOM   672  C CD1 . ILE A 1 91  ? -13.100 -1.730  1.741   1.00 18.63 ? 92  ILE A CD1 1 
ATOM   673  N N   . GLY A 1 92  ? -10.146 1.691   5.590   1.00 12.56 ? 93  GLY A N   1 
ATOM   674  C CA  . GLY A 1 92  ? -9.039  2.611   5.765   1.00 12.59 ? 93  GLY A CA  1 
ATOM   675  C C   . GLY A 1 92  ? -8.054  2.441   4.630   1.00 12.60 ? 93  GLY A C   1 
ATOM   676  O O   . GLY A 1 92  ? -7.816  1.321   4.165   1.00 12.27 ? 93  GLY A O   1 
ATOM   677  N N   . ILE A 1 93  ? -7.485  3.552   4.175   1.00 11.38 ? 94  ILE A N   1 
ATOM   678  C CA  . ILE A 1 93  ? -6.520  3.522   3.082   1.00 11.66 ? 94  ILE A CA  1 
ATOM   679  C C   . ILE A 1 93  ? -5.190  4.174   3.439   1.00 10.72 ? 94  ILE A C   1 
ATOM   680  O O   . ILE A 1 93  ? -5.125  5.082   4.268   1.00 12.84 ? 94  ILE A O   1 
ATOM   681  C CB  . ILE A 1 93  ? -7.095  4.205   1.815   1.00 10.71 ? 94  ILE A CB  1 
ATOM   682  C CG1 . ILE A 1 93  ? -7.427  5.679   2.089   1.00 13.81 ? 94  ILE A CG1 1 
ATOM   683  C CG2 . ILE A 1 93  ? -8.335  3.470   1.354   1.00 11.33 ? 94  ILE A CG2 1 
ATOM   684  C CD1 . ILE A 1 93  ? -6.272  6.641   1.828   1.00 14.20 ? 94  ILE A CD1 1 
ATOM   685  N N   . PHE A 1 94  ? -4.132  3.694   2.797   1.00 8.61  ? 95  PHE A N   1 
ATOM   686  C CA  . PHE A 1 94  ? -2.780  4.200   3.012   1.00 9.21  ? 95  PHE A CA  1 
ATOM   687  C C   . PHE A 1 94  ? -2.220  4.319   1.600   1.00 7.65  ? 95  PHE A C   1 
ATOM   688  O O   . PHE A 1 94  ? -2.016  3.319   0.920   1.00 9.68  ? 95  PHE A O   1 
ATOM   689  C CB  . PHE A 1 94  ? -1.980  3.192   3.848   1.00 8.74  ? 95  PHE A CB  1 
ATOM   690  C CG  . PHE A 1 94  ? -0.659  3.714   4.337   1.00 7.67  ? 95  PHE A CG  1 
ATOM   691  C CD1 . PHE A 1 94  ? 0.437   3.782   3.481   1.00 8.74  ? 95  PHE A CD1 1 
ATOM   692  C CD2 . PHE A 1 94  ? -0.509  4.138   5.656   1.00 10.51 ? 95  PHE A CD2 1 
ATOM   693  C CE1 . PHE A 1 94  ? 1.665   4.262   3.931   1.00 8.74  ? 95  PHE A CE1 1 
ATOM   694  C CE2 . PHE A 1 94  ? 0.718   4.622   6.115   1.00 8.81  ? 95  PHE A CE2 1 
ATOM   695  C CZ  . PHE A 1 94  ? 1.804   4.681   5.251   1.00 10.58 ? 95  PHE A CZ  1 
ATOM   696  N N   . VAL A 1 95  ? -1.983  5.547   1.158   1.00 7.55  ? 96  VAL A N   1 
ATOM   697  C CA  . VAL A 1 95  ? -1.504  5.777   -0.197  1.00 8.71  ? 96  VAL A CA  1 
ATOM   698  C C   . VAL A 1 95  ? -0.088  6.292   -0.278  1.00 8.81  ? 96  VAL A C   1 
ATOM   699  O O   . VAL A 1 95  ? 0.298   7.186   0.461   1.00 8.59  ? 96  VAL A O   1 
ATOM   700  C CB  . VAL A 1 95  ? -2.410  6.792   -0.937  1.00 10.26 ? 96  VAL A CB  1 
ATOM   701  C CG1 . VAL A 1 95  ? -1.883  7.047   -2.347  1.00 13.54 ? 96  VAL A CG1 1 
ATOM   702  C CG2 . VAL A 1 95  ? -3.838  6.268   -0.979  1.00 17.29 ? 96  VAL A CG2 1 
ATOM   703  N N   . VAL A 1 96  ? 0.688   5.717   -1.185  1.00 6.59  ? 97  VAL A N   1 
ATOM   704  C CA  . VAL A 1 96  ? 2.050   6.173   -1.394  1.00 7.91  ? 97  VAL A CA  1 
ATOM   705  C C   . VAL A 1 96  ? 2.244   6.454   -2.875  1.00 6.95  ? 97  VAL A C   1 
ATOM   706  O O   . VAL A 1 96  ? 2.390   5.535   -3.687  1.00 7.49  ? 97  VAL A O   1 
ATOM   707  C CB  . VAL A 1 96  ? 3.093   5.133   -0.934  1.00 9.80  ? 97  VAL A CB  1 
ATOM   708  C CG1 . VAL A 1 96  ? 4.495   5.647   -1.214  1.00 15.38 ? 97  VAL A CG1 1 
ATOM   709  C CG2 . VAL A 1 96  ? 2.939   4.867   0.548   1.00 10.02 ? 97  VAL A CG2 1 
ATOM   710  N N   . SER A 1 97  ? 2.217   7.731   -3.234  1.00 7.59  ? 98  SER A N   1 
ATOM   711  C CA  . SER A 1 97  ? 2.438   8.131   -4.614  1.00 7.47  ? 98  SER A CA  1 
ATOM   712  C C   . SER A 1 97  ? 3.940   8.067   -4.856  1.00 7.17  ? 98  SER A C   1 
ATOM   713  O O   . SER A 1 97  ? 4.737   8.227   -3.932  1.00 8.18  ? 98  SER A O   1 
ATOM   714  C CB  . SER A 1 97  ? 1.942   9.562   -4.853  1.00 7.48  ? 98  SER A CB  1 
ATOM   715  O OG  . SER A 1 97  ? 0.541   9.656   -4.663  1.00 7.35  ? 98  SER A OG  1 
ATOM   716  N N   . THR A 1 98  ? 4.314   7.800   -6.098  1.00 5.58  ? 99  THR A N   1 
ATOM   717  C CA  . THR A 1 98  ? 5.715   7.741   -6.485  1.00 7.74  ? 99  THR A CA  1 
ATOM   718  C C   . THR A 1 98  ? 5.831   8.438   -7.829  1.00 7.74  ? 99  THR A C   1 
ATOM   719  O O   . THR A 1 98  ? 4.826   8.796   -8.446  1.00 8.05  ? 99  THR A O   1 
ATOM   720  C CB  . THR A 1 98  ? 6.208   6.290   -6.662  1.00 8.64  ? 99  THR A CB  1 
ATOM   721  O OG1 . THR A 1 98  ? 5.462   5.659   -7.707  1.00 9.16  ? 99  THR A OG1 1 
ATOM   722  C CG2 . THR A 1 98  ? 6.032   5.502   -5.374  1.00 11.02 ? 99  THR A CG2 1 
ATOM   723  N N   . PHE A 1 99  ? 7.059   8.622   -8.286  1.00 7.11  ? 100 PHE A N   1 
ATOM   724  C CA  . PHE A 1 99  ? 7.279   9.257   -9.576  1.00 8.65  ? 100 PHE A CA  1 
ATOM   725  C C   . PHE A 1 99  ? 6.434   8.565   -10.660 1.00 10.01 ? 100 PHE A C   1 
ATOM   726  O O   . PHE A 1 99  ? 5.691   9.226   -11.391 1.00 11.74 ? 100 PHE A O   1 
ATOM   727  C CB  . PHE A 1 99  ? 8.776   9.196   -9.911  1.00 9.42  ? 100 PHE A CB  1 
ATOM   728  C CG  . PHE A 1 99  ? 9.143   9.827   -11.228 1.00 9.98  ? 100 PHE A CG  1 
ATOM   729  C CD1 . PHE A 1 99  ? 8.994   9.119   -12.415 1.00 10.76 ? 100 PHE A CD1 1 
ATOM   730  C CD2 . PHE A 1 99  ? 9.646   11.125  -11.275 1.00 10.84 ? 100 PHE A CD2 1 
ATOM   731  C CE1 . PHE A 1 99  ? 9.343   9.690   -13.632 1.00 13.42 ? 100 PHE A CE1 1 
ATOM   732  C CE2 . PHE A 1 99  ? 9.999   11.709  -12.493 1.00 11.13 ? 100 PHE A CE2 1 
ATOM   733  C CZ  . PHE A 1 99  ? 9.846   10.986  -13.673 1.00 12.25 ? 100 PHE A CZ  1 
ATOM   734  N N   . ASP A 1 100 ? 6.524   7.238   -10.740 1.00 9.41  ? 101 ASP A N   1 
ATOM   735  C CA  . ASP A 1 100 ? 5.775   6.474   -11.745 1.00 10.26 ? 101 ASP A CA  1 
ATOM   736  C C   . ASP A 1 100 ? 4.264   6.438   -11.557 1.00 11.50 ? 101 ASP A C   1 
ATOM   737  O O   . ASP A 1 100 ? 3.514   6.443   -12.532 1.00 12.91 ? 101 ASP A O   1 
ATOM   738  C CB  . ASP A 1 100 ? 6.266   5.026   -11.803 1.00 10.82 ? 101 ASP A CB  1 
ATOM   739  C CG  . ASP A 1 100 ? 7.583   4.877   -12.534 1.00 11.97 ? 101 ASP A CG  1 
ATOM   740  O OD1 . ASP A 1 100 ? 8.114   5.887   -13.056 1.00 12.42 ? 101 ASP A OD1 1 
ATOM   741  O OD2 . ASP A 1 100 ? 8.088   3.734   -12.593 1.00 15.66 ? 101 ASP A OD2 1 
ATOM   742  N N   . GLY A 1 101 ? 3.809   6.374   -10.313 1.00 9.32  ? 102 GLY A N   1 
ATOM   743  C CA  . GLY A 1 101 ? 2.377   6.306   -10.091 1.00 10.22 ? 102 GLY A CA  1 
ATOM   744  C C   . GLY A 1 101 ? 1.992   6.264   -8.630  1.00 7.75  ? 102 GLY A C   1 
ATOM   745  O O   . GLY A 1 101 ? 2.281   7.196   -7.884  1.00 10.44 ? 102 GLY A O   1 
ATOM   746  N N   . ASP A 1 102 ? 1.340   5.182   -8.217  1.00 8.69  ? 103 ASP A N   1 
ATOM   747  C CA  . ASP A 1 102 ? 0.904   5.056   -6.832  1.00 9.06  ? 103 ASP A CA  1 
ATOM   748  C C   . ASP A 1 102 ? 0.788   3.615   -6.382  1.00 8.56  ? 103 ASP A C   1 
ATOM   749  O O   . ASP A 1 102 ? 0.616   2.701   -7.189  1.00 8.00  ? 103 ASP A O   1 
ATOM   750  C CB  . ASP A 1 102 ? -0.491  5.668   -6.632  1.00 9.41  ? 103 ASP A CB  1 
ATOM   751  C CG  . ASP A 1 102 ? -0.643  7.030   -7.265  1.00 9.82  ? 103 ASP A CG  1 
ATOM   752  O OD1 . ASP A 1 102 ? -0.442  8.039   -6.559  1.00 12.58 ? 103 ASP A OD1 1 
ATOM   753  O OD2 . ASP A 1 102 ? -0.970  7.089   -8.468  1.00 11.61 ? 103 ASP A OD2 1 
ATOM   754  N N   . HIS A 1 103 ? 0.877   3.441   -5.069  1.00 8.02  ? 104 HIS A N   1 
ATOM   755  C CA  . HIS A 1 103 ? 0.680   2.152   -4.429  1.00 8.59  ? 104 HIS A CA  1 
ATOM   756  C C   . HIS A 1 103 ? -0.362  2.416   -3.351  1.00 7.86  ? 104 HIS A C   1 
ATOM   757  O O   . HIS A 1 103 ? -0.454  3.523   -2.821  1.00 6.53  ? 104 HIS A O   1 
ATOM   758  C CB  . HIS A 1 103 ? 1.968   1.615   -3.803  1.00 8.97  ? 104 HIS A CB  1 
ATOM   759  C CG  . HIS A 1 103 ? 2.843   0.881   -4.771  1.00 8.36  ? 104 HIS A CG  1 
ATOM   760  N ND1 . HIS A 1 103 ? 2.997   -0.490  -4.755  1.00 12.28 ? 104 HIS A ND1 1 
ATOM   761  C CD2 . HIS A 1 103 ? 3.626   1.335   -5.775  1.00 7.35  ? 104 HIS A CD2 1 
ATOM   762  C CE1 . HIS A 1 103 ? 3.844   -0.846  -5.707  1.00 10.03 ? 104 HIS A CE1 1 
ATOM   763  N NE2 . HIS A 1 103 ? 4.239   0.243   -6.340  1.00 11.96 ? 104 HIS A NE2 1 
ATOM   764  N N   . LEU A 1 104 ? -1.162  1.404   -3.046  1.00 6.74  ? 105 LEU A N   1 
ATOM   765  C CA  . LEU A 1 104 ? -2.212  1.522   -2.043  1.00 8.34  ? 105 LEU A CA  1 
ATOM   766  C C   . LEU A 1 104 ? -2.133  0.353   -1.085  1.00 8.65  ? 105 LEU A C   1 
ATOM   767  O O   . LEU A 1 104 ? -1.971  -0.784  -1.515  1.00 7.25  ? 105 LEU A O   1 
ATOM   768  C CB  . LEU A 1 104 ? -3.594  1.492   -2.720  1.00 9.79  ? 105 LEU A CB  1 
ATOM   769  C CG  . LEU A 1 104 ? -4.779  1.165   -1.797  1.00 11.68 ? 105 LEU A CG  1 
ATOM   770  C CD1 . LEU A 1 104 ? -5.093  2.380   -0.954  1.00 11.62 ? 105 LEU A CD1 1 
ATOM   771  C CD2 . LEU A 1 104 ? -5.998  0.754   -2.604  1.00 10.51 ? 105 LEU A CD2 1 
ATOM   772  N N   . LEU A 1 105 ? -2.226  0.627   0.209   1.00 7.35  ? 106 LEU A N   1 
ATOM   773  C CA  . LEU A 1 105 ? -2.251  -0.453  1.174   1.00 7.11  ? 106 LEU A CA  1 
ATOM   774  C C   . LEU A 1 105 ? -3.555  -0.361  1.956   1.00 7.97  ? 106 LEU A C   1 
ATOM   775  O O   . LEU A 1 105 ? -4.065  0.728   2.222   1.00 7.61  ? 106 LEU A O   1 
ATOM   776  C CB  . LEU A 1 105 ? -1.057  -0.380  2.139   1.00 9.31  ? 106 LEU A CB  1 
ATOM   777  C CG  . LEU A 1 105 ? 0.325   -0.630  1.526   1.00 6.85  ? 106 LEU A CG  1 
ATOM   778  C CD1 . LEU A 1 105 ? 0.981   0.704   1.211   1.00 8.79  ? 106 LEU A CD1 1 
ATOM   779  C CD2 . LEU A 1 105 ? 1.198   -1.437  2.486   1.00 10.28 ? 106 LEU A CD2 1 
ATOM   780  N N   . VAL A 1 106 ? -4.110  -1.521  2.275   1.00 8.15  ? 107 VAL A N   1 
ATOM   781  C CA  . VAL A 1 106 ? -5.323  -1.611  3.067   1.00 9.63  ? 107 VAL A CA  1 
ATOM   782  C C   . VAL A 1 106 ? -5.025  -2.723  4.055   1.00 9.29  ? 107 VAL A C   1 
ATOM   783  O O   . VAL A 1 106 ? -4.120  -3.528  3.826   1.00 9.69  ? 107 VAL A O   1 
ATOM   784  C CB  . VAL A 1 106 ? -6.572  -2.001  2.225   1.00 9.81  ? 107 VAL A CB  1 
ATOM   785  C CG1 . VAL A 1 106 ? -6.882  -0.897  1.214   1.00 10.85 ? 107 VAL A CG1 1 
ATOM   786  C CG2 . VAL A 1 106 ? -6.348  -3.330  1.526   1.00 11.25 ? 107 VAL A CG2 1 
ATOM   787  N N   . ARG A 1 107 ? -5.761  -2.765  5.159   1.00 11.47 ? 108 ARG A N   1 
ATOM   788  C CA  . ARG A 1 107 ? -5.536  -3.821  6.131   1.00 11.49 ? 108 ARG A CA  1 
ATOM   789  C C   . ARG A 1 107 ? -5.868  -5.137  5.452   1.00 12.07 ? 108 ARG A C   1 
ATOM   790  O O   . ARG A 1 107 ? -6.821  -5.225  4.667   1.00 11.99 ? 108 ARG A O   1 
ATOM   791  C CB  . ARG A 1 107 ? -6.406  -3.601  7.370   1.00 13.81 ? 108 ARG A CB  1 
ATOM   792  C CG  . ARG A 1 107 ? -6.009  -2.361  8.145   1.00 15.31 ? 108 ARG A CG  1 
ATOM   793  C CD  . ARG A 1 107 ? -6.835  -2.167  9.407   1.00 18.80 ? 108 ARG A CD  1 
ATOM   794  N NE  . ARG A 1 107 ? -6.409  -0.984  10.155  1.00 21.76 ? 108 ARG A NE  1 
ATOM   795  C CZ  . ARG A 1 107 ? -5.233  -0.865  10.767  1.00 23.26 ? 108 ARG A CZ  1 
ATOM   796  N NH1 . ARG A 1 107 ? -4.356  -1.859  10.727  1.00 23.00 ? 108 ARG A NH1 1 
ATOM   797  N NH2 . ARG A 1 107 ? -4.929  0.253   11.413  1.00 24.14 ? 108 ARG A NH2 1 
ATOM   798  N N   . SER A 1 108 ? -5.077  -6.161  5.742   1.00 11.04 ? 109 SER A N   1 
ATOM   799  C CA  . SER A 1 108 ? -5.289  -7.460  5.134   1.00 12.91 ? 109 SER A CA  1 
ATOM   800  C C   . SER A 1 108 ? -6.662  -8.045  5.398   1.00 12.91 ? 109 SER A C   1 
ATOM   801  O O   . SER A 1 108 ? -7.195  -8.766  4.564   1.00 13.61 ? 109 SER A O   1 
ATOM   802  C CB  . SER A 1 108 ? -4.204  -8.429  5.591   1.00 13.59 ? 109 SER A CB  1 
ATOM   803  O OG  . SER A 1 108 ? -2.933  -7.943  5.185   1.00 15.49 ? 109 SER A OG  1 
ATOM   804  N N   . ASN A 1 109 ? -7.240  -7.737  6.549   1.00 13.93 ? 110 ASN A N   1 
ATOM   805  C CA  . ASN A 1 109 ? -8.563  -8.253  6.864   1.00 16.44 ? 110 ASN A CA  1 
ATOM   806  C C   . ASN A 1 109 ? -9.636  -7.584  6.005   1.00 16.68 ? 110 ASN A C   1 
ATOM   807  O O   . ASN A 1 109 ? -10.778 -8.047  5.964   1.00 18.47 ? 110 ASN A O   1 
ATOM   808  C CB  . ASN A 1 109 ? -8.882  -8.063  8.357   1.00 19.49 ? 110 ASN A CB  1 
ATOM   809  C CG  . ASN A 1 109 ? -8.778  -6.621  8.804   1.00 25.53 ? 110 ASN A CG  1 
ATOM   810  O OD1 . ASN A 1 109 ? -8.732  -5.710  7.985   1.00 28.50 ? 110 ASN A OD1 1 
ATOM   811  N ND2 . ASN A 1 109 ? -8.760  -6.407  10.113  1.00 28.10 ? 110 ASN A ND2 1 
ATOM   812  N N   . ASP A 1 110 ? -9.265  -6.505  5.313   1.00 13.51 ? 111 ASP A N   1 
ATOM   813  C CA  . ASP A 1 110 ? -10.190 -5.786  4.432   1.00 12.86 ? 111 ASP A CA  1 
ATOM   814  C C   . ASP A 1 110 ? -9.983  -6.151  2.963   1.00 12.10 ? 111 ASP A C   1 
ATOM   815  O O   . ASP A 1 110 ? -10.620 -5.577  2.079   1.00 11.29 ? 111 ASP A O   1 
ATOM   816  C CB  . ASP A 1 110 ? -10.019 -4.263  4.572   1.00 12.79 ? 111 ASP A CB  1 
ATOM   817  C CG  . ASP A 1 110 ? -10.525 -3.729  5.893   1.00 13.28 ? 111 ASP A CG  1 
ATOM   818  O OD1 . ASP A 1 110 ? -11.582 -4.209  6.357   1.00 16.61 ? 111 ASP A OD1 1 
ATOM   819  O OD2 . ASP A 1 110 ? -9.880  -2.813  6.456   1.00 15.43 ? 111 ASP A OD2 1 
ATOM   820  N N   . LEU A 1 111 ? -9.108  -7.117  2.707   1.00 12.96 ? 112 LEU A N   1 
ATOM   821  C CA  . LEU A 1 111 ? -8.789  -7.520  1.343   1.00 12.29 ? 112 LEU A CA  1 
ATOM   822  C C   . LEU A 1 111 ? -9.981  -7.971  0.499   1.00 11.83 ? 112 LEU A C   1 
ATOM   823  O O   . LEU A 1 111 ? -10.143 -7.530  -0.645  1.00 11.81 ? 112 LEU A O   1 
ATOM   824  C CB  . LEU A 1 111 ? -7.710  -8.610  1.367   1.00 15.62 ? 112 LEU A CB  1 
ATOM   825  C CG  . LEU A 1 111 ? -6.904  -8.846  0.086   1.00 18.24 ? 112 LEU A CG  1 
ATOM   826  C CD1 . LEU A 1 111 ? -6.453  -7.512  -0.499  1.00 17.15 ? 112 LEU A CD1 1 
ATOM   827  C CD2 . LEU A 1 111 ? -5.699  -9.730  0.402   1.00 18.18 ? 112 LEU A CD2 1 
ATOM   828  N N   . GLU A 1 112 ? -10.818 -8.840  1.054   1.00 13.16 ? 113 GLU A N   1 
ATOM   829  C CA  . GLU A 1 112 ? -11.978 -9.344  0.326   1.00 12.74 ? 113 GLU A CA  1 
ATOM   830  C C   . GLU A 1 112 ? -13.000 -8.249  0.030   1.00 11.66 ? 113 GLU A C   1 
ATOM   831  O O   . GLU A 1 112 ? -13.526 -8.165  -1.079  1.00 11.14 ? 113 GLU A O   1 
ATOM   832  C CB  . GLU A 1 112 ? -12.635 -10.485 1.110   1.00 15.04 ? 113 GLU A CB  1 
ATOM   833  C CG  . GLU A 1 112 ? -11.706 -11.675 1.343   1.00 20.79 ? 113 GLU A CG  1 
ATOM   834  C CD  . GLU A 1 112 ? -11.352 -12.421 0.063   1.00 21.66 ? 113 GLU A CD  1 
ATOM   835  O OE1 . GLU A 1 112 ? -11.628 -11.898 -1.039  1.00 25.41 ? 113 GLU A OE1 1 
ATOM   836  O OE2 . GLU A 1 112 ? -10.788 -13.537 0.157   1.00 15.32 ? 113 GLU A OE2 1 
ATOM   837  N N   . LYS A 1 113 ? -13.277 -7.404  1.018   1.00 9.90  ? 114 LYS A N   1 
ATOM   838  C CA  . LYS A 1 113 ? -14.225 -6.312  0.816   1.00 9.55  ? 114 LYS A CA  1 
ATOM   839  C C   . LYS A 1 113 ? -13.654 -5.297  -0.171  1.00 8.63  ? 114 LYS A C   1 
ATOM   840  O O   . LYS A 1 113 ? -14.373 -4.768  -1.015  1.00 8.62  ? 114 LYS A O   1 
ATOM   841  C CB  . LYS A 1 113 ? -14.546 -5.634  2.151   1.00 11.80 ? 114 LYS A CB  1 
ATOM   842  C CG  . LYS A 1 113 ? -15.284 -6.545  3.119   1.00 15.20 ? 114 LYS A CG  1 
ATOM   843  C CD  . LYS A 1 113 ? -15.590 -5.882  4.460   1.00 18.08 ? 114 LYS A CD  1 
ATOM   844  C CE  . LYS A 1 113 ? -14.339 -5.667  5.299   1.00 20.35 ? 114 LYS A CE  1 
ATOM   845  N NZ  . LYS A 1 113 ? -14.689 -5.274  6.696   1.00 24.78 ? 114 LYS A NZ  1 
ATOM   846  N N   . THR A 1 114 ? -12.351 -5.050  -0.078  1.00 9.28  ? 115 THR A N   1 
ATOM   847  C CA  . THR A 1 114 ? -11.704 -4.101  -0.971  1.00 8.96  ? 115 THR A CA  1 
ATOM   848  C C   . THR A 1 114 ? -11.837 -4.557  -2.419  1.00 8.47  ? 115 THR A C   1 
ATOM   849  O O   . THR A 1 114 ? -12.175 -3.767  -3.305  1.00 7.68  ? 115 THR A O   1 
ATOM   850  C CB  . THR A 1 114 ? -10.214 -3.945  -0.607  1.00 10.08 ? 115 THR A CB  1 
ATOM   851  O OG1 . THR A 1 114 ? -10.108 -3.290  0.661   1.00 11.17 ? 115 THR A OG1 1 
ATOM   852  C CG2 . THR A 1 114 ? -9.473  -3.140  -1.672  1.00 8.68  ? 115 THR A CG2 1 
ATOM   853  N N   . ALA A 1 115 ? -11.584 -5.838  -2.660  1.00 7.80  ? 116 ALA A N   1 
ATOM   854  C CA  . ALA A 1 115 ? -11.695 -6.368  -4.013  1.00 8.72  ? 116 ALA A CA  1 
ATOM   855  C C   . ALA A 1 115 ? -13.120 -6.261  -4.555  1.00 9.07  ? 116 ALA A C   1 
ATOM   856  O O   . ALA A 1 115 ? -13.314 -5.899  -5.718  1.00 8.82  ? 116 ALA A O   1 
ATOM   857  C CB  . ALA A 1 115 ? -11.220 -7.809  -4.054  1.00 10.55 ? 116 ALA A CB  1 
ATOM   858  N N   . ASP A 1 116 ? -14.121 -6.554  -3.719  1.00 7.46  ? 117 ASP A N   1 
ATOM   859  C CA  . ASP A 1 116 ? -15.512 -6.467  -4.165  1.00 6.42  ? 117 ASP A CA  1 
ATOM   860  C C   . ASP A 1 116 ? -15.876 -5.027  -4.511  1.00 6.36  ? 117 ASP A C   1 
ATOM   861  O O   . ASP A 1 116 ? -16.490 -4.767  -5.543  1.00 8.51  ? 117 ASP A O   1 
ATOM   862  C CB  . ASP A 1 116 ? -16.486 -6.972  -3.092  1.00 7.91  ? 117 ASP A CB  1 
ATOM   863  C CG  . ASP A 1 116 ? -16.446 -8.476  -2.920  1.00 12.32 ? 117 ASP A CG  1 
ATOM   864  O OD1 . ASP A 1 116 ? -16.064 -9.182  -3.880  1.00 14.46 ? 117 ASP A OD1 1 
ATOM   865  O OD2 . ASP A 1 116 ? -16.819 -8.952  -1.828  1.00 12.27 ? 117 ASP A OD2 1 
ATOM   866  N N   . LEU A 1 117 ? -15.487 -4.096  -3.645  1.00 7.69  ? 118 LEU A N   1 
ATOM   867  C CA  . LEU A 1 117 ? -15.793 -2.689  -3.856  1.00 9.08  ? 118 LEU A CA  1 
ATOM   868  C C   . LEU A 1 117 ? -15.103 -2.105  -5.078  1.00 9.13  ? 118 LEU A C   1 
ATOM   869  O O   . LEU A 1 117 ? -15.712 -1.345  -5.825  1.00 8.69  ? 118 LEU A O   1 
ATOM   870  C CB  . LEU A 1 117 ? -15.420 -1.877  -2.616  1.00 9.34  ? 118 LEU A CB  1 
ATOM   871  C CG  . LEU A 1 117 ? -16.251 -2.175  -1.363  1.00 12.10 ? 118 LEU A CG  1 
ATOM   872  C CD1 . LEU A 1 117 ? -15.621 -1.482  -0.171  1.00 14.42 ? 118 LEU A CD1 1 
ATOM   873  C CD2 . LEU A 1 117 ? -17.691 -1.715  -1.557  1.00 19.15 ? 118 LEU A CD2 1 
ATOM   874  N N   . LEU A 1 118 ? -13.843 -2.462  -5.293  1.00 9.25  ? 119 LEU A N   1 
ATOM   875  C CA  . LEU A 1 118 ? -13.124 -1.932  -6.443  1.00 8.57  ? 119 LEU A CA  1 
ATOM   876  C C   . LEU A 1 118 ? -13.664 -2.494  -7.757  1.00 8.68  ? 119 LEU A C   1 
ATOM   877  O O   . LEU A 1 118 ? -13.758 -1.774  -8.750  1.00 8.63  ? 119 LEU A O   1 
ATOM   878  C CB  . LEU A 1 118 ? -11.626 -2.215  -6.315  1.00 9.15  ? 119 LEU A CB  1 
ATOM   879  C CG  . LEU A 1 118 ? -10.958 -1.449  -5.168  1.00 10.66 ? 119 LEU A CG  1 
ATOM   880  C CD1 . LEU A 1 118 ? -9.492  -1.833  -5.076  1.00 12.60 ? 119 LEU A CD1 1 
ATOM   881  C CD2 . LEU A 1 118 ? -11.105 0.050   -5.400  1.00 12.55 ? 119 LEU A CD2 1 
ATOM   882  N N   . ALA A 1 119 ? -14.024 -3.771  -7.769  1.00 7.88  ? 120 ALA A N   1 
ATOM   883  C CA  . ALA A 1 119 ? -14.568 -4.364  -8.988  1.00 8.85  ? 120 ALA A CA  1 
ATOM   884  C C   . ALA A 1 119 ? -15.903 -3.707  -9.332  1.00 10.83 ? 120 ALA A C   1 
ATOM   885  O O   . ALA A 1 119 ? -16.156 -3.355  -10.484 1.00 9.68  ? 120 ALA A O   1 
ATOM   886  C CB  . ALA A 1 119 ? -14.749 -5.863  -8.816  1.00 9.89  ? 120 ALA A CB  1 
ATOM   887  N N   . ASN A 1 120 ? -16.759 -3.528  -8.332  1.00 9.83  ? 121 ASN A N   1 
ATOM   888  C CA  . ASN A 1 120 ? -18.055 -2.904  -8.572  1.00 10.58 ? 121 ASN A CA  1 
ATOM   889  C C   . ASN A 1 120 ? -17.874 -1.485  -9.114  1.00 10.47 ? 121 ASN A C   1 
ATOM   890  O O   . ASN A 1 120 ? -18.692 -0.999  -9.898  1.00 11.26 ? 121 ASN A O   1 
ATOM   891  C CB  . ASN A 1 120 ? -18.886 -2.883  -7.282  1.00 12.86 ? 121 ASN A CB  1 
ATOM   892  C CG  . ASN A 1 120 ? -19.423 -4.266  -6.907  1.00 15.89 ? 121 ASN A CG  1 
ATOM   893  O OD1 . ASN A 1 120 ? -20.054 -4.439  -5.860  1.00 19.91 ? 121 ASN A OD1 1 
ATOM   894  N ND2 . ASN A 1 120 ? -19.182 -5.250  -7.766  1.00 17.89 ? 121 ASN A ND2 1 
ATOM   895  N N   . ALA A 1 121 ? -16.782 -0.838  -8.708  1.00 9.79  ? 122 ALA A N   1 
ATOM   896  C CA  . ALA A 1 121 ? -16.476 0.523   -9.148  1.00 10.27 ? 122 ALA A CA  1 
ATOM   897  C C   . ALA A 1 121 ? -15.888 0.558   -10.564 1.00 10.98 ? 122 ALA A C   1 
ATOM   898  O O   . ALA A 1 121 ? -15.597 1.628   -11.102 1.00 13.31 ? 122 ALA A O   1 
ATOM   899  C CB  . ALA A 1 121 ? -15.518 1.184   -8.155  1.00 10.19 ? 122 ALA A CB  1 
ATOM   900  N N   . GLY A 1 122 ? -15.708 -0.619  -11.157 1.00 11.17 ? 123 GLY A N   1 
ATOM   901  C CA  . GLY A 1 122 ? -15.195 -0.700  -12.513 1.00 10.45 ? 123 GLY A CA  1 
ATOM   902  C C   . GLY A 1 122 ? -13.709 -0.936  -12.684 1.00 9.97  ? 123 GLY A C   1 
ATOM   903  O O   . GLY A 1 122 ? -13.212 -0.975  -13.811 1.00 11.66 ? 123 GLY A O   1 
ATOM   904  N N   . HIS A 1 123 ? -12.984 -1.085  -11.582 1.00 7.29  ? 124 HIS A N   1 
ATOM   905  C CA  . HIS A 1 123 ? -11.551 -1.314  -11.671 1.00 9.45  ? 124 HIS A CA  1 
ATOM   906  C C   . HIS A 1 123 ? -11.226 -2.775  -11.930 1.00 11.86 ? 124 HIS A C   1 
ATOM   907  O O   . HIS A 1 123 ? -12.030 -3.661  -11.639 1.00 12.48 ? 124 HIS A O   1 
ATOM   908  C CB  . HIS A 1 123 ? -10.869 -0.842  -10.393 1.00 8.15  ? 124 HIS A CB  1 
ATOM   909  C CG  . HIS A 1 123 ? -11.098 0.606   -10.095 1.00 9.94  ? 124 HIS A CG  1 
ATOM   910  N ND1 . HIS A 1 123 ? -10.680 1.614   -10.937 1.00 10.97 ? 124 HIS A ND1 1 
ATOM   911  C CD2 . HIS A 1 123 ? -11.720 1.213   -9.058  1.00 11.30 ? 124 HIS A CD2 1 
ATOM   912  C CE1 . HIS A 1 123 ? -11.035 2.781   -10.430 1.00 11.51 ? 124 HIS A CE1 1 
ATOM   913  N NE2 . HIS A 1 123 ? -11.669 2.565   -9.291  1.00 10.97 ? 124 HIS A NE2 1 
ATOM   914  N N   . SER A 1 124 ? -10.047 -3.010  -12.495 1.00 14.10 ? 125 SER A N   1 
ATOM   915  C CA  . SER A 1 124 ? -9.584  -4.357  -12.801 1.00 16.72 ? 125 SER A CA  1 
ATOM   916  C C   . SER A 1 124 ? -8.568  -4.758  -11.741 1.00 16.76 ? 125 SER A C   1 
ATOM   917  O O   . SER A 1 124 ? -7.728  -3.952  -11.347 1.00 19.36 ? 125 SER A O   1 
ATOM   918  C CB  . SER A 1 124 ? -8.930  -4.389  -14.185 1.00 18.00 ? 125 SER A CB  1 
ATOM   919  O OG  . SER A 1 124 ? -8.456  -5.688  -14.491 1.00 24.90 ? 125 SER A OG  1 
ATOM   920  N N   . LEU A 1 125 ? -8.637  -5.996  -11.277 1.00 15.57 ? 126 LEU A N   1 
ATOM   921  C CA  . LEU A 1 125 ? -7.700  -6.437  -10.260 1.00 16.06 ? 126 LEU A CA  1 
ATOM   922  C C   . LEU A 1 125 ? -6.934  -7.691  -10.649 1.00 14.84 ? 126 LEU A C   1 
ATOM   923  O O   . LEU A 1 125 ? -7.523  -8.698  -11.040 1.00 17.07 ? 126 LEU A O   1 
ATOM   924  C CB  . LEU A 1 125 ? -8.429  -6.684  -8.937  1.00 18.47 ? 126 LEU A CB  1 
ATOM   925  C CG  . LEU A 1 125 ? -9.275  -5.533  -8.389  1.00 18.85 ? 126 LEU A CG  1 
ATOM   926  C CD1 . LEU A 1 125 ? -9.842  -5.940  -7.040  1.00 20.97 ? 126 LEU A CD1 1 
ATOM   927  C CD2 . LEU A 1 125 ? -8.436  -4.271  -8.260  1.00 21.51 ? 126 LEU A CD2 1 
ATOM   928  N N   . LEU A 1 126 ? -5.612  -7.614  -10.559 1.00 13.36 ? 127 LEU A N   1 
ATOM   929  C CA  . LEU A 1 126 ? -4.759  -8.760  -10.844 1.00 13.41 ? 127 LEU A CA  1 
ATOM   930  C C   . LEU A 1 126 ? -4.418  -9.282  -9.454  1.00 13.43 ? 127 LEU A C   1 
ATOM   931  O O   . LEU A 1 126 ? -3.622  -8.676  -8.733  1.00 14.46 ? 127 LEU A O   1 
ATOM   932  C CB  . LEU A 1 126 ? -3.493  -8.327  -11.588 1.00 16.45 ? 127 LEU A CB  1 
ATOM   933  C CG  . LEU A 1 126 ? -3.657  -7.747  -12.999 1.00 21.57 ? 127 LEU A CG  1 
ATOM   934  C CD1 . LEU A 1 126 ? -2.284  -7.640  -13.642 1.00 23.86 ? 127 LEU A CD1 1 
ATOM   935  C CD2 . LEU A 1 126 ? -4.558  -8.637  -13.848 1.00 23.43 ? 127 LEU A CD2 1 
ATOM   936  N N   . LEU A 1 127 ? -5.029  -10.401 -9.074  1.00 14.06 ? 128 LEU A N   1 
ATOM   937  C CA  . LEU A 1 127 ? -4.826  -10.949 -7.737  1.00 13.21 ? 128 LEU A CA  1 
ATOM   938  C C   . LEU A 1 127 ? -3.890  -12.156 -7.644  1.00 15.60 ? 128 LEU A C   1 
ATOM   939  O O   . LEU A 1 127 ? -3.995  -12.954 -6.706  1.00 16.38 ? 128 LEU A O   1 
ATOM   940  C CB  . LEU A 1 127 ? -6.193  -11.294 -7.134  1.00 12.76 ? 128 LEU A CB  1 
ATOM   941  C CG  . LEU A 1 127 ? -7.236  -10.166 -7.128  1.00 13.41 ? 128 LEU A CG  1 
ATOM   942  C CD1 . LEU A 1 127 ? -8.559  -10.701 -6.609  1.00 15.61 ? 128 LEU A CD1 1 
ATOM   943  C CD2 . LEU A 1 127 ? -6.757  -9.015  -6.262  1.00 14.41 ? 128 LEU A CD2 1 
ATOM   944  N N   . GLU A 1 128 ? -2.970  -12.279 -8.595  1.00 17.06 ? 129 GLU A N   1 
ATOM   945  C CA  . GLU A 1 128 ? -2.025  -13.388 -8.596  1.00 19.82 ? 129 GLU A CA  1 
ATOM   946  C C   . GLU A 1 128 ? -0.722  -13.023 -7.898  1.00 21.81 ? 129 GLU A C   1 
ATOM   947  O O   . GLU A 1 128 ? -0.154  -11.954 -8.113  1.00 21.11 ? 129 GLU A O   1 
ATOM   948  C CB  . GLU A 1 128 ? -1.695  -13.821 -10.028 1.00 20.58 ? 129 GLU A CB  1 
ATOM   949  C CG  . GLU A 1 128 ? -2.895  -14.149 -10.908 1.00 22.88 ? 129 GLU A CG  1 
ATOM   950  C CD  . GLU A 1 128 ? -2.488  -14.780 -12.234 1.00 26.72 ? 129 GLU A CD  1 
ATOM   951  O OE1 . GLU A 1 128 ? -1.543  -14.269 -12.876 1.00 26.47 ? 129 GLU A OE1 1 
ATOM   952  O OE2 . GLU A 1 128 ? -3.116  -15.785 -12.635 1.00 29.78 ? 129 GLU A OE2 1 
ATOM   953  N N   . HIS A 1 129 ? -0.246  -13.923 -7.057  1.00 24.30 ? 130 HIS A N   1 
ATOM   954  C CA  . HIS A 1 129 ? 1.014   -13.710 -6.362  1.00 28.60 ? 130 HIS A CA  1 
ATOM   955  C C   . HIS A 1 129 ? 1.463   -15.037 -5.721  1.00 30.35 ? 130 HIS A C   1 
ATOM   956  O O   . HIS A 1 129 ? 0.638   -15.912 -5.432  1.00 32.25 ? 130 HIS A O   1 
ATOM   957  C CB  . HIS A 1 129 ? 0.911   -12.556 -5.333  1.00 30.59 ? 130 HIS A CB  1 
ATOM   958  C CG  . HIS A 1 129 ? -0.028  -12.816 -4.189  1.00 31.83 ? 130 HIS A CG  1 
ATOM   959  N ND1 . HIS A 1 129 ? -1.399  -12.779 -4.326  1.00 33.53 ? 130 HIS A ND1 1 
ATOM   960  C CD2 . HIS A 1 129 ? 0.208   -13.139 -2.892  1.00 32.69 ? 130 HIS A CD2 1 
ATOM   961  C CE1 . HIS A 1 129 ? -1.968  -13.073 -3.168  1.00 33.81 ? 130 HIS A CE1 1 
ATOM   962  N NE2 . HIS A 1 129 ? -1.015  -13.296 -2.282  1.00 34.29 ? 130 HIS A NE2 1 
ATOM   963  N N   . HIS A 1 130 ? 2.786   -15.189 -5.583  1.00 31.00 ? 131 HIS A N   1 
ATOM   964  C CA  . HIS A 1 130 ? 3.437   -16.393 -5.043  1.00 33.16 ? 131 HIS A CA  1 
ATOM   965  C C   . HIS A 1 130 ? 3.530   -16.330 -3.524  1.00 34.14 ? 131 HIS A C   1 
ATOM   966  O O   . HIS A 1 130 ? 4.576   -16.030 -2.968  1.00 34.83 ? 131 HIS A O   1 
ATOM   967  C CB  . HIS A 1 130 ? 4.820   -16.554 -5.686  1.00 32.49 ? 131 HIS A CB  1 
ATOM   968  C CG  . HIS A 1 130 ? 4.759   -16.634 -7.178  1.00 33.81 ? 131 HIS A CG  1 
ATOM   969  N ND1 . HIS A 1 130 ? 4.361   -17.771 -7.848  1.00 32.75 ? 131 HIS A ND1 1 
ATOM   970  C CD2 . HIS A 1 130 ? 4.911   -15.676 -8.121  1.00 34.06 ? 131 HIS A CD2 1 
ATOM   971  C CE1 . HIS A 1 130 ? 4.263   -17.508 -9.138  1.00 34.40 ? 131 HIS A CE1 1 
ATOM   972  N NE2 . HIS A 1 130 ? 4.589   -16.243 -9.330  1.00 34.41 ? 131 HIS A NE2 1 
ATOM   973  N N   . HIS A 1 131 ? 2.403   -16.606 -2.872  1.00 31.00 ? 132 HIS A N   1 
ATOM   974  C CA  . HIS A 1 131 ? 2.264   -16.583 -1.419  1.00 33.16 ? 132 HIS A CA  1 
ATOM   975  C C   . HIS A 1 131 ? 2.843   -17.805 -0.705  1.00 34.14 ? 132 HIS A C   1 
ATOM   976  O O   . HIS A 1 131 ? 3.643   -17.657 0.218   1.00 34.83 ? 132 HIS A O   1 
ATOM   977  C CB  . HIS A 1 131 ? 0.784   -16.440 -1.071  1.00 32.49 ? 132 HIS A CB  1 
ATOM   978  C CG  . HIS A 1 131 ? 0.522   -16.365 0.394   1.00 33.81 ? 132 HIS A CG  1 
ATOM   979  N ND1 . HIS A 1 131 ? 0.712   -15.211 1.120   1.00 32.75 ? 132 HIS A ND1 1 
ATOM   980  C CD2 . HIS A 1 131 ? 0.154   -17.317 1.283   1.00 34.06 ? 132 HIS A CD2 1 
ATOM   981  C CE1 . HIS A 1 131 ? 0.475   -15.454 2.396   1.00 34.40 ? 132 HIS A CE1 1 
ATOM   982  N NE2 . HIS A 1 131 ? 0.135   -16.725 2.521   1.00 34.41 ? 132 HIS A NE2 1 
ATOM   983  N N   . HIS A 1 132 ? 2.425   -18.999 -1.118  1.00 31.00 ? 133 HIS A N   1 
ATOM   984  C CA  . HIS A 1 132 ? 2.888   -20.228 -0.482  1.00 33.16 ? 133 HIS A CA  1 
ATOM   985  C C   . HIS A 1 132 ? 4.402   -20.237 -0.234  1.00 34.14 ? 133 HIS A C   1 
ATOM   986  O O   . HIS A 1 132 ? 5.188   -19.837 -1.091  1.00 34.83 ? 133 HIS A O   1 
ATOM   987  C CB  . HIS A 1 132 ? 2.470   -21.456 -1.314  1.00 32.49 ? 133 HIS A CB  1 
ATOM   988  C CG  . HIS A 1 132 ? 2.654   -22.767 -0.597  1.00 33.81 ? 133 HIS A CG  1 
ATOM   989  N ND1 . HIS A 1 132 ? 1.870   -23.162 0.468   1.00 32.75 ? 133 HIS A ND1 1 
ATOM   990  C CD2 . HIS A 1 132 ? 3.580   -23.744 -0.759  1.00 34.06 ? 133 HIS A CD2 1 
ATOM   991  C CE1 . HIS A 1 132 ? 2.308   -24.320 0.934   1.00 34.40 ? 133 HIS A CE1 1 
ATOM   992  N NE2 . HIS A 1 132 ? 3.344   -24.694 0.207   1.00 34.41 ? 133 HIS A NE2 1 
ATOM   993  N N   . HIS A 1 133 ? 4.795   -20.665 0.961   1.00 31.00 ? 134 HIS A N   1 
ATOM   994  C CA  . HIS A 1 133 ? 6.201   -20.727 1.335   1.00 33.16 ? 134 HIS A CA  1 
ATOM   995  C C   . HIS A 1 133 ? 6.933   -21.821 0.584   1.00 34.14 ? 134 HIS A C   1 
ATOM   996  O O   . HIS A 1 133 ? 6.356   -22.468 -0.287  1.00 34.83 ? 134 HIS A O   1 
ATOM   997  C CB  . HIS A 1 133 ? 6.337   -21.013 2.828   1.00 32.49 ? 134 HIS A CB  1 
ATOM   998  C CG  . HIS A 1 133 ? 5.781   -22.344 3.234   1.00 33.81 ? 134 HIS A CG  1 
ATOM   999  N ND1 . HIS A 1 133 ? 4.435   -22.557 3.433   1.00 32.75 ? 134 HIS A ND1 1 
ATOM   1000 C CD2 . HIS A 1 133 ? 6.384   -23.541 3.433   1.00 34.06 ? 134 HIS A CD2 1 
ATOM   1001 C CE1 . HIS A 1 133 ? 4.231   -23.826 3.741   1.00 34.40 ? 134 HIS A CE1 1 
ATOM   1002 N NE2 . HIS A 1 133 ? 5.397   -24.445 3.747   1.00 34.41 ? 134 HIS A NE2 1 
ATOM   1003 N N   . HIS A 1 134 ? 8.206   -22.011 0.937   1.00 31.00 ? 135 HIS A N   1 
ATOM   1004 C CA  . HIS A 1 134 ? 9.060   -23.028 0.320   1.00 33.16 ? 135 HIS A CA  1 
ATOM   1005 C C   . HIS A 1 134 ? 9.568   -24.053 1.337   1.00 34.14 ? 135 HIS A C   1 
ATOM   1006 O O   . HIS A 1 134 ? 9.024   -24.101 2.464   1.00 34.83 ? 135 HIS A O   1 
ATOM   1007 C CB  . HIS A 1 134 ? 10.275  -22.385 -0.365  1.00 32.49 ? 135 HIS A CB  1 
ATOM   1008 C CG  . HIS A 1 134 ? 9.931   -21.458 -1.495  1.00 33.81 ? 135 HIS A CG  1 
ATOM   1009 N ND1 . HIS A 1 134 ? 9.182   -21.852 -2.583  1.00 32.75 ? 135 HIS A ND1 1 
ATOM   1010 C CD2 . HIS A 1 134 ? 10.254  -20.160 -1.712  1.00 34.06 ? 135 HIS A CD2 1 
ATOM   1011 C CE1 . HIS A 1 134 ? 9.058   -20.837 -3.420  1.00 34.40 ? 135 HIS A CE1 1 
ATOM   1012 N NE2 . HIS A 1 134 ? 9.699   -19.799 -2.916  1.00 34.41 ? 135 HIS A NE2 1 
ATOM   1013 O OXT . HIS A 1 134 ? 10.511  -24.803 0.986   1.00 16.40 ? 135 HIS A OXT 1 
HETATM 1014 O O   . HOH B 2 .   ? 9.502   -4.496  1.964   1.00 8.91  ? 200 HOH A O   1 
HETATM 1015 O O   . HOH B 2 .   ? 6.819   8.255   -1.989  1.00 9.00  ? 201 HOH A O   1 
HETATM 1016 O O   . HOH B 2 .   ? 0.696   -7.284  -0.026  1.00 13.77 ? 202 HOH A O   1 
HETATM 1017 O O   . HOH B 2 .   ? -10.238 5.426   4.071   1.00 13.15 ? 204 HOH A O   1 
HETATM 1018 O O   . HOH B 2 .   ? -17.626 -7.690  0.532   1.00 12.73 ? 205 HOH A O   1 
HETATM 1019 O O   . HOH B 2 .   ? -7.955  -0.869  5.721   1.00 15.26 ? 206 HOH A O   1 
HETATM 1020 O O   . HOH B 2 .   ? 6.284   5.271   5.649   1.00 9.57  ? 207 HOH A O   1 
HETATM 1021 O O   . HOH B 2 .   ? -19.964 -2.386  -4.082  1.00 14.72 ? 208 HOH A O   1 
HETATM 1022 O O   . HOH B 2 .   ? -11.892 -2.707  -15.541 1.00 15.93 ? 209 HOH A O   1 
HETATM 1023 O O   . HOH B 2 .   ? -9.780  8.779   2.607   1.00 13.24 ? 210 HOH A O   1 
HETATM 1024 O O   . HOH B 2 .   ? 4.242   13.320  10.171  1.00 16.38 ? 211 HOH A O   1 
HETATM 1025 O O   . HOH B 2 .   ? 5.733   -2.866  -6.656  1.00 19.82 ? 212 HOH A O   1 
HETATM 1026 O O   . HOH B 2 .   ? -6.776  -11.880 -10.859 1.00 17.86 ? 213 HOH A O   1 
HETATM 1027 O O   . HOH B 2 .   ? 20.542  6.983   8.025   1.00 16.79 ? 214 HOH A O   1 
HETATM 1028 O O   . HOH B 2 .   ? -14.726 5.355   -8.596  1.00 18.45 ? 215 HOH A O   1 
HETATM 1029 O O   . HOH B 2 .   ? 19.457  0.851   1.464   1.00 15.50 ? 216 HOH A O   1 
HETATM 1030 O O   . HOH B 2 .   ? 2.290   2.878   -10.075 1.00 17.23 ? 217 HOH A O   1 
HETATM 1031 O O   . HOH B 2 .   ? -0.902  10.411  -7.473  1.00 17.44 ? 218 HOH A O   1 
HETATM 1032 O O   . HOH B 2 .   ? -18.194 -0.182  -5.170  1.00 15.04 ? 219 HOH A O   1 
HETATM 1033 O O   . HOH B 2 .   ? -1.361  -10.293 -0.538  1.00 28.18 ? 220 HOH A O   1 
HETATM 1034 O O   . HOH B 2 .   ? 3.018   13.670  12.651  1.00 17.13 ? 221 HOH A O   1 
HETATM 1035 O O   . HOH B 2 .   ? 6.062   -10.003 6.138   1.00 19.77 ? 222 HOH A O   1 
HETATM 1036 O O   . HOH B 2 .   ? 2.331   8.897   -13.257 1.00 19.03 ? 223 HOH A O   1 
HETATM 1037 O O   . HOH B 2 .   ? 18.081  3.697   13.506  1.00 22.21 ? 224 HOH A O   1 
HETATM 1038 O O   . HOH B 2 .   ? 3.985   3.123   -7.855  1.00 16.10 ? 225 HOH A O   1 
HETATM 1039 O O   . HOH B 2 .   ? 9.854   11.073  17.017  1.00 21.47 ? 226 HOH A O   1 
HETATM 1040 O O   . HOH B 2 .   ? -4.482  11.081  -9.036  1.00 17.09 ? 228 HOH A O   1 
HETATM 1041 O O   . HOH B 2 .   ? -7.148  6.012   5.816   1.00 16.96 ? 229 HOH A O   1 
HETATM 1042 O O   . HOH B 2 .   ? -1.082  -9.688  2.055   1.00 18.42 ? 230 HOH A O   1 
HETATM 1043 O O   . HOH B 2 .   ? -5.298  -7.154  8.871   1.00 21.56 ? 231 HOH A O   1 
HETATM 1044 O O   . HOH B 2 .   ? -15.889 -4.665  -12.653 1.00 20.25 ? 232 HOH A O   1 
HETATM 1045 O O   . HOH B 2 .   ? 4.319   -12.584 -6.342  1.00 21.69 ? 233 HOH A O   1 
HETATM 1046 O O   . HOH B 2 .   ? -0.464  -9.512  -8.853  1.00 17.15 ? 235 HOH A O   1 
HETATM 1047 O O   . HOH B 2 .   ? -10.940 -0.452  7.632   1.00 17.92 ? 236 HOH A O   1 
HETATM 1048 O O   . HOH B 2 .   ? 18.483  -4.202  11.555  1.00 27.00 ? 237 HOH A O   1 
HETATM 1049 O O   . HOH B 2 .   ? 6.047   -8.013  -1.688  1.00 17.23 ? 238 HOH A O   1 
HETATM 1050 O O   . HOH B 2 .   ? 15.605  -0.342  14.689  1.00 17.35 ? 239 HOH A O   1 
HETATM 1051 O O   . HOH B 2 .   ? 9.546   2.702   17.520  1.00 18.38 ? 240 HOH A O   1 
HETATM 1052 O O   . HOH B 2 .   ? -17.808 -7.143  -6.613  1.00 25.03 ? 241 HOH A O   1 
HETATM 1053 O O   . HOH B 2 .   ? -1.131  -9.218  6.565   1.00 25.62 ? 242 HOH A O   1 
HETATM 1054 O O   . HOH B 2 .   ? -14.046 -10.752 -2.268  1.00 15.88 ? 243 HOH A O   1 
HETATM 1055 O O   . HOH B 2 .   ? -13.402 -5.710  -12.888 1.00 17.82 ? 244 HOH A O   1 
HETATM 1056 O O   . HOH B 2 .   ? 10.503  1.539   20.803  1.00 17.11 ? 245 HOH A O   1 
HETATM 1057 O O   . HOH B 2 .   ? 20.310  -1.750  2.325   1.00 24.18 ? 246 HOH A O   1 
HETATM 1058 O O   . HOH B 2 .   ? 16.747  -3.153  -1.740  1.00 25.37 ? 247 HOH A O   1 
HETATM 1059 O O   . HOH B 2 .   ? -11.996 10.157  -10.453 1.00 20.24 ? 248 HOH A O   1 
HETATM 1060 O O   . HOH B 2 .   ? 5.405   -11.545 4.008   1.00 24.69 ? 249 HOH A O   1 
HETATM 1061 O O   . HOH B 2 .   ? 14.845  -8.532  1.603   1.00 28.99 ? 250 HOH A O   1 
HETATM 1062 O O   . HOH B 2 .   ? 7.584   -10.273 -1.031  1.00 24.84 ? 252 HOH A O   1 
HETATM 1063 O O   . HOH B 2 .   ? 7.434   -4.480  15.868  1.00 20.93 ? 253 HOH A O   1 
HETATM 1064 O O   . HOH B 2 .   ? -4.397  1.631   -14.513 1.00 29.80 ? 254 HOH A O   1 
HETATM 1065 O O   . HOH B 2 .   ? 4.304   17.457  12.020  1.00 34.99 ? 255 HOH A O   1 
HETATM 1066 O O   . HOH B 2 .   ? 19.388  2.267   4.071   1.00 28.24 ? 256 HOH A O   1 
HETATM 1067 O O   . HOH B 2 .   ? -16.306 10.514  -3.101  1.00 23.60 ? 257 HOH A O   1 
HETATM 1068 O O   . HOH B 2 .   ? 12.868  14.566  11.483  1.00 23.03 ? 258 HOH A O   1 
HETATM 1069 O O   . HOH B 2 .   ? 16.545  0.653   17.940  1.00 25.31 ? 259 HOH A O   1 
HETATM 1070 O O   . HOH B 2 .   ? -17.988 -6.398  -10.041 1.00 24.47 ? 260 HOH A O   1 
HETATM 1071 O O   . HOH B 2 .   ? 12.232  -9.300  3.647   1.00 26.34 ? 261 HOH A O   1 
HETATM 1072 O O   . HOH B 2 .   ? -16.341 4.236   -10.319 1.00 22.84 ? 262 HOH A O   1 
HETATM 1073 O O   . HOH B 2 .   ? -4.164  -4.456  10.103  1.00 32.30 ? 263 HOH A O   1 
HETATM 1074 O O   . HOH B 2 .   ? 4.320   -5.144  -8.081  1.00 19.82 ? 264 HOH A O   1 
HETATM 1075 O O   . HOH B 2 .   ? -18.687 1.991   -3.593  1.00 15.04 ? 266 HOH A O   1 
HETATM 1076 O O   . HOH B 2 .   ? -3.186  -11.222 -12.195 1.00 17.15 ? 267 HOH A O   1 
HETATM 1077 O O   . HOH B 2 .   ? 6.742   -7.142  -4.410  1.00 17.23 ? 268 HOH A O   1 
HETATM 1078 O O   . HOH B 2 .   ? 14.645  1.878   16.043  1.00 17.35 ? 269 HOH A O   1 
HETATM 1079 O O   . HOH B 2 .   ? -5.242  -5.364  -13.055 1.00 29.80 ? 270 HOH A O   1 
HETATM 1080 O O   . HOH B 2 .   ? 14.121  -9.233  13.149  1.00 25.31 ? 271 HOH A O   1 
# 
